data_8BVQ
#
_entry.id   8BVQ
#
_cell.length_a   1.00
_cell.length_b   1.00
_cell.length_c   1.00
_cell.angle_alpha   90.00
_cell.angle_beta   90.00
_cell.angle_gamma   90.00
#
_symmetry.space_group_name_H-M   'P 1'
#
loop_
_entity.id
_entity.type
_entity.pdbx_description
1 polymer 'Outer membrane protein assembly factor BamA'
2 polymer 'Outer membrane protein assembly factor BamB'
3 polymer 'Outer membrane protein assembly factor BamC'
4 polymer 'Outer membrane protein assembly factor BamD'
5 polymer 'Outer membrane protein assembly factor BamE'
6 polymer Darobactin-B
#
loop_
_entity_poly.entity_id
_entity_poly.type
_entity_poly.pdbx_seq_one_letter_code
_entity_poly.pdbx_strand_id
1 'polypeptide(L)'
;AEGFVVKDIHFEGLQRVAVGAALLSMPVRTGDTVNDEDISNTIRALFATGNFEDVRVLRDGDTLLVQVKERPTIASITFS
GNKSVKDDMLKQNLEASGVRVGESLDRTTIADIEKGLEDFYYSVGKYSASVKAVVTPLPRNRVDLKLVFQEGVSAEIQQI
NIVGNHAFTTDELISHFQLRDEVPWWNVVGDRKYQKQKLAGDLETLRSYYLDRGYARFNIDSTQVSLTPDKKGIYVTVNI
TEGDQYKLSGVEVSGNLAGHSAEIEQLTKIEPGELYNGTKVTKMEDDIKKLLGRYGYAYPRVQSMPEINDADKTVKLRVN
VDAGNRFYVRKIRFEGNDTSKDAVLRREMRQMEGAWLGSDLVDQGKERLNRLGFFETVDTDTQRVPGSPDQVDVVYKVKE
RNTGSFNFGIGYGTESGVSFQAGVQQDNWLGTGYAVGINGTKNDYQTYAELSVTNPYFTVDGVSLGGRLFYNDFQADDAD
LSDYTNKSYGTDVTLGFPINEYNSLRAGLGYVHNSLSNMQPQVAMWRYLYSMGEHPSTSDQDNSFKTDDFTFNYGWTYNK
LDRGYFPTDGSRVNLTGKVTIPGSDNEYYKVTLDTATYVPIDDDHKWVVLGRTRWGYGDGLGGKEMPFYENFYAGGSSTV
RGFQSNTIGPKAVYFPHQASNYDPDYDYECATQDGAKDLCKSDDAVGGNAMAVASLEFITPTPFISDKYANSVRTSFFWD
MGTVWDTNWDSSQYSGYPDYSDPSNIRMSAGIALQWMSPLGPLVFSYAQPFKKYDGDKAEQFQFNIGKTW
;
A
2 'polypeptide(L)'
;CSLFNSEEDVVKMSPLPTVENQFTPTTAWSTSVGSGIGNFYSNLHPALADNVVYAADRAGLVKALNADDGKEIWSVSLAE
KDGWFSKEPALLSGGVTVSGGHVYIGSEKAQVYALNTSDGTVAWQTKVAGEALSRPVVSDGLVLIHTSNGQLQALNEADG
AVKWTVNLDMPSLSLRGESAPTTAFGAAVVGGDNGRVSAVLMEQGQMIWQQRISQATGSTEIDRLSDVDTTPVVVNGVVF
ALAYNGNLTALDLRSGQIMWKRELGSVNDFIVDGNRIYLVDQNDRVMALTIDGGVTLWTQSDLLHRLLTSPVLYNGNLVV
GDSEGYLHWINVEDGRFVAQQKVDSSGFQTEPVAADGKLLIQAKDGTVYSITR
;
B
3 'polypeptide(L)'
;CSSDSRYKRQVSGDEAYLEAAPLAELHAPAGMILPVTSGDYAIPVTNGSGAVGKALDIRPPAQPLALVSGARTQFTGDTA
SLLVENGRGNTLWPQVVSVLQAKNYTITQRDDAGQTLTTDWVQWNRLDEDEQYRGRYQISVKPQGYQQAVTVKLLNLEQA
GKPVADAASMQRYSTEMMNVISAGLDKSATDAANAAQNRASTTMDVQSAADDTGLPMLVVRGPFNVVWQRLPAALEKVGM
KVTDSTRSQGNMAVTYKPLSDSDWQELGASDPGLASGDYKLQVGDLDNRSSLQFIDPKGHTLTQSQNDALVAVFQAAFSK
;
C
4 'polypeptide(L)'
;CSGSKEEVPDNPPNEIYATAQQKLQDGNWRQAITQLEALDNRYPFGPYSQQVQLDLIYAYYKNADLPLAQAAIDRFIRLN
PTHPNIDYVMYMRGLTNMALDDSALQGFFGVDRSDRDPQHARAAFSDFSKLVRGYPNSQYTTDATKRLVFLKDRLAKYEY
SVAEYYTERGAWVAVVNRVEGMLRDYPDTQATRDALPLMENAYRQMQMNAQAEKVAKIIAANSSNT
;
D
5 'polypeptide(L)'
;CSTLERVVYRPDINQGNYLTANDVSKIRVGMTQQQVAYALGTPLMSDPFGTNTWFYVFRQQPGHEGVTQQTLTLTFNSSG
VLTNIDNKPALSGNGGHHHHHHHH
;
E
6 'polypeptide(L)' WN(UX8)TKRF G
#
# COMPACT_ATOMS: atom_id res chain seq x y z
N PHE A 4 -49.67 -33.11 -29.73
CA PHE A 4 -49.39 -33.83 -30.97
C PHE A 4 -47.93 -34.23 -31.04
N VAL A 5 -47.64 -35.25 -31.86
CA VAL A 5 -46.27 -35.75 -31.98
C VAL A 5 -45.38 -34.70 -32.61
N VAL A 6 -44.10 -34.73 -32.27
CA VAL A 6 -43.11 -33.80 -32.79
C VAL A 6 -42.10 -34.60 -33.62
N LYS A 7 -41.65 -34.00 -34.73
CA LYS A 7 -40.69 -34.66 -35.60
C LYS A 7 -39.58 -33.73 -36.10
N ASP A 8 -39.53 -32.49 -35.66
CA ASP A 8 -38.49 -31.57 -36.10
C ASP A 8 -38.58 -30.28 -35.29
N ILE A 9 -37.43 -29.66 -35.06
CA ILE A 9 -37.33 -28.37 -34.38
C ILE A 9 -36.61 -27.41 -35.31
N HIS A 10 -37.21 -26.24 -35.51
CA HIS A 10 -36.69 -25.29 -36.50
C HIS A 10 -35.38 -24.65 -36.04
N PHE A 11 -35.30 -24.25 -34.77
CA PHE A 11 -34.16 -23.49 -34.27
C PHE A 11 -33.94 -22.21 -35.09
N GLU A 12 -35.04 -21.49 -35.31
CA GLU A 12 -34.95 -20.26 -36.09
C GLU A 12 -34.07 -19.24 -35.39
N GLY A 13 -33.21 -18.59 -36.18
CA GLY A 13 -32.33 -17.57 -35.63
C GLY A 13 -31.32 -18.11 -34.64
N LEU A 14 -30.68 -19.23 -34.96
CA LEU A 14 -29.68 -19.87 -34.11
C LEU A 14 -28.33 -19.80 -34.82
N GLN A 15 -27.60 -18.71 -34.59
CA GLN A 15 -26.28 -18.53 -35.17
C GLN A 15 -25.14 -18.85 -34.20
N ARG A 16 -25.37 -18.71 -32.90
CA ARG A 16 -24.34 -18.94 -31.90
C ARG A 16 -24.34 -20.40 -31.43
N VAL A 17 -25.47 -20.86 -30.90
CA VAL A 17 -25.58 -22.23 -30.39
C VAL A 17 -25.77 -23.18 -31.55
N ALA A 18 -24.98 -24.25 -31.58
CA ALA A 18 -25.10 -25.24 -32.64
C ALA A 18 -26.48 -25.90 -32.60
N VAL A 19 -26.96 -26.30 -33.78
CA VAL A 19 -28.29 -26.89 -33.87
C VAL A 19 -28.36 -28.16 -33.04
N GLY A 20 -27.32 -29.02 -33.14
CA GLY A 20 -27.31 -30.22 -32.35
C GLY A 20 -27.23 -29.95 -30.86
N ALA A 21 -26.42 -28.98 -30.46
CA ALA A 21 -26.32 -28.62 -29.05
C ALA A 21 -27.66 -28.13 -28.51
N ALA A 22 -28.34 -27.26 -29.26
CA ALA A 22 -29.65 -26.78 -28.84
C ALA A 22 -30.65 -27.93 -28.76
N LEU A 23 -30.62 -28.83 -29.74
CA LEU A 23 -31.56 -29.95 -29.76
C LEU A 23 -31.36 -30.85 -28.54
N LEU A 24 -30.10 -31.18 -28.23
CA LEU A 24 -29.83 -32.04 -27.09
C LEU A 24 -29.99 -31.31 -25.76
N SER A 25 -29.96 -29.98 -25.76
CA SER A 25 -30.17 -29.24 -24.52
C SER A 25 -31.57 -29.50 -23.96
N MET A 26 -32.58 -29.50 -24.82
CA MET A 26 -33.94 -29.74 -24.36
C MET A 26 -34.13 -31.21 -24.00
N PRO A 27 -35.01 -31.51 -23.02
CA PRO A 27 -35.27 -32.90 -22.63
C PRO A 27 -36.37 -33.56 -23.46
N VAL A 28 -36.22 -33.52 -24.78
CA VAL A 28 -37.21 -34.10 -25.69
C VAL A 28 -36.48 -34.64 -26.91
N ARG A 29 -36.96 -35.77 -27.42
CA ARG A 29 -36.40 -36.42 -28.60
C ARG A 29 -37.43 -36.45 -29.72
N THR A 30 -36.95 -36.42 -30.95
CA THR A 30 -37.83 -36.43 -32.11
C THR A 30 -38.63 -37.73 -32.15
N GLY A 31 -39.88 -37.62 -32.61
CA GLY A 31 -40.75 -38.77 -32.69
C GLY A 31 -41.50 -39.09 -31.41
N ASP A 32 -41.39 -38.26 -30.38
CA ASP A 32 -42.07 -38.48 -29.12
C ASP A 32 -43.29 -37.58 -29.01
N THR A 33 -44.33 -38.10 -28.35
CA THR A 33 -45.55 -37.33 -28.17
C THR A 33 -45.27 -36.07 -27.38
N VAL A 34 -45.79 -34.94 -27.86
CA VAL A 34 -45.57 -33.63 -27.26
C VAL A 34 -46.92 -32.99 -26.99
N ASN A 35 -47.11 -32.52 -25.76
CA ASN A 35 -48.32 -31.81 -25.35
C ASN A 35 -47.96 -30.38 -24.97
N ASP A 36 -48.97 -29.62 -24.53
CA ASP A 36 -48.72 -28.25 -24.11
C ASP A 36 -47.78 -28.21 -22.91
N GLU A 37 -47.97 -29.11 -21.95
CA GLU A 37 -47.08 -29.18 -20.80
C GLU A 37 -45.65 -29.50 -21.23
N ASP A 38 -45.50 -30.43 -22.18
CA ASP A 38 -44.17 -30.75 -22.69
C ASP A 38 -43.53 -29.55 -23.38
N ILE A 39 -44.33 -28.80 -24.15
CA ILE A 39 -43.81 -27.61 -24.82
C ILE A 39 -43.34 -26.58 -23.79
N SER A 40 -44.15 -26.37 -22.74
CA SER A 40 -43.76 -25.42 -21.71
C SER A 40 -42.50 -25.86 -20.99
N ASN A 41 -42.40 -27.17 -20.69
CA ASN A 41 -41.20 -27.68 -20.02
C ASN A 41 -39.97 -27.51 -20.90
N THR A 42 -40.09 -27.78 -22.19
CA THR A 42 -38.97 -27.59 -23.10
C THR A 42 -38.56 -26.13 -23.17
N ILE A 43 -39.54 -25.23 -23.25
CA ILE A 43 -39.22 -23.80 -23.28
C ILE A 43 -38.50 -23.38 -22.01
N ARG A 44 -38.99 -23.83 -20.85
CA ARG A 44 -38.34 -23.48 -19.60
C ARG A 44 -36.93 -24.03 -19.54
N ALA A 45 -36.72 -25.28 -19.98
CA ALA A 45 -35.38 -25.85 -19.96
C ALA A 45 -34.44 -25.08 -20.88
N LEU A 46 -34.90 -24.74 -22.08
CA LEU A 46 -34.06 -23.97 -23.00
C LEU A 46 -33.72 -22.61 -22.43
N PHE A 47 -34.70 -21.95 -21.80
CA PHE A 47 -34.43 -20.66 -21.18
C PHE A 47 -33.41 -20.80 -20.05
N ALA A 48 -33.49 -21.88 -19.28
CA ALA A 48 -32.58 -22.10 -18.16
C ALA A 48 -31.16 -22.42 -18.61
N THR A 49 -30.94 -22.73 -19.90
CA THR A 49 -29.60 -23.03 -20.37
C THR A 49 -28.67 -21.82 -20.28
N GLY A 50 -29.23 -20.63 -20.11
CA GLY A 50 -28.41 -19.42 -20.04
C GLY A 50 -27.71 -19.09 -21.35
N ASN A 51 -28.42 -19.24 -22.47
CA ASN A 51 -27.86 -18.94 -23.78
C ASN A 51 -28.78 -18.12 -24.67
N PHE A 52 -30.03 -17.90 -24.27
CA PHE A 52 -30.99 -17.14 -25.07
C PHE A 52 -31.78 -16.22 -24.15
N GLU A 53 -32.24 -15.09 -24.70
CA GLU A 53 -32.98 -14.12 -23.92
C GLU A 53 -34.49 -14.27 -24.04
N ASP A 54 -34.97 -14.93 -25.09
CA ASP A 54 -36.40 -15.13 -25.27
C ASP A 54 -36.62 -16.37 -26.11
N VAL A 55 -37.62 -17.17 -25.74
CA VAL A 55 -37.97 -18.39 -26.44
C VAL A 55 -39.45 -18.33 -26.80
N ARG A 56 -39.74 -18.43 -28.10
CA ARG A 56 -41.11 -18.43 -28.60
C ARG A 56 -41.25 -19.55 -29.61
N VAL A 57 -42.12 -20.53 -29.31
CA VAL A 57 -42.31 -21.70 -30.15
C VAL A 57 -43.64 -21.56 -30.87
N LEU A 58 -43.63 -21.82 -32.18
CA LEU A 58 -44.81 -21.76 -33.02
C LEU A 58 -45.06 -23.13 -33.64
N ARG A 59 -46.31 -23.56 -33.65
CA ARG A 59 -46.69 -24.86 -34.20
C ARG A 59 -46.96 -24.70 -35.69
N ASP A 60 -45.90 -24.78 -36.48
CA ASP A 60 -46.02 -24.68 -37.95
C ASP A 60 -46.28 -26.08 -38.50
N GLY A 61 -47.51 -26.33 -38.92
CA GLY A 61 -47.86 -27.65 -39.42
C GLY A 61 -47.64 -28.70 -38.35
N ASP A 62 -46.96 -29.79 -38.73
CA ASP A 62 -46.64 -30.87 -37.81
C ASP A 62 -45.28 -30.71 -37.15
N THR A 63 -44.55 -29.64 -37.46
CA THR A 63 -43.24 -29.38 -36.88
C THR A 63 -43.30 -28.11 -36.04
N LEU A 64 -42.61 -28.14 -34.90
CA LEU A 64 -42.61 -27.02 -33.97
C LEU A 64 -41.59 -25.99 -34.44
N LEU A 65 -42.06 -24.82 -34.85
CA LEU A 65 -41.18 -23.72 -35.24
C LEU A 65 -40.72 -23.03 -33.96
N VAL A 66 -39.52 -23.35 -33.51
CA VAL A 66 -38.99 -22.85 -32.24
C VAL A 66 -38.19 -21.59 -32.56
N GLN A 67 -38.86 -20.44 -32.47
CA GLN A 67 -38.21 -19.15 -32.66
C GLN A 67 -37.58 -18.72 -31.34
N VAL A 68 -36.25 -18.64 -31.32
CA VAL A 68 -35.50 -18.33 -30.10
C VAL A 68 -34.76 -17.02 -30.33
N LYS A 69 -34.95 -16.06 -29.42
CA LYS A 69 -34.17 -14.84 -29.42
C LYS A 69 -32.82 -15.14 -28.78
N GLU A 70 -31.77 -15.22 -29.59
CA GLU A 70 -30.47 -15.63 -29.09
C GLU A 70 -29.85 -14.52 -28.25
N ARG A 71 -28.94 -14.92 -27.38
CA ARG A 71 -28.24 -13.97 -26.52
C ARG A 71 -27.23 -13.19 -27.35
N PRO A 72 -27.33 -11.86 -27.44
CA PRO A 72 -26.40 -11.11 -28.29
C PRO A 72 -24.99 -11.15 -27.74
N THR A 73 -24.03 -11.14 -28.65
CA THR A 73 -22.62 -11.10 -28.29
C THR A 73 -22.18 -9.66 -28.05
N ILE A 74 -21.21 -9.49 -27.14
CA ILE A 74 -20.74 -8.17 -26.76
C ILE A 74 -19.85 -7.65 -27.89
N ALA A 75 -20.44 -6.80 -28.74
CA ALA A 75 -19.67 -6.22 -29.83
C ALA A 75 -18.55 -5.34 -29.30
N SER A 76 -18.85 -4.50 -28.31
CA SER A 76 -17.87 -3.61 -27.72
C SER A 76 -18.50 -2.91 -26.53
N ILE A 77 -17.66 -2.48 -25.59
CA ILE A 77 -18.09 -1.76 -24.40
C ILE A 77 -17.41 -0.41 -24.41
N THR A 78 -18.21 0.66 -24.33
CA THR A 78 -17.70 2.02 -24.42
C THR A 78 -17.95 2.73 -23.09
N PHE A 79 -16.91 3.36 -22.55
CA PHE A 79 -16.96 4.09 -21.30
C PHE A 79 -16.56 5.54 -21.54
N SER A 80 -17.31 6.47 -20.98
CA SER A 80 -17.02 7.90 -21.10
C SER A 80 -17.29 8.59 -19.78
N GLY A 81 -16.32 9.36 -19.31
CA GLY A 81 -16.47 10.14 -18.09
C GLY A 81 -15.80 9.57 -16.87
N ASN A 82 -15.06 8.46 -17.00
CA ASN A 82 -14.35 7.89 -15.86
C ASN A 82 -12.97 8.57 -15.73
N LYS A 83 -13.04 9.82 -15.26
CA LYS A 83 -11.83 10.63 -15.14
C LYS A 83 -10.99 10.25 -13.93
N SER A 84 -11.55 9.53 -12.96
CA SER A 84 -10.81 9.14 -11.76
C SER A 84 -10.35 7.69 -11.78
N VAL A 85 -11.01 6.83 -12.55
CA VAL A 85 -10.67 5.41 -12.64
C VAL A 85 -10.36 5.07 -14.09
N LYS A 86 -9.21 4.44 -14.31
CA LYS A 86 -8.84 4.00 -15.65
C LYS A 86 -9.74 2.85 -16.10
N ASP A 87 -10.08 2.84 -17.39
CA ASP A 87 -11.02 1.85 -17.91
C ASP A 87 -10.46 0.44 -17.88
N ASP A 88 -9.15 0.26 -17.67
CA ASP A 88 -8.60 -1.09 -17.58
C ASP A 88 -9.20 -1.85 -16.39
N MET A 89 -9.35 -1.18 -15.25
CA MET A 89 -9.91 -1.84 -14.08
C MET A 89 -11.40 -2.12 -14.27
N LEU A 90 -12.12 -1.23 -14.94
CA LEU A 90 -13.50 -1.51 -15.30
C LEU A 90 -13.58 -2.74 -16.21
N LYS A 91 -12.66 -2.83 -17.17
CA LYS A 91 -12.62 -4.00 -18.05
C LYS A 91 -12.38 -5.27 -17.25
N GLN A 92 -11.43 -5.22 -16.31
CA GLN A 92 -11.14 -6.40 -15.50
C GLN A 92 -12.35 -6.80 -14.65
N ASN A 93 -13.04 -5.81 -14.07
CA ASN A 93 -14.24 -6.11 -13.30
C ASN A 93 -15.32 -6.74 -14.16
N LEU A 94 -15.49 -6.24 -15.39
CA LEU A 94 -16.44 -6.86 -16.31
C LEU A 94 -16.02 -8.29 -16.64
N GLU A 95 -14.72 -8.51 -16.84
CA GLU A 95 -14.24 -9.87 -17.09
C GLU A 95 -14.58 -10.80 -15.93
N ALA A 96 -14.41 -10.32 -14.69
CA ALA A 96 -14.70 -11.16 -13.53
C ALA A 96 -16.16 -11.61 -13.53
N SER A 97 -17.07 -10.78 -14.03
CA SER A 97 -18.48 -11.12 -14.11
C SER A 97 -18.84 -11.89 -15.37
N GLY A 98 -17.88 -12.13 -16.26
CA GLY A 98 -18.12 -12.87 -17.48
C GLY A 98 -18.51 -12.04 -18.68
N VAL A 99 -18.76 -10.75 -18.50
CA VAL A 99 -19.12 -9.87 -19.61
C VAL A 99 -17.83 -9.39 -20.26
N ARG A 100 -17.57 -9.86 -21.48
CA ARG A 100 -16.36 -9.49 -22.21
C ARG A 100 -16.69 -9.41 -23.69
N VAL A 101 -15.90 -8.61 -24.41
CA VAL A 101 -16.10 -8.48 -25.85
C VAL A 101 -15.99 -9.85 -26.50
N GLY A 102 -17.02 -10.24 -27.25
CA GLY A 102 -17.07 -11.56 -27.84
C GLY A 102 -17.78 -12.60 -26.99
N GLU A 103 -18.51 -12.18 -25.97
CA GLU A 103 -19.25 -13.09 -25.10
C GLU A 103 -20.72 -12.70 -25.09
N SER A 104 -21.58 -13.71 -24.91
CA SER A 104 -23.01 -13.47 -24.95
C SER A 104 -23.44 -12.56 -23.80
N LEU A 105 -24.28 -11.57 -24.11
CA LEU A 105 -24.81 -10.63 -23.12
C LEU A 105 -26.21 -11.08 -22.74
N ASP A 106 -26.37 -11.52 -21.49
CA ASP A 106 -27.64 -12.10 -21.04
C ASP A 106 -28.70 -11.04 -20.76
N ARG A 107 -28.34 -9.77 -20.68
CA ARG A 107 -29.25 -8.65 -20.42
C ARG A 107 -29.74 -8.61 -18.98
N THR A 108 -29.35 -9.57 -18.14
CA THR A 108 -29.73 -9.57 -16.73
C THR A 108 -28.52 -9.44 -15.81
N THR A 109 -27.47 -10.23 -16.04
CA THR A 109 -26.25 -10.08 -15.25
C THR A 109 -25.64 -8.70 -15.40
N ILE A 110 -25.96 -7.99 -16.48
CA ILE A 110 -25.48 -6.62 -16.63
C ILE A 110 -26.03 -5.73 -15.52
N ALA A 111 -27.24 -6.04 -15.04
CA ALA A 111 -27.79 -5.29 -13.91
C ALA A 111 -26.91 -5.45 -12.67
N ASP A 112 -26.51 -6.69 -12.37
CA ASP A 112 -25.60 -6.91 -11.25
C ASP A 112 -24.24 -6.28 -11.50
N ILE A 113 -23.79 -6.26 -12.76
CA ILE A 113 -22.51 -5.64 -13.08
C ILE A 113 -22.56 -4.14 -12.81
N GLU A 114 -23.64 -3.47 -13.23
CA GLU A 114 -23.76 -2.04 -12.97
C GLU A 114 -23.96 -1.77 -11.48
N LYS A 115 -24.63 -2.66 -10.76
CA LYS A 115 -24.70 -2.54 -9.31
C LYS A 115 -23.30 -2.61 -8.69
N GLY A 116 -22.49 -3.56 -9.15
CA GLY A 116 -21.12 -3.65 -8.67
C GLY A 116 -20.31 -2.42 -9.02
N LEU A 117 -20.52 -1.86 -10.20
CA LEU A 117 -19.82 -0.64 -10.59
C LEU A 117 -20.23 0.53 -9.70
N GLU A 118 -21.52 0.65 -9.38
CA GLU A 118 -21.96 1.70 -8.48
C GLU A 118 -21.37 1.51 -7.08
N ASP A 119 -21.31 0.26 -6.61
CA ASP A 119 -20.67 -0.02 -5.33
C ASP A 119 -19.19 0.37 -5.37
N PHE A 120 -18.53 0.08 -6.49
CA PHE A 120 -17.12 0.45 -6.65
C PHE A 120 -16.95 1.97 -6.61
N TYR A 121 -17.84 2.69 -7.28
CA TYR A 121 -17.78 4.15 -7.26
C TYR A 121 -17.99 4.68 -5.84
N TYR A 122 -18.93 4.09 -5.10
CA TYR A 122 -19.06 4.41 -3.68
C TYR A 122 -17.74 4.17 -2.96
N SER A 123 -17.09 3.04 -3.25
CA SER A 123 -15.83 2.72 -2.58
C SER A 123 -14.73 3.71 -2.92
N VAL A 124 -14.82 4.34 -4.10
CA VAL A 124 -13.80 5.30 -4.52
C VAL A 124 -14.06 6.70 -3.96
N GLY A 125 -15.10 6.86 -3.15
CA GLY A 125 -15.44 8.15 -2.57
C GLY A 125 -16.44 8.97 -3.36
N LYS A 126 -16.80 8.54 -4.57
CA LYS A 126 -17.80 9.22 -5.38
C LYS A 126 -19.15 8.64 -5.01
N TYR A 127 -19.81 9.26 -4.03
CA TYR A 127 -21.01 8.67 -3.44
C TYR A 127 -22.26 8.96 -4.26
N SER A 128 -22.39 10.18 -4.78
CA SER A 128 -23.59 10.59 -5.50
C SER A 128 -23.52 10.29 -6.99
N ALA A 129 -22.45 9.65 -7.46
CA ALA A 129 -22.33 9.35 -8.87
C ALA A 129 -23.50 8.49 -9.35
N SER A 130 -23.69 8.48 -10.67
CA SER A 130 -24.75 7.71 -11.30
C SER A 130 -24.17 6.92 -12.47
N VAL A 131 -24.66 5.70 -12.65
CA VAL A 131 -24.17 4.77 -13.66
C VAL A 131 -25.35 4.32 -14.51
N LYS A 132 -25.18 4.32 -15.83
CA LYS A 132 -26.17 3.85 -16.78
C LYS A 132 -25.51 2.90 -17.76
N ALA A 133 -25.96 1.65 -17.78
CA ALA A 133 -25.44 0.63 -18.69
C ALA A 133 -26.39 0.53 -19.88
N VAL A 134 -26.27 1.51 -20.78
CA VAL A 134 -27.13 1.55 -21.95
C VAL A 134 -26.70 0.48 -22.95
N VAL A 135 -27.68 -0.04 -23.70
CA VAL A 135 -27.44 -1.07 -24.70
C VAL A 135 -27.85 -0.51 -26.05
N THR A 136 -26.92 -0.54 -27.00
CA THR A 136 -27.20 -0.11 -28.37
C THR A 136 -27.26 -1.34 -29.26
N PRO A 137 -28.43 -1.70 -29.81
CA PRO A 137 -28.50 -2.85 -30.71
C PRO A 137 -27.71 -2.63 -32.00
N LEU A 138 -27.16 -3.71 -32.51
CA LEU A 138 -26.40 -3.73 -33.75
C LEU A 138 -26.84 -4.94 -34.56
N PRO A 139 -26.68 -4.89 -35.89
CA PRO A 139 -27.15 -6.00 -36.74
C PRO A 139 -26.67 -7.36 -36.27
N ARG A 140 -27.36 -8.42 -36.72
CA ARG A 140 -27.03 -9.79 -36.36
C ARG A 140 -27.04 -9.98 -34.84
N ASN A 141 -27.99 -9.33 -34.18
CA ASN A 141 -28.20 -9.46 -32.73
C ASN A 141 -26.90 -9.19 -31.97
N ARG A 142 -26.38 -7.99 -32.17
CA ARG A 142 -25.20 -7.53 -31.45
C ARG A 142 -25.59 -6.45 -30.45
N VAL A 143 -24.77 -6.28 -29.43
CA VAL A 143 -25.01 -5.29 -28.39
C VAL A 143 -23.73 -4.48 -28.17
N ASP A 144 -23.87 -3.16 -28.16
CA ASP A 144 -22.80 -2.27 -27.72
C ASP A 144 -23.17 -1.76 -26.33
N LEU A 145 -22.31 -2.06 -25.36
CA LEU A 145 -22.59 -1.77 -23.95
C LEU A 145 -21.92 -0.45 -23.58
N LYS A 146 -22.71 0.61 -23.49
CA LYS A 146 -22.20 1.93 -23.13
C LYS A 146 -22.42 2.12 -21.64
N LEU A 147 -21.34 1.96 -20.86
CA LEU A 147 -21.40 2.18 -19.41
C LEU A 147 -21.05 3.63 -19.13
N VAL A 148 -22.04 4.51 -19.31
CA VAL A 148 -21.84 5.92 -19.07
C VAL A 148 -22.09 6.21 -17.60
N PHE A 149 -21.53 7.31 -17.11
CA PHE A 149 -21.72 7.64 -15.71
C PHE A 149 -21.31 9.09 -15.46
N GLN A 150 -21.85 9.65 -14.38
CA GLN A 150 -21.44 10.94 -13.85
C GLN A 150 -20.83 10.70 -12.47
N GLU A 151 -19.58 11.16 -12.29
CA GLU A 151 -18.86 10.88 -11.05
C GLU A 151 -19.25 11.79 -9.91
N GLY A 152 -20.07 12.81 -10.15
CA GLY A 152 -20.45 13.71 -9.07
C GLY A 152 -19.24 14.36 -8.46
N VAL A 153 -19.17 14.33 -7.12
CA VAL A 153 -18.06 14.92 -6.38
C VAL A 153 -17.69 13.97 -5.25
N SER A 154 -16.40 13.89 -4.96
CA SER A 154 -15.89 12.97 -3.94
C SER A 154 -16.21 13.47 -2.55
N ALA A 155 -16.31 12.53 -1.62
CA ALA A 155 -16.52 12.82 -0.20
C ALA A 155 -15.21 12.67 0.56
N GLU A 156 -15.13 13.36 1.69
CA GLU A 156 -13.95 13.33 2.54
C GLU A 156 -14.39 13.33 4.00
N ILE A 157 -13.51 12.82 4.86
CA ILE A 157 -13.81 12.73 6.29
C ILE A 157 -13.72 14.12 6.91
N GLN A 158 -14.63 14.39 7.86
CA GLN A 158 -14.69 15.68 8.51
C GLN A 158 -14.42 15.63 10.01
N GLN A 159 -14.49 14.44 10.63
CA GLN A 159 -14.26 14.34 12.07
C GLN A 159 -14.10 12.89 12.48
N ILE A 160 -13.02 12.59 13.22
CA ILE A 160 -12.83 11.28 13.83
C ILE A 160 -12.99 11.44 15.32
N ASN A 161 -14.22 11.27 15.82
CA ASN A 161 -14.56 11.56 17.20
C ASN A 161 -14.63 10.28 18.01
N ILE A 162 -14.02 10.29 19.19
CA ILE A 162 -14.04 9.16 20.11
C ILE A 162 -14.73 9.60 21.39
N VAL A 163 -15.68 8.80 21.86
CA VAL A 163 -16.47 9.12 23.05
C VAL A 163 -16.03 8.20 24.18
N GLY A 164 -16.23 8.68 25.40
CA GLY A 164 -15.95 7.87 26.57
C GLY A 164 -14.48 7.62 26.83
N ASN A 165 -13.60 8.46 26.31
CA ASN A 165 -12.17 8.34 26.53
C ASN A 165 -11.73 9.32 27.62
N HIS A 166 -10.92 8.82 28.56
CA HIS A 166 -10.35 9.61 29.63
C HIS A 166 -8.89 9.24 29.81
N ALA A 167 -8.11 10.21 30.28
CA ALA A 167 -6.66 10.12 30.45
C ALA A 167 -5.95 10.24 29.10
N PHE A 168 -6.67 10.31 27.99
CA PHE A 168 -6.07 10.49 26.68
C PHE A 168 -7.01 11.36 25.84
N THR A 169 -6.51 12.50 25.37
CA THR A 169 -7.31 13.33 24.49
C THR A 169 -7.53 12.64 23.15
N THR A 170 -8.59 13.05 22.46
CA THR A 170 -8.89 12.49 21.15
C THR A 170 -7.76 12.76 20.17
N ASP A 171 -7.07 13.89 20.31
CA ASP A 171 -5.99 14.22 19.40
C ASP A 171 -4.85 13.22 19.50
N GLU A 172 -4.49 12.82 20.72
CA GLU A 172 -3.40 11.86 20.90
C GLU A 172 -3.77 10.48 20.38
N LEU A 173 -5.06 10.18 20.22
CA LEU A 173 -5.51 8.86 19.80
C LEU A 173 -5.75 8.75 18.30
N ILE A 174 -6.30 9.79 17.67
CA ILE A 174 -6.52 9.76 16.22
C ILE A 174 -5.27 10.07 15.43
N SER A 175 -4.15 10.35 16.08
CA SER A 175 -2.91 10.63 15.35
C SER A 175 -2.39 9.38 14.66
N HIS A 176 -2.31 8.27 15.39
CA HIS A 176 -1.76 7.04 14.83
C HIS A 176 -2.66 6.43 13.75
N PHE A 177 -3.89 6.90 13.61
CA PHE A 177 -4.78 6.36 12.60
C PHE A 177 -4.20 6.61 11.21
N GLN A 178 -4.32 5.60 10.34
CA GLN A 178 -4.07 5.82 8.92
C GLN A 178 -5.15 6.67 8.28
N LEU A 179 -6.25 6.92 8.99
CA LEU A 179 -7.35 7.75 8.52
C LEU A 179 -7.29 9.09 9.23
N ARG A 180 -7.28 10.17 8.47
CA ARG A 180 -7.08 11.51 9.00
C ARG A 180 -8.31 12.37 8.81
N ASP A 181 -8.36 13.47 9.55
CA ASP A 181 -9.44 14.46 9.44
C ASP A 181 -8.96 15.88 9.21
N GLU A 182 -7.72 16.21 9.54
CA GLU A 182 -7.15 17.53 9.31
C GLU A 182 -5.78 17.34 8.67
N VAL A 183 -5.66 17.69 7.40
CA VAL A 183 -4.45 17.49 6.62
C VAL A 183 -3.94 18.86 6.16
N PRO A 184 -2.96 19.44 6.87
CA PRO A 184 -2.44 20.75 6.45
C PRO A 184 -1.75 20.68 5.09
N TRP A 185 -1.79 21.80 4.38
CA TRP A 185 -1.11 21.88 3.09
C TRP A 185 0.40 21.80 3.26
N TRP A 186 0.94 22.44 4.29
CA TRP A 186 2.39 22.57 4.48
C TRP A 186 3.02 21.32 5.08
N ASN A 187 2.32 20.19 5.11
CA ASN A 187 2.84 18.99 5.77
C ASN A 187 2.16 17.79 5.15
N VAL A 188 2.96 16.83 4.69
CA VAL A 188 2.42 15.60 4.10
C VAL A 188 1.99 14.69 5.24
N VAL A 189 0.67 14.45 5.34
CA VAL A 189 0.13 13.56 6.36
C VAL A 189 -0.83 12.53 5.80
N GLY A 190 -1.35 12.70 4.59
CA GLY A 190 -2.24 11.75 3.96
C GLY A 190 -3.48 12.42 3.42
N ASP A 191 -4.34 11.59 2.84
CA ASP A 191 -5.60 12.04 2.27
C ASP A 191 -6.74 11.80 3.26
N ARG A 192 -7.88 12.43 2.98
CA ARG A 192 -9.08 12.27 3.78
C ARG A 192 -10.09 11.32 3.17
N LYS A 193 -9.71 10.61 2.10
CA LYS A 193 -10.61 9.64 1.50
C LYS A 193 -10.94 8.54 2.49
N TYR A 194 -12.19 8.09 2.47
CA TYR A 194 -12.68 7.11 3.43
C TYR A 194 -12.68 5.72 2.80
N GLN A 195 -12.22 4.73 3.57
CA GLN A 195 -12.17 3.34 3.15
C GLN A 195 -12.82 2.48 4.24
N LYS A 196 -12.91 1.18 3.96
CA LYS A 196 -13.49 0.24 4.93
C LYS A 196 -12.41 -0.53 5.68
N GLN A 197 -11.52 -1.22 4.96
CA GLN A 197 -10.47 -1.96 5.63
C GLN A 197 -9.61 -1.05 6.50
N LYS A 198 -9.41 0.20 6.06
CA LYS A 198 -8.65 1.14 6.86
C LYS A 198 -9.31 1.41 8.20
N LEU A 199 -10.64 1.44 8.23
CA LEU A 199 -11.34 1.66 9.49
C LEU A 199 -11.10 0.51 10.46
N ALA A 200 -11.15 -0.73 9.98
CA ALA A 200 -10.85 -1.86 10.84
C ALA A 200 -9.40 -1.82 11.31
N GLY A 201 -8.48 -1.45 10.42
CA GLY A 201 -7.09 -1.30 10.83
C GLY A 201 -6.91 -0.25 11.91
N ASP A 202 -7.64 0.87 11.78
CA ASP A 202 -7.52 1.93 12.79
C ASP A 202 -8.13 1.51 14.12
N LEU A 203 -9.24 0.77 14.08
CA LEU A 203 -9.79 0.26 15.33
C LEU A 203 -8.83 -0.72 15.99
N GLU A 204 -8.15 -1.55 15.18
CA GLU A 204 -7.13 -2.44 15.73
C GLU A 204 -5.97 -1.65 16.32
N THR A 205 -5.57 -0.57 15.66
CA THR A 205 -4.51 0.27 16.19
C THR A 205 -4.92 0.90 17.52
N LEU A 206 -6.16 1.35 17.63
CA LEU A 206 -6.66 1.89 18.89
C LEU A 206 -6.65 0.82 19.97
N ARG A 207 -7.10 -0.39 19.63
CA ARG A 207 -7.07 -1.49 20.59
C ARG A 207 -5.66 -1.73 21.09
N SER A 208 -4.69 -1.79 20.18
CA SER A 208 -3.31 -2.04 20.57
C SER A 208 -2.75 -0.90 21.42
N TYR A 209 -3.07 0.34 21.06
CA TYR A 209 -2.58 1.48 21.82
C TYR A 209 -3.11 1.44 23.25
N TYR A 210 -4.39 1.08 23.42
CA TYR A 210 -4.95 1.02 24.76
C TYR A 210 -4.43 -0.19 25.53
N LEU A 211 -4.22 -1.32 24.86
CA LEU A 211 -3.74 -2.52 25.53
C LEU A 211 -2.28 -2.46 25.90
N ASP A 212 -1.48 -1.65 25.18
CA ASP A 212 -0.08 -1.48 25.54
C ASP A 212 0.09 -0.75 26.86
N ARG A 213 -0.89 0.04 27.28
CA ARG A 213 -0.79 0.87 28.47
C ARG A 213 -1.32 0.20 29.72
N GLY A 214 -1.78 -1.05 29.62
CA GLY A 214 -2.26 -1.78 30.77
C GLY A 214 -3.76 -1.89 30.88
N TYR A 215 -4.51 -1.19 30.03
CA TYR A 215 -5.98 -1.22 30.07
C TYR A 215 -6.44 -2.55 29.47
N ALA A 216 -6.31 -3.61 30.27
CA ALA A 216 -6.59 -4.95 29.80
C ALA A 216 -8.07 -5.16 29.48
N ARG A 217 -8.97 -4.36 30.03
CA ARG A 217 -10.39 -4.52 29.83
C ARG A 217 -10.94 -3.64 28.71
N PHE A 218 -10.07 -3.00 27.94
CA PHE A 218 -10.53 -2.15 26.85
C PHE A 218 -11.40 -2.96 25.89
N ASN A 219 -12.51 -2.35 25.47
CA ASN A 219 -13.45 -3.01 24.57
C ASN A 219 -14.23 -1.94 23.82
N ILE A 220 -14.22 -2.03 22.49
CA ILE A 220 -14.92 -1.06 21.65
C ILE A 220 -16.40 -1.42 21.65
N ASP A 221 -17.23 -0.54 22.23
CA ASP A 221 -18.65 -0.81 22.28
C ASP A 221 -19.26 -0.88 20.88
N SER A 222 -18.91 0.07 20.02
CA SER A 222 -19.44 0.10 18.67
C SER A 222 -18.76 1.21 17.88
N THR A 223 -19.11 1.31 16.59
CA THR A 223 -18.58 2.34 15.72
C THR A 223 -19.65 2.70 14.69
N GLN A 224 -19.92 3.99 14.56
CA GLN A 224 -20.95 4.48 13.66
C GLN A 224 -20.33 5.44 12.64
N VAL A 225 -20.58 5.19 11.36
CA VAL A 225 -20.16 6.06 10.27
C VAL A 225 -21.41 6.72 9.70
N SER A 226 -21.37 8.05 9.56
CA SER A 226 -22.52 8.82 9.13
C SER A 226 -22.14 9.69 7.94
N LEU A 227 -23.15 10.08 7.18
CA LEU A 227 -23.00 10.91 6.00
C LEU A 227 -23.85 12.16 6.15
N THR A 228 -23.34 13.29 5.67
CA THR A 228 -24.14 14.50 5.66
C THR A 228 -25.20 14.40 4.56
N PRO A 229 -26.32 15.13 4.70
CA PRO A 229 -27.32 15.11 3.63
C PRO A 229 -26.78 15.57 2.30
N ASP A 230 -25.80 16.48 2.30
CA ASP A 230 -25.18 16.91 1.06
C ASP A 230 -24.31 15.81 0.45
N LYS A 231 -23.89 14.83 1.24
CA LYS A 231 -23.17 13.66 0.74
C LYS A 231 -21.73 13.98 0.35
N LYS A 232 -21.11 14.96 1.01
CA LYS A 232 -19.69 15.24 0.82
C LYS A 232 -18.89 15.18 2.11
N GLY A 233 -19.49 14.76 3.21
CA GLY A 233 -18.78 14.71 4.48
C GLY A 233 -19.05 13.44 5.27
N ILE A 234 -17.99 12.70 5.57
CA ILE A 234 -18.08 11.52 6.42
C ILE A 234 -17.94 11.96 7.87
N TYR A 235 -18.53 11.20 8.77
CA TYR A 235 -18.45 11.47 10.20
C TYR A 235 -18.30 10.13 10.92
N VAL A 236 -17.10 9.84 11.40
CA VAL A 236 -16.79 8.56 12.02
C VAL A 236 -16.76 8.75 13.53
N THR A 237 -17.52 7.93 14.25
CA THR A 237 -17.55 7.96 15.70
C THR A 237 -17.28 6.55 16.23
N VAL A 238 -16.48 6.46 17.28
CA VAL A 238 -16.06 5.19 17.85
C VAL A 238 -16.40 5.22 19.33
N ASN A 239 -17.45 4.51 19.72
CA ASN A 239 -17.86 4.42 21.11
C ASN A 239 -17.10 3.27 21.77
N ILE A 240 -16.25 3.61 22.75
CA ILE A 240 -15.39 2.63 23.40
C ILE A 240 -15.71 2.58 24.89
N THR A 241 -15.01 1.71 25.62
CA THR A 241 -15.18 1.59 27.07
C THR A 241 -13.83 1.16 27.66
N GLU A 242 -13.09 2.12 28.20
CA GLU A 242 -11.77 1.85 28.74
C GLU A 242 -11.87 1.43 30.19
N GLY A 243 -11.11 0.40 30.56
CA GLY A 243 -11.08 -0.11 31.92
C GLY A 243 -10.04 0.58 32.76
N ASP A 244 -9.55 -0.15 33.76
CA ASP A 244 -8.53 0.35 34.67
C ASP A 244 -7.17 -0.22 34.32
N GLN A 245 -6.11 0.40 34.84
CA GLN A 245 -4.74 -0.04 34.60
C GLN A 245 -4.46 -1.25 35.47
N TYR A 246 -4.38 -2.43 34.85
CA TYR A 246 -4.13 -3.66 35.58
C TYR A 246 -2.62 -3.87 35.76
N LYS A 247 -2.26 -4.96 36.43
CA LYS A 247 -0.87 -5.32 36.64
C LYS A 247 -0.70 -6.82 36.45
N LEU A 248 0.50 -7.22 36.06
CA LEU A 248 0.78 -8.60 35.68
C LEU A 248 1.06 -9.42 36.94
N SER A 249 0.13 -10.30 37.30
CA SER A 249 0.33 -11.13 38.49
C SER A 249 1.38 -12.21 38.23
N GLY A 250 1.31 -12.86 37.08
CA GLY A 250 2.25 -13.90 36.74
C GLY A 250 1.85 -14.65 35.49
N VAL A 251 2.79 -15.41 34.92
CA VAL A 251 2.55 -16.16 33.69
C VAL A 251 2.96 -17.61 33.92
N GLU A 252 2.08 -18.55 33.53
CA GLU A 252 2.32 -19.97 33.68
C GLU A 252 2.14 -20.65 32.33
N VAL A 253 3.09 -21.50 31.96
CA VAL A 253 3.05 -22.22 30.69
C VAL A 253 2.49 -23.61 30.93
N SER A 254 1.54 -24.02 30.10
CA SER A 254 0.94 -25.35 30.21
C SER A 254 0.73 -25.92 28.82
N GLY A 255 0.70 -27.25 28.75
CA GLY A 255 0.42 -27.93 27.50
C GLY A 255 1.48 -28.95 27.11
N ASN A 256 1.62 -29.19 25.81
CA ASN A 256 2.58 -30.15 25.28
C ASN A 256 3.83 -29.37 24.87
N LEU A 257 4.78 -29.26 25.79
CA LEU A 257 5.98 -28.47 25.58
C LEU A 257 7.08 -29.24 24.86
N ALA A 258 6.84 -30.50 24.48
CA ALA A 258 7.85 -31.32 23.82
C ALA A 258 9.10 -31.50 24.67
N GLY A 259 8.93 -31.54 25.98
CA GLY A 259 10.05 -31.74 26.88
C GLY A 259 11.07 -30.62 26.89
N HIS A 260 10.61 -29.37 26.87
CA HIS A 260 11.50 -28.22 26.95
C HIS A 260 10.91 -27.17 27.89
N SER A 261 10.42 -27.62 29.04
CA SER A 261 9.77 -26.71 29.97
C SER A 261 10.75 -25.70 30.56
N ALA A 262 12.00 -26.11 30.79
CA ALA A 262 12.96 -25.22 31.45
C ALA A 262 13.20 -23.96 30.63
N GLU A 263 13.55 -24.12 29.35
CA GLU A 263 13.84 -22.95 28.52
C GLU A 263 12.60 -22.09 28.34
N ILE A 264 11.43 -22.72 28.16
CA ILE A 264 10.20 -21.96 27.99
C ILE A 264 9.91 -21.13 29.23
N GLU A 265 10.08 -21.72 30.42
CA GLU A 265 9.89 -20.97 31.65
C GLU A 265 10.90 -19.84 31.75
N GLN A 266 12.14 -20.09 31.35
CA GLN A 266 13.15 -19.03 31.40
C GLN A 266 12.76 -17.86 30.51
N LEU A 267 12.26 -18.15 29.31
CA LEU A 267 11.87 -17.07 28.40
C LEU A 267 10.72 -16.25 28.97
N THR A 268 9.73 -16.91 29.59
CA THR A 268 8.55 -16.24 30.10
C THR A 268 8.80 -15.85 31.56
N LYS A 269 9.57 -14.77 31.73
CA LYS A 269 9.89 -14.22 33.03
C LYS A 269 9.44 -12.77 33.08
N ILE A 270 8.95 -12.34 34.24
CA ILE A 270 8.39 -11.00 34.41
C ILE A 270 8.85 -10.44 35.75
N GLU A 271 9.17 -9.15 35.76
CA GLU A 271 9.46 -8.47 37.01
C GLU A 271 8.17 -8.33 37.83
N PRO A 272 8.27 -8.28 39.15
CA PRO A 272 7.06 -8.16 39.97
C PRO A 272 6.31 -6.88 39.66
N GLY A 273 4.98 -6.99 39.62
CA GLY A 273 4.13 -5.83 39.44
C GLY A 273 4.42 -5.03 38.18
N GLU A 274 4.62 -5.71 37.06
CA GLU A 274 4.82 -5.03 35.79
C GLU A 274 3.48 -4.77 35.12
N LEU A 275 3.48 -3.80 34.21
CA LEU A 275 2.26 -3.40 33.53
C LEU A 275 1.93 -4.37 32.41
N TYR A 276 0.66 -4.74 32.31
CA TYR A 276 0.20 -5.70 31.31
C TYR A 276 0.28 -5.06 29.94
N ASN A 277 1.29 -5.44 29.16
CA ASN A 277 1.51 -4.91 27.82
C ASN A 277 1.19 -6.00 26.81
N GLY A 278 0.15 -5.78 26.00
CA GLY A 278 -0.19 -6.74 24.97
C GLY A 278 0.94 -6.96 23.98
N THR A 279 1.64 -5.87 23.63
CA THR A 279 2.76 -6.00 22.70
C THR A 279 3.87 -6.88 23.28
N LYS A 280 4.20 -6.69 24.55
CA LYS A 280 5.23 -7.52 25.18
C LYS A 280 4.74 -8.96 25.34
N VAL A 281 3.45 -9.16 25.62
CA VAL A 281 2.91 -10.51 25.70
C VAL A 281 3.05 -11.21 24.36
N THR A 282 2.71 -10.53 23.27
CA THR A 282 2.86 -11.13 21.95
C THR A 282 4.32 -11.36 21.60
N LYS A 283 5.20 -10.46 22.03
CA LYS A 283 6.63 -10.67 21.79
C LYS A 283 7.13 -11.91 22.51
N MET A 284 6.67 -12.13 23.75
CA MET A 284 7.04 -13.35 24.47
C MET A 284 6.47 -14.58 23.78
N GLU A 285 5.23 -14.49 23.30
CA GLU A 285 4.64 -15.61 22.58
C GLU A 285 5.46 -15.96 21.34
N ASP A 286 5.87 -14.94 20.58
CA ASP A 286 6.66 -15.18 19.39
C ASP A 286 8.06 -15.69 19.74
N ASP A 287 8.61 -15.27 20.88
CA ASP A 287 9.88 -15.83 21.32
C ASP A 287 9.75 -17.32 21.63
N ILE A 288 8.65 -17.70 22.28
CA ILE A 288 8.40 -19.12 22.52
C ILE A 288 8.26 -19.86 21.21
N LYS A 289 7.53 -19.26 20.25
CA LYS A 289 7.39 -19.88 18.93
C LYS A 289 8.74 -20.07 18.26
N LYS A 290 9.62 -19.07 18.35
CA LYS A 290 10.94 -19.17 17.76
C LYS A 290 11.75 -20.29 18.41
N LEU A 291 11.70 -20.37 19.74
CA LEU A 291 12.43 -21.43 20.43
C LEU A 291 11.94 -22.80 19.99
N LEU A 292 10.61 -22.98 19.93
CA LEU A 292 10.07 -24.28 19.52
C LEU A 292 10.43 -24.60 18.09
N GLY A 293 10.39 -23.60 17.20
CA GLY A 293 10.71 -23.85 15.81
C GLY A 293 12.17 -24.19 15.59
N ARG A 294 13.07 -23.54 16.34
CA ARG A 294 14.49 -23.78 16.15
C ARG A 294 14.84 -25.24 16.43
N TYR A 295 14.07 -25.92 17.27
CA TYR A 295 14.32 -27.33 17.56
C TYR A 295 13.69 -28.25 16.52
N GLY A 296 12.96 -27.73 15.55
CA GLY A 296 12.50 -28.52 14.43
C GLY A 296 11.01 -28.76 14.38
N TYR A 297 10.22 -27.82 14.90
CA TYR A 297 8.76 -27.91 14.87
C TYR A 297 8.23 -26.87 13.89
N ALA A 298 7.52 -27.35 12.86
CA ALA A 298 7.11 -26.46 11.78
C ALA A 298 6.01 -25.50 12.22
N TYR A 299 4.99 -26.02 12.92
CA TYR A 299 3.81 -25.24 13.27
C TYR A 299 3.58 -25.32 14.77
N PRO A 300 4.43 -24.68 15.58
CA PRO A 300 4.13 -24.55 17.01
C PRO A 300 2.90 -23.66 17.22
N ARG A 301 2.14 -23.98 18.25
CA ARG A 301 0.94 -23.23 18.59
C ARG A 301 1.08 -22.65 19.99
N VAL A 302 0.80 -21.36 20.12
CA VAL A 302 0.83 -20.67 21.41
C VAL A 302 -0.46 -19.87 21.53
N GLN A 303 -1.23 -20.15 22.59
CA GLN A 303 -2.49 -19.45 22.85
C GLN A 303 -2.40 -18.83 24.23
N SER A 304 -2.32 -17.50 24.29
CA SER A 304 -2.19 -16.78 25.54
C SER A 304 -3.55 -16.21 25.92
N MET A 305 -4.14 -16.74 26.99
CA MET A 305 -5.42 -16.24 27.48
C MET A 305 -5.21 -15.52 28.80
N PRO A 306 -5.64 -14.26 28.93
CA PRO A 306 -5.51 -13.58 30.23
C PRO A 306 -6.74 -13.77 31.11
N GLU A 307 -6.53 -14.22 32.33
CA GLU A 307 -7.58 -14.26 33.34
C GLU A 307 -7.49 -13.00 34.18
N ILE A 308 -8.60 -12.29 34.32
CA ILE A 308 -8.64 -10.96 34.92
C ILE A 308 -9.31 -11.07 36.28
N ASN A 309 -8.59 -10.64 37.32
CA ASN A 309 -9.12 -10.58 38.68
C ASN A 309 -9.21 -9.11 39.07
N ASP A 310 -10.44 -8.59 39.14
CA ASP A 310 -10.64 -7.18 39.46
C ASP A 310 -10.44 -6.87 40.94
N ALA A 311 -10.43 -7.89 41.80
CA ALA A 311 -10.28 -7.64 43.23
C ALA A 311 -8.98 -6.89 43.52
N ASP A 312 -7.87 -7.38 42.99
CA ASP A 312 -6.57 -6.73 43.11
C ASP A 312 -6.12 -6.08 41.82
N LYS A 313 -7.00 -6.00 40.82
CA LYS A 313 -6.67 -5.43 39.51
C LYS A 313 -5.42 -6.09 38.94
N THR A 314 -5.54 -7.40 38.69
CA THR A 314 -4.42 -8.19 38.21
C THR A 314 -4.85 -9.03 37.02
N VAL A 315 -3.87 -9.38 36.19
CA VAL A 315 -4.07 -10.24 35.04
C VAL A 315 -3.05 -11.37 35.10
N LYS A 316 -3.51 -12.60 34.91
CA LYS A 316 -2.66 -13.79 34.90
C LYS A 316 -2.70 -14.40 33.50
N LEU A 317 -1.52 -14.58 32.90
CA LEU A 317 -1.43 -15.11 31.55
C LEU A 317 -1.32 -16.63 31.61
N ARG A 318 -2.34 -17.32 31.11
CA ARG A 318 -2.28 -18.77 30.91
C ARG A 318 -1.92 -19.00 29.46
N VAL A 319 -0.70 -19.44 29.21
CA VAL A 319 -0.21 -19.67 27.86
C VAL A 319 -0.19 -21.17 27.61
N ASN A 320 -0.99 -21.61 26.64
CA ASN A 320 -1.05 -22.99 26.22
C ASN A 320 -0.11 -23.17 25.04
N VAL A 321 0.87 -24.06 25.20
CA VAL A 321 1.85 -24.36 24.17
C VAL A 321 1.57 -25.75 23.63
N ASP A 322 1.61 -25.88 22.31
CA ASP A 322 1.33 -27.16 21.65
C ASP A 322 2.19 -27.22 20.40
N ALA A 323 3.34 -27.89 20.51
CA ALA A 323 4.19 -28.08 19.35
C ALA A 323 3.58 -29.16 18.45
N GLY A 324 3.48 -28.87 17.16
CA GLY A 324 2.86 -29.79 16.24
C GLY A 324 3.79 -30.92 15.85
N ASN A 325 3.75 -31.32 14.58
CA ASN A 325 4.61 -32.36 14.05
C ASN A 325 5.81 -31.73 13.36
N ARG A 326 6.64 -32.57 12.73
CA ARG A 326 7.80 -32.13 11.98
C ARG A 326 7.54 -32.33 10.49
N PHE A 327 7.77 -31.28 9.71
CA PHE A 327 7.61 -31.32 8.26
C PHE A 327 8.95 -31.04 7.60
N TYR A 328 9.13 -31.60 6.40
CA TYR A 328 10.39 -31.51 5.67
C TYR A 328 10.10 -30.95 4.28
N VAL A 329 10.77 -29.86 3.94
CA VAL A 329 10.55 -29.19 2.65
C VAL A 329 11.25 -29.99 1.57
N ARG A 330 10.47 -30.56 0.65
CA ARG A 330 11.05 -31.39 -0.41
C ARG A 330 11.75 -30.54 -1.46
N LYS A 331 11.16 -29.40 -1.83
CA LYS A 331 11.79 -28.52 -2.80
C LYS A 331 11.04 -27.19 -2.83
N ILE A 332 11.80 -26.11 -3.07
CA ILE A 332 11.26 -24.77 -3.19
C ILE A 332 11.09 -24.45 -4.66
N ARG A 333 9.94 -23.88 -5.03
CA ARG A 333 9.64 -23.50 -6.40
C ARG A 333 9.32 -22.02 -6.46
N PHE A 334 9.69 -21.40 -7.58
CA PHE A 334 9.41 -19.99 -7.84
C PHE A 334 8.63 -19.88 -9.14
N GLU A 335 7.54 -19.12 -9.10
CA GLU A 335 6.65 -18.96 -10.25
C GLU A 335 6.48 -17.48 -10.56
N GLY A 336 6.53 -17.15 -11.85
CA GLY A 336 6.32 -15.79 -12.32
C GLY A 336 7.58 -15.02 -12.63
N ASN A 337 8.75 -15.53 -12.25
CA ASN A 337 10.01 -14.84 -12.51
C ASN A 337 10.45 -15.17 -13.94
N ASP A 338 9.79 -14.50 -14.89
CA ASP A 338 10.11 -14.72 -16.30
C ASP A 338 11.43 -14.08 -16.69
N THR A 339 11.83 -13.02 -16.01
CA THR A 339 13.06 -12.29 -16.33
C THR A 339 14.21 -12.67 -15.41
N SER A 340 14.04 -12.50 -14.10
CA SER A 340 15.11 -12.73 -13.16
C SER A 340 15.40 -14.22 -13.01
N LYS A 341 16.67 -14.58 -13.08
CA LYS A 341 17.06 -15.98 -12.98
C LYS A 341 16.72 -16.53 -11.60
N ASP A 342 16.87 -17.85 -11.46
CA ASP A 342 16.48 -18.51 -10.22
C ASP A 342 17.42 -18.15 -9.07
N ALA A 343 18.70 -17.92 -9.36
CA ALA A 343 19.64 -17.59 -8.30
C ALA A 343 19.27 -16.27 -7.62
N VAL A 344 18.81 -15.29 -8.40
CA VAL A 344 18.48 -13.98 -7.85
C VAL A 344 17.36 -14.06 -6.81
N LEU A 345 16.53 -15.10 -6.89
CA LEU A 345 15.43 -15.27 -5.93
C LEU A 345 15.74 -16.30 -4.85
N ARG A 346 16.51 -17.34 -5.17
CA ARG A 346 16.77 -18.43 -4.25
C ARG A 346 17.94 -18.16 -3.32
N ARG A 347 18.61 -17.01 -3.44
CA ARG A 347 19.63 -16.60 -2.49
C ARG A 347 19.09 -15.65 -1.43
N GLU A 348 17.85 -15.20 -1.55
CA GLU A 348 17.17 -14.44 -0.50
C GLU A 348 16.38 -15.34 0.43
N MET A 349 16.42 -16.65 0.23
CA MET A 349 15.64 -17.60 1.02
C MET A 349 16.44 -18.01 2.25
N ARG A 350 15.92 -17.69 3.43
CA ARG A 350 16.50 -18.17 4.67
C ARG A 350 16.11 -19.60 4.99
N GLN A 351 15.21 -20.20 4.20
CA GLN A 351 14.80 -21.58 4.36
C GLN A 351 15.51 -22.43 3.32
N MET A 352 16.20 -23.46 3.77
CA MET A 352 16.98 -24.32 2.89
C MET A 352 16.15 -25.52 2.46
N GLU A 353 16.12 -25.79 1.15
CA GLU A 353 15.45 -26.97 0.65
C GLU A 353 16.14 -28.22 1.17
N GLY A 354 15.38 -29.29 1.32
CA GLY A 354 15.90 -30.51 1.91
C GLY A 354 16.25 -30.37 3.37
N ALA A 355 15.37 -29.73 4.15
CA ALA A 355 15.58 -29.58 5.58
C ALA A 355 14.24 -29.29 6.23
N TRP A 356 14.16 -29.51 7.54
CA TRP A 356 12.89 -29.36 8.23
C TRP A 356 12.36 -27.94 8.05
N LEU A 357 11.05 -27.79 8.26
CA LEU A 357 10.32 -26.58 7.89
C LEU A 357 10.21 -25.62 9.06
N GLY A 358 10.38 -24.34 8.76
CA GLY A 358 10.08 -23.29 9.72
C GLY A 358 9.27 -22.17 9.08
N SER A 359 8.06 -21.95 9.57
CA SER A 359 7.19 -20.95 8.96
C SER A 359 7.77 -19.55 9.10
N ASP A 360 8.37 -19.25 10.26
CA ASP A 360 8.99 -17.94 10.45
C ASP A 360 10.11 -17.73 9.44
N LEU A 361 10.86 -18.78 9.12
CA LEU A 361 11.90 -18.68 8.11
C LEU A 361 11.31 -18.36 6.75
N VAL A 362 10.18 -18.99 6.41
CA VAL A 362 9.52 -18.71 5.14
C VAL A 362 9.10 -17.26 5.07
N ASP A 363 8.51 -16.74 6.16
CA ASP A 363 8.09 -15.34 6.17
C ASP A 363 9.29 -14.40 6.12
N GLN A 364 10.40 -14.79 6.75
CA GLN A 364 11.62 -14.00 6.64
C GLN A 364 12.06 -13.89 5.18
N GLY A 365 12.14 -15.03 4.49
CA GLY A 365 12.48 -14.99 3.08
C GLY A 365 11.51 -14.16 2.28
N LYS A 366 10.22 -14.23 2.62
CA LYS A 366 9.22 -13.42 1.95
C LYS A 366 9.51 -11.94 2.13
N GLU A 367 9.88 -11.52 3.34
CA GLU A 367 10.18 -10.11 3.57
C GLU A 367 11.45 -9.69 2.83
N ARG A 368 12.43 -10.60 2.71
CA ARG A 368 13.62 -10.28 1.91
C ARG A 368 13.24 -10.08 0.44
N LEU A 369 12.41 -10.96 -0.09
CA LEU A 369 11.97 -10.80 -1.48
C LEU A 369 11.19 -9.51 -1.66
N ASN A 370 10.39 -9.12 -0.66
CA ASN A 370 9.70 -7.84 -0.72
C ASN A 370 10.69 -6.68 -0.73
N ARG A 371 11.73 -6.76 0.10
CA ARG A 371 12.74 -5.70 0.15
C ARG A 371 13.63 -5.68 -1.07
N LEU A 372 13.62 -6.74 -1.89
CA LEU A 372 14.43 -6.73 -3.11
C LEU A 372 14.04 -5.58 -4.02
N GLY A 373 12.74 -5.36 -4.19
CA GLY A 373 12.24 -4.29 -5.03
C GLY A 373 11.91 -4.69 -6.45
N PHE A 374 12.30 -5.89 -6.88
CA PHE A 374 12.00 -6.32 -8.24
C PHE A 374 10.54 -6.75 -8.40
N PHE A 375 9.91 -7.20 -7.33
CA PHE A 375 8.61 -7.86 -7.40
C PHE A 375 7.53 -6.98 -6.77
N GLU A 376 6.46 -6.74 -7.52
CA GLU A 376 5.35 -5.94 -7.01
C GLU A 376 4.59 -6.70 -5.92
N THR A 377 4.27 -7.96 -6.18
CA THR A 377 3.60 -8.81 -5.20
C THR A 377 4.31 -10.16 -5.15
N VAL A 378 4.46 -10.69 -3.94
CA VAL A 378 5.12 -11.97 -3.72
C VAL A 378 4.36 -12.75 -2.65
N ASP A 379 3.62 -13.77 -3.09
CA ASP A 379 2.82 -14.59 -2.19
C ASP A 379 3.49 -15.96 -2.00
N THR A 380 3.14 -16.60 -0.89
CA THR A 380 3.72 -17.89 -0.51
C THR A 380 2.61 -18.92 -0.37
N ASP A 381 2.98 -20.19 -0.56
CA ASP A 381 2.02 -21.29 -0.45
C ASP A 381 2.77 -22.53 -0.01
N THR A 382 2.47 -23.01 1.20
CA THR A 382 3.09 -24.23 1.73
C THR A 382 2.24 -25.42 1.30
N GLN A 383 2.40 -25.81 0.03
CA GLN A 383 1.58 -26.86 -0.55
C GLN A 383 2.08 -28.23 -0.09
N ARG A 384 1.17 -29.20 -0.11
CA ARG A 384 1.47 -30.55 0.34
C ARG A 384 1.95 -31.41 -0.82
N VAL A 385 2.81 -32.38 -0.50
CA VAL A 385 3.29 -33.35 -1.46
C VAL A 385 2.28 -34.50 -1.50
N PRO A 386 1.66 -34.79 -2.64
CA PRO A 386 0.66 -35.87 -2.68
C PRO A 386 1.26 -37.20 -2.27
N GLY A 387 0.46 -38.00 -1.57
CA GLY A 387 0.91 -39.31 -1.14
C GLY A 387 2.10 -39.26 -0.20
N SER A 388 2.08 -38.34 0.77
CA SER A 388 3.16 -38.19 1.72
C SER A 388 2.60 -37.65 3.02
N PRO A 389 3.01 -38.19 4.18
CA PRO A 389 2.47 -37.68 5.44
C PRO A 389 3.10 -36.39 5.93
N ASP A 390 4.41 -36.24 5.73
CA ASP A 390 5.15 -35.15 6.34
C ASP A 390 6.17 -34.54 5.36
N GLN A 391 5.74 -34.30 4.13
CA GLN A 391 6.57 -33.62 3.15
C GLN A 391 5.76 -32.52 2.47
N VAL A 392 6.38 -31.35 2.30
CA VAL A 392 5.71 -30.19 1.73
C VAL A 392 6.66 -29.51 0.75
N ASP A 393 6.06 -28.71 -0.14
CA ASP A 393 6.79 -27.87 -1.08
C ASP A 393 6.35 -26.42 -0.87
N VAL A 394 7.32 -25.52 -0.75
CA VAL A 394 7.06 -24.12 -0.44
C VAL A 394 7.15 -23.33 -1.73
N VAL A 395 6.00 -23.10 -2.36
CA VAL A 395 5.94 -22.38 -3.62
C VAL A 395 5.88 -20.88 -3.35
N TYR A 396 6.55 -20.11 -4.19
CA TYR A 396 6.48 -18.65 -4.17
C TYR A 396 5.97 -18.17 -5.52
N LYS A 397 4.93 -17.35 -5.49
CA LYS A 397 4.35 -16.77 -6.70
C LYS A 397 4.66 -15.28 -6.69
N VAL A 398 5.47 -14.83 -7.65
CA VAL A 398 5.91 -13.45 -7.73
C VAL A 398 5.37 -12.83 -9.02
N LYS A 399 5.09 -11.53 -8.96
CA LYS A 399 4.64 -10.77 -10.12
C LYS A 399 5.73 -9.75 -10.44
N GLU A 400 6.41 -9.95 -11.58
CA GLU A 400 7.55 -9.13 -11.91
C GLU A 400 7.16 -7.67 -12.06
N ARG A 401 7.95 -6.79 -11.45
CA ARG A 401 7.80 -5.35 -11.56
C ARG A 401 8.92 -4.79 -12.43
N ASN A 402 8.75 -3.56 -12.89
CA ASN A 402 9.80 -2.89 -13.65
C ASN A 402 10.91 -2.43 -12.72
N THR A 403 12.11 -2.31 -13.27
CA THR A 403 13.29 -1.96 -12.49
C THR A 403 13.96 -0.67 -12.95
N GLY A 404 14.08 -0.45 -14.26
CA GLY A 404 14.69 0.76 -14.74
C GLY A 404 13.88 1.99 -14.35
N SER A 405 14.59 3.08 -14.09
CA SER A 405 13.93 4.32 -13.67
C SER A 405 14.90 5.47 -13.75
N PHE A 406 14.45 6.60 -14.26
CA PHE A 406 15.26 7.81 -14.31
C PHE A 406 14.58 8.89 -13.49
N ASN A 407 15.37 9.60 -12.69
CA ASN A 407 14.87 10.60 -11.77
C ASN A 407 15.58 11.93 -11.99
N PHE A 408 14.90 13.00 -11.61
CA PHE A 408 15.42 14.36 -11.77
C PHE A 408 14.88 15.21 -10.62
N GLY A 409 15.75 15.53 -9.67
CA GLY A 409 15.36 16.33 -8.52
C GLY A 409 16.08 17.66 -8.45
N ILE A 410 15.50 18.61 -7.73
CA ILE A 410 16.09 19.93 -7.55
C ILE A 410 15.83 20.37 -6.10
N GLY A 411 16.83 21.01 -5.50
CA GLY A 411 16.73 21.45 -4.13
C GLY A 411 17.38 22.79 -3.92
N TYR A 412 17.18 23.34 -2.72
CA TYR A 412 17.73 24.62 -2.35
C TYR A 412 18.43 24.51 -1.00
N GLY A 413 19.35 25.42 -0.75
CA GLY A 413 20.05 25.45 0.52
C GLY A 413 20.95 26.65 0.62
N THR A 414 21.30 27.00 1.86
CA THR A 414 22.24 28.08 2.11
C THR A 414 23.68 27.65 1.89
N GLU A 415 23.98 26.36 2.02
CA GLU A 415 25.32 25.84 1.78
C GLU A 415 25.53 25.38 0.34
N SER A 416 24.48 25.39 -0.48
CA SER A 416 24.58 24.88 -1.84
C SER A 416 23.84 25.73 -2.87
N GLY A 417 23.28 26.87 -2.48
CA GLY A 417 22.48 27.65 -3.41
C GLY A 417 21.33 26.83 -3.97
N VAL A 418 21.41 26.51 -5.25
CA VAL A 418 20.44 25.63 -5.92
C VAL A 418 21.18 24.40 -6.41
N SER A 419 20.67 23.23 -6.07
CA SER A 419 21.30 21.95 -6.40
C SER A 419 20.43 21.21 -7.40
N PHE A 420 21.04 20.77 -8.49
CA PHE A 420 20.40 19.95 -9.50
C PHE A 420 20.89 18.52 -9.39
N GLN A 421 20.00 17.56 -9.59
CA GLN A 421 20.35 16.15 -9.56
C GLN A 421 19.56 15.42 -10.63
N ALA A 422 20.22 14.52 -11.35
CA ALA A 422 19.57 13.72 -12.38
C ALA A 422 20.25 12.37 -12.44
N GLY A 423 19.56 11.39 -13.01
CA GLY A 423 20.19 10.09 -13.20
C GLY A 423 19.23 9.10 -13.81
N VAL A 424 19.82 8.01 -14.30
CA VAL A 424 19.09 6.86 -14.82
C VAL A 424 19.69 5.60 -14.21
N GLN A 425 18.85 4.74 -13.65
CA GLN A 425 19.29 3.58 -12.91
C GLN A 425 18.57 2.34 -13.43
N GLN A 426 19.27 1.20 -13.37
CA GLN A 426 18.70 -0.11 -13.67
C GLN A 426 19.16 -1.04 -12.56
N ASP A 427 18.24 -1.38 -11.66
CA ASP A 427 18.55 -2.16 -10.49
C ASP A 427 18.56 -3.66 -10.75
N ASN A 428 18.27 -4.09 -11.99
CA ASN A 428 18.32 -5.49 -12.35
C ASN A 428 18.71 -5.56 -13.83
N TRP A 429 19.99 -5.77 -14.08
CA TRP A 429 20.51 -5.80 -15.45
C TRP A 429 20.22 -7.16 -16.05
N LEU A 430 19.23 -7.21 -16.94
CA LEU A 430 18.83 -8.45 -17.61
C LEU A 430 18.39 -9.52 -16.62
N GLY A 431 17.97 -9.11 -15.42
CA GLY A 431 17.58 -10.08 -14.40
C GLY A 431 18.71 -10.93 -13.89
N THR A 432 19.87 -10.33 -13.61
CA THR A 432 21.03 -11.05 -13.09
C THR A 432 21.55 -10.48 -11.78
N GLY A 433 20.81 -9.59 -11.14
CA GLY A 433 21.22 -8.99 -9.89
C GLY A 433 22.10 -7.76 -10.02
N TYR A 434 22.90 -7.69 -11.08
CA TYR A 434 23.76 -6.55 -11.29
C TYR A 434 22.94 -5.27 -11.36
N ALA A 435 23.43 -4.21 -10.71
CA ALA A 435 22.79 -2.91 -10.75
C ALA A 435 23.73 -1.90 -11.38
N VAL A 436 23.24 -1.19 -12.41
CA VAL A 436 24.06 -0.24 -13.15
C VAL A 436 23.33 1.10 -13.19
N GLY A 437 24.03 2.17 -12.87
CA GLY A 437 23.43 3.48 -12.80
C GLY A 437 24.37 4.57 -13.28
N ILE A 438 23.76 5.63 -13.81
CA ILE A 438 24.45 6.85 -14.16
C ILE A 438 23.80 7.98 -13.36
N ASN A 439 24.62 8.75 -12.65
CA ASN A 439 24.15 9.83 -11.81
C ASN A 439 24.90 11.11 -12.14
N GLY A 440 24.25 12.23 -11.87
CA GLY A 440 24.85 13.53 -12.09
C GLY A 440 24.29 14.57 -11.15
N THR A 441 25.16 15.45 -10.64
CA THR A 441 24.74 16.50 -9.72
C THR A 441 25.50 17.78 -10.05
N LYS A 442 24.79 18.90 -9.94
CA LYS A 442 25.39 20.22 -10.12
C LYS A 442 25.06 21.04 -8.87
N ASN A 443 26.08 21.33 -8.09
CA ASN A 443 25.96 22.17 -6.92
C ASN A 443 26.27 23.62 -7.31
N ASP A 444 26.38 24.50 -6.31
CA ASP A 444 26.78 25.87 -6.58
C ASP A 444 28.27 25.97 -6.90
N TYR A 445 29.09 25.08 -6.34
CA TYR A 445 30.54 25.16 -6.47
C TYR A 445 31.17 23.91 -7.04
N GLN A 446 30.38 22.90 -7.42
CA GLN A 446 30.96 21.65 -7.91
C GLN A 446 30.00 20.98 -8.88
N THR A 447 30.57 20.10 -9.70
CA THR A 447 29.82 19.24 -10.60
C THR A 447 30.34 17.83 -10.47
N TYR A 448 29.44 16.86 -10.61
CA TYR A 448 29.77 15.46 -10.35
C TYR A 448 29.03 14.57 -11.33
N ALA A 449 29.76 13.71 -12.03
CA ALA A 449 29.17 12.71 -12.92
C ALA A 449 29.72 11.35 -12.54
N GLU A 450 28.83 10.37 -12.42
CA GLU A 450 29.22 9.06 -11.91
C GLU A 450 28.54 7.95 -12.72
N LEU A 451 29.28 6.86 -12.92
CA LEU A 451 28.75 5.65 -13.54
C LEU A 451 29.19 4.47 -12.68
N SER A 452 28.22 3.77 -12.11
CA SER A 452 28.51 2.71 -11.14
C SER A 452 27.86 1.41 -11.56
N VAL A 453 28.58 0.30 -11.42
CA VAL A 453 28.05 -1.03 -11.63
C VAL A 453 28.43 -1.89 -10.43
N THR A 454 27.44 -2.51 -9.82
CA THR A 454 27.65 -3.27 -8.59
C THR A 454 27.03 -4.65 -8.71
N ASN A 455 27.76 -5.65 -8.22
CA ASN A 455 27.27 -7.02 -8.05
C ASN A 455 27.04 -7.24 -6.56
N PRO A 456 25.78 -7.23 -6.09
CA PRO A 456 25.55 -7.35 -4.64
C PRO A 456 25.89 -8.72 -4.08
N TYR A 457 26.06 -9.74 -4.93
CA TYR A 457 26.42 -11.08 -4.49
C TYR A 457 27.62 -11.54 -5.32
N PHE A 458 28.82 -11.14 -4.89
CA PHE A 458 30.05 -11.64 -5.50
C PHE A 458 30.45 -12.99 -4.92
N THR A 459 30.06 -13.26 -3.67
CA THR A 459 30.25 -14.56 -3.04
C THR A 459 28.92 -15.00 -2.47
N VAL A 460 28.72 -16.31 -2.38
CA VAL A 460 27.44 -16.85 -1.94
C VAL A 460 27.09 -16.33 -0.55
N ASP A 461 28.11 -15.94 0.23
CA ASP A 461 27.85 -15.43 1.57
C ASP A 461 27.07 -14.13 1.53
N GLY A 462 27.36 -13.26 0.55
CA GLY A 462 26.71 -11.97 0.45
C GLY A 462 27.69 -10.81 0.34
N VAL A 463 28.92 -11.11 -0.03
CA VAL A 463 29.94 -10.08 -0.20
C VAL A 463 29.69 -9.34 -1.51
N SER A 464 29.59 -8.03 -1.44
CA SER A 464 29.31 -7.21 -2.62
C SER A 464 30.61 -6.77 -3.28
N LEU A 465 30.55 -6.55 -4.59
CA LEU A 465 31.71 -6.09 -5.35
C LEU A 465 31.25 -5.02 -6.34
N GLY A 466 31.76 -3.81 -6.20
CA GLY A 466 31.29 -2.69 -6.99
C GLY A 466 32.42 -1.92 -7.65
N GLY A 467 32.08 -1.29 -8.76
CA GLY A 467 33.01 -0.43 -9.46
C GLY A 467 32.33 0.87 -9.84
N ARG A 468 33.13 1.94 -9.88
CA ARG A 468 32.58 3.28 -10.00
C ARG A 468 33.57 4.18 -10.73
N LEU A 469 33.11 4.85 -11.78
CA LEU A 469 33.89 5.82 -12.53
C LEU A 469 33.28 7.20 -12.31
N PHE A 470 34.12 8.17 -11.92
CA PHE A 470 33.61 9.49 -11.56
C PHE A 470 34.45 10.59 -12.20
N TYR A 471 33.77 11.66 -12.60
CA TYR A 471 34.38 12.91 -13.03
C TYR A 471 33.85 14.01 -12.15
N ASN A 472 34.75 14.70 -11.44
CA ASN A 472 34.39 15.66 -10.40
C ASN A 472 35.11 16.97 -10.65
N ASP A 473 34.35 18.05 -10.76
CA ASP A 473 34.90 19.39 -10.95
C ASP A 473 34.56 20.22 -9.72
N PHE A 474 35.56 20.93 -9.19
CA PHE A 474 35.42 21.72 -7.98
C PHE A 474 35.89 23.14 -8.25
N GLN A 475 35.05 24.11 -7.93
CA GLN A 475 35.35 25.53 -8.10
C GLN A 475 35.37 26.15 -6.71
N ALA A 476 36.54 26.13 -6.07
CA ALA A 476 36.65 26.60 -4.69
C ALA A 476 36.26 28.05 -4.53
N ASP A 477 36.27 28.83 -5.60
CA ASP A 477 35.90 30.25 -5.50
C ASP A 477 34.47 30.40 -5.01
N ASP A 478 33.55 29.58 -5.55
CA ASP A 478 32.14 29.67 -5.19
C ASP A 478 31.82 29.01 -3.86
N ALA A 479 32.74 28.22 -3.30
CA ALA A 479 32.51 27.51 -2.05
C ALA A 479 32.98 28.30 -0.83
N ASP A 480 33.10 29.62 -0.95
CA ASP A 480 33.57 30.45 0.16
C ASP A 480 34.95 29.97 0.63
N LEU A 481 35.90 30.03 -0.29
CA LEU A 481 37.23 29.48 -0.04
C LEU A 481 38.22 30.20 -0.94
N SER A 482 39.51 29.93 -0.71
CA SER A 482 40.55 30.50 -1.55
C SER A 482 40.38 30.04 -2.99
N ASP A 483 40.70 30.92 -3.93
CA ASP A 483 40.43 30.65 -5.33
C ASP A 483 41.38 29.56 -5.86
N TYR A 484 40.80 28.44 -6.27
CA TYR A 484 41.55 27.40 -6.98
C TYR A 484 40.59 26.40 -7.60
N THR A 485 40.76 26.11 -8.88
CA THR A 485 39.91 25.17 -9.60
C THR A 485 40.57 23.80 -9.63
N ASN A 486 39.77 22.75 -9.49
CA ASN A 486 40.29 21.39 -9.41
C ASN A 486 39.40 20.48 -10.23
N LYS A 487 39.91 20.01 -11.36
CA LYS A 487 39.19 19.06 -12.21
C LYS A 487 39.85 17.69 -12.05
N SER A 488 39.04 16.67 -11.73
CA SER A 488 39.59 15.37 -11.41
C SER A 488 38.70 14.29 -12.00
N TYR A 489 39.29 13.12 -12.20
CA TYR A 489 38.53 11.95 -12.62
C TYR A 489 39.22 10.70 -12.11
N GLY A 490 38.44 9.67 -11.85
CA GLY A 490 39.02 8.46 -11.28
C GLY A 490 38.06 7.29 -11.33
N THR A 491 38.56 6.16 -10.86
CA THR A 491 37.79 4.92 -10.80
C THR A 491 38.15 4.15 -9.53
N ASP A 492 37.13 3.61 -8.87
CA ASP A 492 37.30 2.87 -7.63
C ASP A 492 36.59 1.52 -7.73
N VAL A 493 37.23 0.48 -7.17
CA VAL A 493 36.64 -0.84 -7.06
C VAL A 493 36.70 -1.26 -5.60
N THR A 494 35.54 -1.65 -5.06
CA THR A 494 35.40 -1.90 -3.63
C THR A 494 34.69 -3.22 -3.38
N LEU A 495 34.97 -3.81 -2.21
CA LEU A 495 34.33 -5.02 -1.73
C LEU A 495 33.66 -4.72 -0.40
N GLY A 496 32.46 -5.24 -0.22
CA GLY A 496 31.70 -5.05 1.00
C GLY A 496 31.40 -6.34 1.73
N PHE A 497 31.83 -6.43 2.99
CA PHE A 497 31.61 -7.61 3.82
C PHE A 497 30.57 -7.29 4.90
N PRO A 498 29.42 -7.97 4.93
CA PRO A 498 28.51 -7.80 6.06
C PRO A 498 28.81 -8.77 7.19
N ILE A 499 28.98 -8.26 8.42
CA ILE A 499 29.17 -9.12 9.58
C ILE A 499 27.84 -9.52 10.18
N ASN A 500 26.99 -8.54 10.46
CA ASN A 500 25.68 -8.77 11.06
C ASN A 500 24.69 -7.84 10.37
N GLU A 501 23.50 -7.70 10.97
CA GLU A 501 22.51 -6.77 10.46
C GLU A 501 22.83 -5.33 10.82
N TYR A 502 23.85 -5.08 11.64
CA TYR A 502 24.18 -3.75 12.11
C TYR A 502 25.66 -3.42 11.95
N ASN A 503 26.36 -4.09 11.04
CA ASN A 503 27.77 -3.81 10.81
C ASN A 503 28.10 -4.11 9.35
N SER A 504 29.05 -3.36 8.81
CA SER A 504 29.49 -3.59 7.44
C SER A 504 30.87 -3.00 7.24
N LEU A 505 31.79 -3.81 6.70
CA LEU A 505 33.11 -3.34 6.31
C LEU A 505 33.15 -3.11 4.80
N ARG A 506 33.94 -2.13 4.39
CA ARG A 506 34.23 -1.89 2.99
C ARG A 506 35.73 -1.75 2.82
N ALA A 507 36.27 -2.38 1.78
CA ALA A 507 37.70 -2.31 1.50
C ALA A 507 37.91 -2.34 0.00
N GLY A 508 38.74 -1.45 -0.51
CA GLY A 508 38.90 -1.40 -1.96
C GLY A 508 40.08 -0.56 -2.37
N LEU A 509 40.26 -0.48 -3.68
CA LEU A 509 41.31 0.32 -4.29
C LEU A 509 40.68 1.40 -5.16
N GLY A 510 41.46 2.44 -5.43
CA GLY A 510 40.98 3.51 -6.29
C GLY A 510 42.15 4.23 -6.93
N TYR A 511 41.90 4.83 -8.08
CA TYR A 511 42.87 5.65 -8.77
C TYR A 511 42.21 6.96 -9.14
N VAL A 512 42.84 8.06 -8.77
CA VAL A 512 42.29 9.40 -8.98
C VAL A 512 43.36 10.29 -9.59
N HIS A 513 43.00 11.00 -10.65
CA HIS A 513 43.87 11.97 -11.29
C HIS A 513 43.26 13.35 -11.09
N ASN A 514 44.05 14.26 -10.50
CA ASN A 514 43.61 15.61 -10.19
C ASN A 514 44.42 16.61 -11.01
N SER A 515 43.78 17.75 -11.31
CA SER A 515 44.44 18.84 -12.03
C SER A 515 43.97 20.15 -11.41
N LEU A 516 44.91 20.87 -10.80
CA LEU A 516 44.65 22.16 -10.19
C LEU A 516 45.06 23.27 -11.13
N SER A 517 44.25 24.31 -11.20
CA SER A 517 44.51 25.44 -12.08
C SER A 517 43.94 26.70 -11.46
N ASN A 518 44.45 27.85 -11.91
CA ASN A 518 44.02 29.15 -11.42
C ASN A 518 44.25 29.28 -9.91
N MET A 519 45.30 28.64 -9.42
CA MET A 519 45.55 28.60 -7.98
C MET A 519 45.98 29.97 -7.48
N GLN A 520 45.52 30.31 -6.27
CA GLN A 520 45.77 31.62 -5.69
C GLN A 520 47.04 31.58 -4.85
N PRO A 521 48.04 32.41 -5.13
CA PRO A 521 49.27 32.38 -4.32
C PRO A 521 48.98 32.63 -2.85
N GLN A 522 49.33 31.64 -2.02
CA GLN A 522 49.15 31.76 -0.58
C GLN A 522 50.15 30.83 0.11
N VAL A 523 50.34 31.07 1.40
CA VAL A 523 51.46 30.45 2.12
C VAL A 523 51.31 28.93 2.18
N ALA A 524 50.15 28.45 2.63
CA ALA A 524 49.99 27.02 2.85
C ALA A 524 50.07 26.23 1.55
N MET A 525 49.40 26.72 0.50
CA MET A 525 49.45 26.05 -0.79
C MET A 525 50.86 26.01 -1.34
N TRP A 526 51.60 27.11 -1.20
CA TRP A 526 52.99 27.13 -1.66
C TRP A 526 53.85 26.19 -0.83
N ARG A 527 53.57 26.05 0.47
CA ARG A 527 54.28 25.08 1.28
C ARG A 527 54.05 23.67 0.77
N TYR A 528 52.78 23.34 0.45
CA TYR A 528 52.48 22.02 -0.09
C TYR A 528 53.19 21.80 -1.41
N LEU A 529 53.18 22.80 -2.29
CA LEU A 529 53.84 22.66 -3.57
C LEU A 529 55.34 22.47 -3.40
N TYR A 530 55.96 23.23 -2.50
CA TYR A 530 57.39 23.07 -2.25
C TYR A 530 57.70 21.67 -1.74
N SER A 531 56.87 21.16 -0.82
CA SER A 531 57.07 19.82 -0.32
C SER A 531 56.96 18.79 -1.43
N MET A 532 55.98 18.97 -2.33
CA MET A 532 55.81 18.03 -3.43
C MET A 532 57.03 18.03 -4.35
N GLY A 533 57.57 19.21 -4.66
CA GLY A 533 58.75 19.30 -5.49
C GLY A 533 58.70 20.38 -6.55
N GLU A 534 57.64 21.19 -6.55
CA GLU A 534 57.48 22.28 -7.50
C GLU A 534 57.50 23.61 -6.77
N HIS A 535 58.15 24.60 -7.38
CA HIS A 535 58.27 25.94 -6.81
C HIS A 535 57.77 26.95 -7.84
N PRO A 536 56.50 27.31 -7.79
CA PRO A 536 55.97 28.31 -8.73
C PRO A 536 56.28 29.73 -8.26
N SER A 537 56.06 30.67 -9.17
CA SER A 537 56.29 32.08 -8.89
C SER A 537 55.06 32.67 -8.21
N THR A 538 55.28 33.29 -7.04
CA THR A 538 54.17 33.88 -6.31
C THR A 538 53.48 34.99 -7.12
N SER A 539 54.25 35.71 -7.95
CA SER A 539 53.67 36.79 -8.73
C SER A 539 52.60 36.28 -9.69
N ASP A 540 52.88 35.18 -10.38
CA ASP A 540 51.94 34.65 -11.35
C ASP A 540 50.65 34.24 -10.65
N GLN A 541 49.51 34.58 -11.27
CA GLN A 541 48.21 34.21 -10.75
C GLN A 541 47.62 32.98 -11.42
N ASP A 542 47.99 32.71 -12.67
CA ASP A 542 47.51 31.54 -13.40
C ASP A 542 48.60 30.47 -13.36
N ASN A 543 48.35 29.42 -12.61
CA ASN A 543 49.28 28.29 -12.47
C ASN A 543 48.63 27.03 -13.02
N SER A 544 49.37 25.93 -12.96
CA SER A 544 48.87 24.65 -13.43
C SER A 544 49.64 23.53 -12.73
N PHE A 545 48.91 22.51 -12.31
CA PHE A 545 49.53 21.35 -11.67
C PHE A 545 48.61 20.16 -11.89
N LYS A 546 49.20 18.96 -11.88
CA LYS A 546 48.39 17.76 -12.05
C LYS A 546 49.13 16.57 -11.46
N THR A 547 48.36 15.65 -10.89
CA THR A 547 48.93 14.47 -10.23
C THR A 547 48.01 13.29 -10.42
N ASP A 548 48.58 12.10 -10.28
CA ASP A 548 47.84 10.84 -10.35
C ASP A 548 48.21 10.00 -9.13
N ASP A 549 47.19 9.48 -8.44
CA ASP A 549 47.40 8.76 -7.19
C ASP A 549 46.59 7.47 -7.17
N PHE A 550 47.18 6.46 -6.54
CA PHE A 550 46.50 5.20 -6.24
C PHE A 550 46.34 5.10 -4.73
N THR A 551 45.12 4.84 -4.28
CA THR A 551 44.80 4.83 -2.86
C THR A 551 44.10 3.54 -2.49
N PHE A 552 44.34 3.10 -1.25
CA PHE A 552 43.64 1.99 -0.64
C PHE A 552 42.67 2.57 0.37
N ASN A 553 41.38 2.25 0.20
CA ASN A 553 40.30 2.80 1.01
C ASN A 553 39.73 1.70 1.90
N TYR A 554 39.47 2.05 3.15
CA TYR A 554 38.82 1.14 4.09
C TYR A 554 37.76 1.92 4.85
N GLY A 555 36.78 1.19 5.35
CA GLY A 555 35.70 1.82 6.08
C GLY A 555 34.88 0.80 6.84
N TRP A 556 34.19 1.30 7.86
CA TRP A 556 33.34 0.47 8.71
C TRP A 556 32.14 1.30 9.14
N THR A 557 30.95 0.76 8.92
CA THR A 557 29.71 1.44 9.29
C THR A 557 28.87 0.52 10.18
N TYR A 558 28.43 1.06 11.31
CA TYR A 558 27.56 0.35 12.24
C TYR A 558 26.29 1.18 12.41
N ASN A 559 25.15 0.61 12.03
CA ASN A 559 23.89 1.32 12.01
C ASN A 559 22.84 0.52 12.77
N LYS A 560 22.19 1.17 13.75
CA LYS A 560 21.18 0.50 14.57
C LYS A 560 19.99 1.40 14.87
N LEU A 561 19.83 2.50 14.14
CA LEU A 561 18.71 3.41 14.41
C LEU A 561 17.38 2.67 14.31
N ASP A 562 16.49 2.92 15.28
CA ASP A 562 15.22 2.23 15.30
C ASP A 562 14.32 2.67 14.15
N ARG A 563 14.29 3.97 13.84
CA ARG A 563 13.50 4.51 12.75
C ARG A 563 14.41 5.24 11.78
N GLY A 564 14.20 4.99 10.47
CA GLY A 564 15.02 5.64 9.47
C GLY A 564 14.84 7.15 9.45
N TYR A 565 13.60 7.61 9.54
CA TYR A 565 13.27 9.03 9.52
C TYR A 565 12.82 9.46 10.91
N PHE A 566 13.33 10.60 11.36
CA PHE A 566 13.05 11.12 12.70
C PHE A 566 13.38 10.06 13.75
N PRO A 567 14.65 9.67 13.89
CA PRO A 567 15.00 8.61 14.83
C PRO A 567 14.68 9.01 16.26
N THR A 568 14.58 8.00 17.12
CA THR A 568 14.30 8.23 18.53
C THR A 568 15.27 7.49 19.43
N ASP A 569 15.85 6.40 18.93
CA ASP A 569 16.71 5.55 19.74
C ASP A 569 17.71 4.85 18.83
N GLY A 570 18.95 4.74 19.30
CA GLY A 570 19.96 3.94 18.63
C GLY A 570 21.20 4.75 18.28
N SER A 571 22.25 4.01 17.92
CA SER A 571 23.54 4.58 17.58
C SER A 571 23.80 4.43 16.09
N ARG A 572 24.79 5.18 15.62
CA ARG A 572 25.23 5.09 14.23
C ARG A 572 26.66 5.63 14.16
N VAL A 573 27.62 4.75 13.87
CA VAL A 573 29.04 5.10 13.86
C VAL A 573 29.60 4.79 12.49
N ASN A 574 30.26 5.77 11.88
CA ASN A 574 30.89 5.61 10.58
C ASN A 574 32.35 5.99 10.70
N LEU A 575 33.23 5.13 10.21
CA LEU A 575 34.68 5.36 10.24
C LEU A 575 35.24 5.06 8.87
N THR A 576 35.74 6.10 8.19
CA THR A 576 36.32 5.97 6.87
C THR A 576 37.80 6.30 6.93
N GLY A 577 38.57 5.75 6.01
CA GLY A 577 39.99 6.03 5.97
C GLY A 577 40.58 5.63 4.64
N LYS A 578 41.73 6.24 4.33
CA LYS A 578 42.42 5.96 3.08
C LYS A 578 43.91 6.21 3.26
N VAL A 579 44.71 5.44 2.55
CA VAL A 579 46.16 5.64 2.52
C VAL A 579 46.62 5.49 1.08
N THR A 580 47.47 6.40 0.62
CA THR A 580 47.96 6.29 -0.75
C THR A 580 49.10 5.27 -0.78
N ILE A 581 48.98 4.29 -1.67
CA ILE A 581 49.95 3.20 -1.74
C ILE A 581 51.23 3.69 -2.41
N PRO A 582 52.38 3.06 -2.16
CA PRO A 582 53.61 3.49 -2.83
C PRO A 582 53.49 3.37 -4.34
N GLY A 583 54.22 4.23 -5.04
CA GLY A 583 54.12 4.33 -6.48
C GLY A 583 53.22 5.42 -6.99
N SER A 584 52.92 6.43 -6.18
CA SER A 584 52.06 7.53 -6.56
C SER A 584 52.72 8.84 -6.20
N ASP A 585 52.26 9.92 -6.85
CA ASP A 585 52.87 11.22 -6.64
C ASP A 585 52.74 11.67 -5.18
N ASN A 586 51.56 11.48 -4.59
CA ASN A 586 51.31 11.89 -3.22
C ASN A 586 51.61 10.75 -2.25
N GLU A 587 51.98 11.11 -1.02
CA GLU A 587 52.28 10.15 0.04
C GLU A 587 51.60 10.66 1.31
N TYR A 588 50.45 10.10 1.65
CA TYR A 588 49.68 10.58 2.79
C TYR A 588 48.61 9.56 3.16
N TYR A 589 47.90 9.88 4.23
CA TYR A 589 46.76 9.09 4.70
C TYR A 589 45.78 10.03 5.39
N LYS A 590 44.54 9.59 5.47
CA LYS A 590 43.47 10.35 6.09
C LYS A 590 42.50 9.40 6.77
N VAL A 591 41.82 9.89 7.81
CA VAL A 591 40.81 9.12 8.52
C VAL A 591 39.78 10.07 9.09
N THR A 592 38.52 9.64 9.04
CA THR A 592 37.39 10.39 9.58
C THR A 592 36.48 9.45 10.34
N LEU A 593 35.79 9.99 11.35
CA LEU A 593 34.90 9.18 12.18
C LEU A 593 33.76 10.08 12.65
N ASP A 594 32.55 9.81 12.15
CA ASP A 594 31.37 10.57 12.51
C ASP A 594 30.38 9.67 13.24
N THR A 595 29.84 10.18 14.35
CA THR A 595 28.99 9.40 15.23
C THR A 595 27.71 10.17 15.52
N ALA A 596 26.60 9.43 15.56
CA ALA A 596 25.32 9.96 16.02
C ALA A 596 24.72 8.97 17.01
N THR A 597 24.01 9.50 17.99
CA THR A 597 23.45 8.64 19.04
C THR A 597 22.19 9.31 19.57
N TYR A 598 21.04 8.68 19.37
CA TYR A 598 19.77 9.14 19.92
C TYR A 598 19.44 8.29 21.15
N VAL A 599 19.37 8.94 22.31
CA VAL A 599 19.04 8.31 23.57
C VAL A 599 17.68 8.83 24.00
N PRO A 600 16.68 7.95 24.20
CA PRO A 600 15.38 8.43 24.68
C PRO A 600 15.36 8.56 26.18
N ILE A 601 14.70 9.62 26.65
CA ILE A 601 14.61 9.90 28.08
C ILE A 601 13.23 9.59 28.64
N ASP A 602 12.17 9.69 27.84
CA ASP A 602 10.82 9.42 28.31
C ASP A 602 10.46 7.96 28.02
N ASP A 603 9.19 7.61 28.22
CA ASP A 603 8.73 6.26 27.95
C ASP A 603 8.17 6.09 26.55
N ASP A 604 7.65 7.15 25.94
CA ASP A 604 7.07 7.10 24.61
C ASP A 604 8.04 7.51 23.51
N HIS A 605 9.30 7.80 23.86
CA HIS A 605 10.30 8.22 22.88
C HIS A 605 9.89 9.53 22.21
N LYS A 606 9.49 10.50 23.03
CA LYS A 606 9.13 11.83 22.56
C LYS A 606 10.17 12.88 22.91
N TRP A 607 10.80 12.76 24.08
CA TRP A 607 11.91 13.62 24.48
C TRP A 607 13.20 12.83 24.30
N VAL A 608 14.10 13.33 23.43
CA VAL A 608 15.29 12.57 23.06
C VAL A 608 16.51 13.46 23.17
N VAL A 609 17.68 12.81 23.23
CA VAL A 609 18.97 13.50 23.27
C VAL A 609 19.83 12.96 22.14
N LEU A 610 20.39 13.85 21.32
CA LEU A 610 21.16 13.48 20.14
C LEU A 610 22.59 13.97 20.32
N GLY A 611 23.52 13.03 20.47
CA GLY A 611 24.93 13.32 20.69
C GLY A 611 25.83 13.29 19.47
N ARG A 612 25.68 14.21 18.52
CA ARG A 612 26.49 14.15 17.31
C ARG A 612 27.95 14.45 17.62
N THR A 613 28.86 13.75 16.94
CA THR A 613 30.28 14.02 17.04
C THR A 613 30.95 13.72 15.71
N ARG A 614 32.12 14.32 15.49
CA ARG A 614 32.81 14.20 14.20
C ARG A 614 34.28 14.50 14.42
N TRP A 615 35.13 13.48 14.32
CA TRP A 615 36.58 13.64 14.39
C TRP A 615 37.19 13.36 13.04
N GLY A 616 38.36 13.96 12.80
CA GLY A 616 39.07 13.72 11.55
C GLY A 616 40.51 14.15 11.58
N TYR A 617 41.41 13.30 11.07
CA TYR A 617 42.83 13.60 11.08
C TYR A 617 43.50 12.99 9.85
N GLY A 618 44.45 13.71 9.29
CA GLY A 618 45.18 13.23 8.13
C GLY A 618 46.53 13.90 8.05
N ASP A 619 47.47 13.22 7.40
CA ASP A 619 48.82 13.75 7.31
C ASP A 619 49.60 13.01 6.24
N GLY A 620 50.69 13.64 5.78
CA GLY A 620 51.58 12.99 4.85
C GLY A 620 52.44 11.94 5.53
N LEU A 621 52.88 10.96 4.73
CA LEU A 621 53.66 9.87 5.29
C LEU A 621 55.13 10.23 5.40
N GLY A 622 55.78 10.52 4.28
CA GLY A 622 57.19 10.86 4.28
C GLY A 622 57.42 12.35 4.41
N GLY A 623 58.28 12.90 3.55
CA GLY A 623 58.50 14.33 3.53
C GLY A 623 57.41 15.12 2.82
N LYS A 624 56.50 14.42 2.13
CA LYS A 624 55.42 15.08 1.42
C LYS A 624 54.45 15.71 2.41
N GLU A 625 53.44 16.38 1.86
CA GLU A 625 52.39 17.02 2.65
C GLU A 625 51.04 16.55 2.17
N MET A 626 50.08 16.49 3.08
CA MET A 626 48.72 16.15 2.72
C MET A 626 48.21 17.18 1.71
N PRO A 627 47.57 16.75 0.61
CA PRO A 627 47.16 17.73 -0.40
C PRO A 627 46.24 18.79 0.17
N PHE A 628 46.40 20.03 -0.30
CA PHE A 628 45.57 21.14 0.14
C PHE A 628 44.17 21.08 -0.45
N TYR A 629 43.91 20.17 -1.38
CA TYR A 629 42.56 19.97 -1.93
C TYR A 629 41.86 18.79 -1.28
N GLU A 630 42.32 18.34 -0.11
CA GLU A 630 41.69 17.23 0.59
C GLU A 630 41.59 17.49 2.10
N ASN A 631 41.76 18.73 2.53
CA ASN A 631 41.69 19.03 3.96
C ASN A 631 40.25 19.05 4.43
N PHE A 632 40.10 19.01 5.76
CA PHE A 632 38.78 18.98 6.37
C PHE A 632 38.16 20.38 6.37
N TYR A 633 36.92 20.47 6.81
CA TYR A 633 36.20 21.73 6.86
C TYR A 633 35.22 21.69 8.01
N ALA A 634 34.78 22.87 8.44
CA ALA A 634 33.84 23.00 9.53
C ALA A 634 32.88 24.14 9.22
N GLY A 635 32.11 24.55 10.21
CA GLY A 635 31.12 25.58 9.98
C GLY A 635 29.95 25.05 9.17
N GLY A 636 29.24 25.97 8.54
CA GLY A 636 28.12 25.57 7.71
C GLY A 636 26.98 24.99 8.54
N SER A 637 26.08 24.30 7.85
CA SER A 637 24.93 23.68 8.49
C SER A 637 25.19 22.25 8.92
N SER A 638 26.08 21.54 8.22
CA SER A 638 26.31 20.12 8.53
C SER A 638 27.08 19.96 9.83
N THR A 639 28.16 20.72 10.01
CA THR A 639 29.08 20.49 11.12
C THR A 639 28.66 21.24 12.38
N VAL A 640 28.64 22.58 12.33
CA VAL A 640 28.23 23.40 13.46
C VAL A 640 27.41 24.56 12.92
N ARG A 641 26.15 24.65 13.37
CA ARG A 641 25.29 25.73 12.92
C ARG A 641 25.72 27.05 13.54
N GLY A 642 25.34 28.15 12.89
CA GLY A 642 25.70 29.47 13.34
C GLY A 642 26.95 30.05 12.74
N PHE A 643 27.51 29.40 11.71
CA PHE A 643 28.68 29.90 11.03
C PHE A 643 28.47 29.75 9.53
N GLN A 644 29.11 30.62 8.75
CA GLN A 644 29.04 30.48 7.31
C GLN A 644 29.74 29.21 6.88
N SER A 645 29.31 28.66 5.75
CA SER A 645 29.86 27.40 5.28
C SER A 645 31.37 27.50 5.11
N ASN A 646 32.08 26.53 5.67
CA ASN A 646 33.53 26.34 5.51
C ASN A 646 34.35 27.41 6.22
N THR A 647 33.73 28.33 6.95
CA THR A 647 34.46 29.47 7.48
C THR A 647 35.45 29.06 8.58
N ILE A 648 35.04 28.15 9.46
CA ILE A 648 35.87 27.82 10.61
C ILE A 648 37.20 27.23 10.16
N GLY A 649 38.27 27.62 10.83
CA GLY A 649 39.58 27.07 10.57
C GLY A 649 40.60 28.14 10.25
N PRO A 650 41.82 27.72 9.92
CA PRO A 650 42.86 28.68 9.53
C PRO A 650 42.45 29.47 8.30
N LYS A 651 42.90 30.72 8.25
CA LYS A 651 42.63 31.60 7.13
C LYS A 651 43.86 31.66 6.21
N ALA A 652 43.61 32.10 4.98
CA ALA A 652 44.67 32.14 3.98
C ALA A 652 45.55 33.37 4.16
N VAL A 653 46.85 33.19 3.91
CA VAL A 653 47.82 34.27 3.92
C VAL A 653 48.34 34.42 2.49
N TYR A 654 48.16 35.60 1.92
CA TYR A 654 48.44 35.83 0.50
C TYR A 654 49.80 36.46 0.31
N PHE A 655 50.43 36.13 -0.82
CA PHE A 655 51.69 36.72 -1.24
C PHE A 655 51.44 37.96 -2.09
N PRO A 656 52.46 38.81 -2.27
CA PRO A 656 52.27 39.99 -3.12
C PRO A 656 52.25 39.64 -4.60
N HIS A 657 51.10 39.19 -5.08
CA HIS A 657 50.92 38.76 -6.46
C HIS A 657 50.17 39.82 -7.25
N GLN A 658 50.39 39.81 -8.57
CA GLN A 658 49.61 40.62 -9.50
C GLN A 658 48.65 39.71 -10.25
N ALA A 659 47.36 40.02 -10.17
CA ALA A 659 46.36 39.16 -10.78
C ALA A 659 46.43 39.21 -12.30
N SER A 660 46.20 38.07 -12.94
CA SER A 660 46.18 38.05 -14.40
C SER A 660 45.09 38.95 -14.95
N ASN A 661 43.90 38.90 -14.36
CA ASN A 661 42.80 39.81 -14.68
C ASN A 661 42.49 40.64 -13.44
N TYR A 662 42.50 41.96 -13.61
CA TYR A 662 42.29 42.89 -12.51
C TYR A 662 41.31 43.97 -12.93
N ASP A 663 40.46 44.38 -11.99
CA ASP A 663 39.51 45.46 -12.19
C ASP A 663 39.59 46.41 -11.00
N PRO A 664 39.57 47.73 -11.22
CA PRO A 664 39.68 48.65 -10.08
C PRO A 664 38.63 48.52 -8.99
N ASP A 665 39.09 48.69 -7.75
CA ASP A 665 38.29 48.59 -6.53
C ASP A 665 38.02 47.12 -6.14
N TYR A 666 38.70 46.17 -6.76
CA TYR A 666 38.55 44.75 -6.45
C TYR A 666 39.78 44.26 -5.73
N ASP A 667 39.58 43.58 -4.59
CA ASP A 667 40.71 43.06 -3.83
C ASP A 667 41.55 42.10 -4.65
N TYR A 668 40.90 41.13 -5.30
CA TYR A 668 41.60 40.09 -6.04
C TYR A 668 42.66 39.43 -5.18
N GLU A 669 42.30 39.17 -3.92
CA GLU A 669 43.15 38.42 -2.98
C GLU A 669 44.49 39.12 -2.76
N CYS A 670 44.42 40.32 -2.20
CA CYS A 670 45.60 41.06 -1.77
C CYS A 670 46.62 41.17 -2.91
N ALA A 671 46.12 41.56 -4.08
CA ALA A 671 46.95 41.59 -5.28
C ALA A 671 47.79 42.87 -5.32
N THR A 672 49.00 42.74 -5.85
CA THR A 672 49.86 43.89 -6.07
C THR A 672 49.18 44.91 -6.98
N GLN A 673 48.28 44.45 -7.85
CA GLN A 673 47.53 45.39 -8.68
C GLN A 673 46.73 46.35 -7.82
N ASP A 674 46.10 45.85 -6.76
CA ASP A 674 45.37 46.71 -5.84
C ASP A 674 46.33 47.58 -5.02
N GLY A 675 47.53 47.08 -4.74
CA GLY A 675 48.51 47.84 -3.98
C GLY A 675 49.23 47.02 -2.93
N ALA A 676 48.93 45.73 -2.85
CA ALA A 676 49.57 44.88 -1.86
C ALA A 676 51.06 44.71 -2.17
N LYS A 677 51.88 44.75 -1.12
CA LYS A 677 53.33 44.59 -1.28
C LYS A 677 53.94 43.70 -0.21
N ASP A 678 53.14 42.98 0.57
CA ASP A 678 53.66 42.09 1.61
C ASP A 678 52.56 41.12 1.99
N LEU A 679 52.94 40.13 2.81
CA LEU A 679 51.96 39.17 3.30
C LEU A 679 50.85 39.87 4.06
N CYS A 680 49.61 39.52 3.75
CA CYS A 680 48.46 40.11 4.43
C CYS A 680 47.44 39.01 4.71
N LYS A 681 46.94 38.97 5.95
CA LYS A 681 45.94 37.99 6.32
C LYS A 681 44.56 38.44 5.87
N SER A 682 43.68 37.46 5.68
CA SER A 682 42.33 37.71 5.16
C SER A 682 41.36 36.77 5.86
N ASP A 683 40.10 36.82 5.44
CA ASP A 683 39.04 35.99 6.00
C ASP A 683 38.73 34.78 5.14
N ASP A 684 39.54 34.51 4.12
CA ASP A 684 39.29 33.38 3.23
C ASP A 684 39.75 32.09 3.90
N ALA A 685 38.80 31.24 4.25
CA ALA A 685 39.13 29.96 4.87
C ALA A 685 39.89 29.08 3.88
N VAL A 686 40.74 28.21 4.44
CA VAL A 686 41.54 27.31 3.61
C VAL A 686 41.28 25.86 4.03
N GLY A 687 40.94 25.66 5.30
CA GLY A 687 40.65 24.33 5.80
C GLY A 687 41.87 23.62 6.34
N GLY A 688 41.84 23.28 7.62
CA GLY A 688 42.95 22.57 8.23
C GLY A 688 42.86 21.07 7.99
N ASN A 689 43.90 20.37 8.45
CA ASN A 689 43.99 18.93 8.31
C ASN A 689 43.63 18.19 9.59
N ALA A 690 43.09 18.88 10.59
CA ALA A 690 42.59 18.22 11.79
C ALA A 690 41.27 18.88 12.18
N MET A 691 40.23 18.06 12.36
CA MET A 691 38.89 18.58 12.66
C MET A 691 38.32 17.84 13.87
N ALA A 692 37.65 18.60 14.73
CA ALA A 692 36.96 18.05 15.89
C ALA A 692 35.69 18.85 16.11
N VAL A 693 34.54 18.18 16.05
CA VAL A 693 33.24 18.83 16.20
C VAL A 693 32.37 17.95 17.08
N ALA A 694 31.51 18.61 17.87
CA ALA A 694 30.56 17.90 18.71
C ALA A 694 29.29 18.74 18.79
N SER A 695 28.19 18.09 19.17
CA SER A 695 26.90 18.78 19.21
C SER A 695 25.96 18.00 20.10
N LEU A 696 25.41 18.67 21.12
CA LEU A 696 24.40 18.09 21.99
C LEU A 696 23.06 18.73 21.65
N GLU A 697 22.09 17.90 21.27
CA GLU A 697 20.79 18.39 20.84
C GLU A 697 19.70 17.74 21.69
N PHE A 698 18.70 18.53 22.07
CA PHE A 698 17.55 18.04 22.80
C PHE A 698 16.33 18.14 21.90
N ILE A 699 15.71 16.99 21.60
CA ILE A 699 14.53 16.91 20.75
C ILE A 699 13.31 16.87 21.65
N THR A 700 12.40 17.82 21.46
CA THR A 700 11.17 17.88 22.24
C THR A 700 9.98 18.00 21.31
N PRO A 701 8.80 17.55 21.76
CA PRO A 701 7.60 17.71 20.93
C PRO A 701 7.32 19.19 20.69
N THR A 702 6.88 19.50 19.47
CA THR A 702 6.70 20.90 19.10
C THR A 702 5.56 21.51 19.92
N PRO A 703 5.80 22.61 20.62
CA PRO A 703 4.77 23.16 21.52
C PRO A 703 3.52 23.66 20.81
N PHE A 704 3.68 24.58 19.86
CA PHE A 704 2.53 25.31 19.30
C PHE A 704 2.07 24.61 18.03
N ILE A 705 1.31 23.52 18.21
CA ILE A 705 0.72 22.81 17.10
C ILE A 705 -0.34 21.86 17.65
N SER A 706 -1.40 21.62 16.88
CA SER A 706 -2.42 20.67 17.28
C SER A 706 -1.79 19.31 17.50
N ASP A 707 -2.24 18.60 18.53
CA ASP A 707 -1.65 17.30 18.85
C ASP A 707 -1.78 16.33 17.69
N LYS A 708 -2.72 16.56 16.78
CA LYS A 708 -2.72 15.83 15.52
C LYS A 708 -1.43 16.13 14.76
N TYR A 709 -0.91 15.11 14.07
CA TYR A 709 0.31 15.24 13.28
C TYR A 709 1.38 16.06 14.01
N ALA A 710 1.48 15.89 15.32
CA ALA A 710 2.52 16.54 16.10
C ALA A 710 3.86 15.82 16.03
N ASN A 711 3.87 14.57 15.56
CA ASN A 711 5.10 13.81 15.38
C ASN A 711 5.68 13.96 13.98
N SER A 712 5.04 14.75 13.12
CA SER A 712 5.53 14.98 11.77
C SER A 712 6.48 16.17 11.68
N VAL A 713 6.70 16.88 12.78
CA VAL A 713 7.66 17.98 12.85
C VAL A 713 8.57 17.73 14.04
N ARG A 714 9.88 17.82 13.83
CA ARG A 714 10.86 17.59 14.86
C ARG A 714 11.50 18.92 15.25
N THR A 715 11.36 19.30 16.51
CA THR A 715 11.89 20.56 17.03
C THR A 715 12.91 20.24 18.12
N SER A 716 14.02 21.00 18.12
CA SER A 716 15.10 20.71 19.04
C SER A 716 15.87 21.98 19.37
N PHE A 717 16.58 21.92 20.50
CA PHE A 717 17.52 22.94 20.92
C PHE A 717 18.93 22.35 20.91
N PHE A 718 19.85 23.01 20.23
CA PHE A 718 21.17 22.46 19.98
C PHE A 718 22.26 23.37 20.54
N TRP A 719 23.34 22.74 21.00
CA TRP A 719 24.56 23.42 21.40
C TRP A 719 25.73 22.74 20.69
N ASP A 720 26.43 23.48 19.83
CA ASP A 720 27.45 22.94 18.96
C ASP A 720 28.81 23.52 19.31
N MET A 721 29.83 22.67 19.23
CA MET A 721 31.22 23.05 19.41
C MET A 721 32.02 22.55 18.22
N GLY A 722 33.00 23.34 17.78
CA GLY A 722 33.79 22.97 16.63
C GLY A 722 35.16 23.58 16.66
N THR A 723 36.10 22.91 15.98
CA THR A 723 37.46 23.42 15.84
C THR A 723 38.23 22.69 14.75
N VAL A 724 38.83 23.45 13.84
CA VAL A 724 39.64 22.90 12.76
C VAL A 724 40.98 23.62 12.78
N TRP A 725 42.06 22.86 12.67
CA TRP A 725 43.40 23.44 12.72
C TRP A 725 44.33 22.66 11.79
N ASP A 726 45.43 23.32 11.44
CA ASP A 726 46.46 22.77 10.56
C ASP A 726 47.67 22.40 11.41
N THR A 727 47.93 21.10 11.55
CA THR A 727 49.01 20.66 12.43
C THR A 727 50.38 21.01 11.87
N ASN A 728 50.54 20.99 10.55
CA ASN A 728 51.84 21.13 9.92
C ASN A 728 52.23 22.58 9.65
N TRP A 729 51.39 23.53 10.04
CA TRP A 729 51.76 24.94 9.91
C TRP A 729 53.06 25.20 10.66
N ASP A 730 54.00 25.86 9.99
CA ASP A 730 55.33 26.04 10.55
C ASP A 730 55.26 26.82 11.85
N SER A 731 55.94 26.32 12.88
CA SER A 731 55.90 26.94 14.19
C SER A 731 56.69 28.25 14.17
N SER A 732 56.08 29.31 14.69
CA SER A 732 56.72 30.62 14.78
C SER A 732 57.22 31.10 13.42
N GLN A 733 56.49 30.72 12.36
CA GLN A 733 56.88 31.18 11.02
C GLN A 733 56.80 32.69 10.91
N TYR A 734 55.74 33.29 11.45
CA TYR A 734 55.59 34.74 11.48
C TYR A 734 54.88 35.12 12.77
N SER A 735 55.42 36.13 13.45
CA SER A 735 54.82 36.62 14.69
C SER A 735 53.63 37.53 14.46
N GLY A 736 53.40 37.98 13.24
CA GLY A 736 52.32 38.88 12.93
C GLY A 736 51.00 38.23 12.58
N TYR A 737 50.89 36.91 12.67
CA TYR A 737 49.66 36.21 12.36
C TYR A 737 49.35 35.20 13.45
N PRO A 738 48.08 34.85 13.64
CA PRO A 738 47.72 33.91 14.71
C PRO A 738 48.34 32.55 14.49
N ASP A 739 48.62 31.87 15.59
CA ASP A 739 49.17 30.51 15.54
C ASP A 739 48.07 29.54 15.15
N TYR A 740 47.86 29.36 13.85
CA TYR A 740 46.77 28.51 13.39
C TYR A 740 46.95 27.07 13.84
N SER A 741 48.19 26.63 14.04
CA SER A 741 48.44 25.26 14.49
C SER A 741 47.93 25.00 15.91
N ASP A 742 47.59 26.04 16.65
CA ASP A 742 47.10 25.86 18.02
C ASP A 742 45.68 25.29 17.99
N PRO A 743 45.43 24.12 18.58
CA PRO A 743 44.07 23.57 18.56
C PRO A 743 43.17 24.10 19.67
N SER A 744 43.72 24.80 20.67
CA SER A 744 42.90 25.23 21.80
C SER A 744 41.72 26.10 21.35
N ASN A 745 41.90 26.88 20.28
CA ASN A 745 40.82 27.74 19.80
C ASN A 745 39.60 26.90 19.43
N ILE A 746 38.53 27.06 20.20
CA ILE A 746 37.30 26.29 20.01
C ILE A 746 36.14 27.26 19.87
N ARG A 747 35.34 27.09 18.83
CA ARG A 747 34.15 27.90 18.61
C ARG A 747 32.92 27.17 19.12
N MET A 748 31.95 27.94 19.61
CA MET A 748 30.71 27.38 20.14
C MET A 748 29.53 28.21 19.63
N SER A 749 28.38 27.55 19.58
CA SER A 749 27.15 28.21 19.17
C SER A 749 25.97 27.49 19.80
N ALA A 750 24.85 28.20 19.90
CA ALA A 750 23.62 27.62 20.45
C ALA A 750 22.43 28.11 19.63
N GLY A 751 21.42 27.26 19.49
CA GLY A 751 20.29 27.66 18.68
C GLY A 751 19.15 26.67 18.73
N ILE A 752 18.18 26.91 17.85
CA ILE A 752 16.94 26.15 17.77
C ILE A 752 16.75 25.69 16.34
N ALA A 753 16.37 24.42 16.17
CA ALA A 753 16.22 23.82 14.85
C ALA A 753 14.87 23.14 14.72
N LEU A 754 14.33 23.18 13.50
CA LEU A 754 13.08 22.54 13.14
C LEU A 754 13.25 21.77 11.84
N GLN A 755 12.54 20.65 11.72
CA GLN A 755 12.56 19.86 10.49
C GLN A 755 11.19 19.27 10.25
N TRP A 756 10.82 19.15 8.98
CA TRP A 756 9.59 18.43 8.64
C TRP A 756 9.56 18.14 7.14
N MET A 757 8.70 17.21 6.76
CA MET A 757 8.60 16.73 5.38
C MET A 757 7.48 17.51 4.68
N SER A 758 7.84 18.63 4.06
CA SER A 758 6.91 19.38 3.23
C SER A 758 6.74 18.68 1.88
N PRO A 759 5.67 18.99 1.15
CA PRO A 759 5.56 18.42 -0.20
C PRO A 759 6.73 18.77 -1.09
N LEU A 760 7.33 19.95 -0.91
CA LEU A 760 8.51 20.33 -1.67
C LEU A 760 9.72 19.47 -1.33
N GLY A 761 9.73 18.83 -0.16
CA GLY A 761 10.84 18.01 0.24
C GLY A 761 11.08 18.08 1.73
N PRO A 762 12.20 17.54 2.21
CA PRO A 762 12.55 17.66 3.62
C PRO A 762 13.12 19.03 3.92
N LEU A 763 12.39 19.81 4.71
CA LEU A 763 12.79 21.16 5.10
C LEU A 763 13.45 21.13 6.47
N VAL A 764 14.55 21.88 6.60
CA VAL A 764 15.31 21.97 7.85
C VAL A 764 15.68 23.43 8.07
N PHE A 765 15.03 24.08 9.03
CA PHE A 765 15.35 25.44 9.44
C PHE A 765 16.16 25.41 10.72
N SER A 766 17.01 26.41 10.89
CA SER A 766 17.77 26.53 12.13
C SER A 766 18.17 27.99 12.34
N TYR A 767 18.01 28.46 13.57
CA TYR A 767 18.50 29.77 13.97
C TYR A 767 19.54 29.58 15.06
N ALA A 768 20.72 30.17 14.86
CA ALA A 768 21.88 29.92 15.70
C ALA A 768 22.54 31.24 16.09
N GLN A 769 23.25 31.19 17.21
CA GLN A 769 24.02 32.34 17.71
C GLN A 769 25.39 31.81 18.08
N PRO A 770 26.47 32.27 17.43
CA PRO A 770 27.84 31.87 17.79
C PRO A 770 28.49 32.77 18.84
N PHE A 771 28.12 32.55 20.10
CA PHE A 771 28.57 33.42 21.18
C PHE A 771 30.07 33.31 21.48
N LYS A 772 30.75 32.32 20.91
CA LYS A 772 32.18 32.12 21.17
C LYS A 772 33.00 32.17 19.89
N LYS A 773 32.53 32.91 18.89
CA LYS A 773 33.27 33.02 17.64
C LYS A 773 34.57 33.77 17.85
N TYR A 774 35.63 33.29 17.20
CA TYR A 774 36.94 33.93 17.28
C TYR A 774 37.09 34.97 16.17
N ASP A 775 38.17 35.73 16.24
CA ASP A 775 38.40 36.79 15.27
C ASP A 775 38.59 36.20 13.88
N GLY A 776 37.96 36.83 12.88
CA GLY A 776 38.06 36.42 11.51
C GLY A 776 36.97 35.47 11.04
N ASP A 777 36.26 34.83 11.97
CA ASP A 777 35.22 33.88 11.59
C ASP A 777 34.00 34.64 11.07
N LYS A 778 33.49 34.21 9.93
CA LYS A 778 32.28 34.80 9.36
C LYS A 778 31.06 34.24 10.08
N ALA A 779 30.14 35.14 10.44
CA ALA A 779 28.97 34.77 11.23
C ALA A 779 27.75 34.62 10.33
N GLU A 780 27.12 33.46 10.40
CA GLU A 780 25.86 33.19 9.73
C GLU A 780 24.84 32.75 10.78
N GLN A 781 23.61 33.23 10.66
CA GLN A 781 22.62 33.08 11.72
C GLN A 781 21.46 32.18 11.34
N PHE A 782 20.77 32.46 10.24
CA PHE A 782 19.56 31.73 9.85
C PHE A 782 19.93 30.76 8.73
N GLN A 783 20.17 29.50 9.09
CA GLN A 783 20.55 28.47 8.13
C GLN A 783 19.30 27.67 7.77
N PHE A 784 18.87 27.77 6.52
CA PHE A 784 17.69 27.10 6.03
C PHE A 784 18.04 26.21 4.84
N ASN A 785 17.48 25.00 4.83
CA ASN A 785 17.72 24.04 3.77
C ASN A 785 16.39 23.48 3.30
N ILE A 786 16.15 23.56 1.99
CA ILE A 786 14.96 22.99 1.37
C ILE A 786 15.42 21.71 0.66
N GLY A 787 15.22 20.58 1.32
CA GLY A 787 15.74 19.32 0.82
C GLY A 787 15.33 18.99 -0.60
N LYS A 788 15.89 17.92 -1.14
CA LYS A 788 15.58 17.50 -2.50
C LYS A 788 14.08 17.47 -2.75
N VAL B 10 -22.17 16.16 -11.85
CA VAL B 10 -22.61 16.74 -10.60
C VAL B 10 -23.77 17.71 -10.83
N VAL B 11 -24.88 17.49 -10.11
CA VAL B 11 -26.02 18.38 -10.21
C VAL B 11 -25.59 19.80 -9.90
N LYS B 12 -26.00 20.73 -10.75
CA LYS B 12 -25.56 22.11 -10.66
C LYS B 12 -26.42 22.91 -9.69
N MET B 13 -25.79 23.89 -9.04
CA MET B 13 -26.49 24.81 -8.15
C MET B 13 -27.25 25.82 -9.00
N SER B 14 -28.57 25.85 -8.83
CA SER B 14 -29.40 26.73 -9.65
C SER B 14 -29.13 28.19 -9.28
N PRO B 15 -29.26 29.11 -10.24
CA PRO B 15 -28.99 30.52 -9.96
C PRO B 15 -30.03 31.14 -9.07
N LEU B 16 -29.66 32.25 -8.44
CA LEU B 16 -30.54 32.95 -7.53
C LEU B 16 -31.71 33.57 -8.31
N PRO B 17 -32.80 33.89 -7.61
CA PRO B 17 -34.01 34.35 -8.31
C PRO B 17 -34.04 35.85 -8.55
N THR B 18 -34.47 36.22 -9.76
CA THR B 18 -34.62 37.62 -10.14
C THR B 18 -36.05 38.04 -9.86
N VAL B 19 -36.30 38.44 -8.62
CA VAL B 19 -37.63 38.83 -8.17
C VAL B 19 -37.53 40.16 -7.44
N GLU B 20 -38.46 41.06 -7.75
CA GLU B 20 -38.50 42.37 -7.10
C GLU B 20 -39.16 42.23 -5.74
N ASN B 21 -38.48 42.69 -4.70
CA ASN B 21 -39.03 42.65 -3.35
C ASN B 21 -39.94 43.85 -3.11
N GLN B 22 -41.08 43.57 -2.47
CA GLN B 22 -42.00 44.66 -2.12
C GLN B 22 -41.58 45.35 -0.83
N PHE B 23 -41.39 44.57 0.23
CA PHE B 23 -40.80 45.05 1.47
C PHE B 23 -39.34 44.62 1.54
N THR B 24 -38.49 45.51 2.04
CA THR B 24 -37.07 45.24 2.08
C THR B 24 -36.69 44.72 3.45
N PRO B 25 -36.31 43.45 3.60
CA PRO B 25 -35.88 42.97 4.92
C PRO B 25 -34.67 43.75 5.42
N THR B 26 -34.66 44.02 6.73
CA THR B 26 -33.58 44.77 7.36
C THR B 26 -33.28 44.14 8.71
N THR B 27 -32.02 44.24 9.12
CA THR B 27 -31.56 43.64 10.36
C THR B 27 -31.67 44.65 11.49
N ALA B 28 -32.48 44.33 12.51
CA ALA B 28 -32.58 45.21 13.67
C ALA B 28 -31.24 45.33 14.38
N TRP B 29 -30.53 44.22 14.55
CA TRP B 29 -29.22 44.22 15.16
C TRP B 29 -28.48 42.95 14.76
N SER B 30 -27.16 43.01 14.78
CA SER B 30 -26.32 41.87 14.42
C SER B 30 -25.19 41.77 15.44
N THR B 31 -25.17 40.66 16.17
CA THR B 31 -24.14 40.39 17.16
C THR B 31 -23.26 39.23 16.70
N SER B 32 -22.07 39.17 17.27
CA SER B 32 -21.06 38.18 16.89
C SER B 32 -20.90 37.15 18.00
N VAL B 33 -20.67 35.90 17.59
CA VAL B 33 -20.42 34.79 18.51
C VAL B 33 -19.10 34.15 18.11
N GLY B 34 -18.66 33.18 18.91
CA GLY B 34 -17.33 32.64 18.77
C GLY B 34 -17.15 31.74 17.55
N SER B 35 -17.20 32.34 16.36
CA SER B 35 -16.89 31.74 15.07
C SER B 35 -18.01 30.81 14.59
N GLY B 36 -19.05 30.57 15.37
CA GLY B 36 -20.13 29.73 14.89
C GLY B 36 -19.74 28.26 14.79
N ILE B 37 -20.55 27.52 14.04
CA ILE B 37 -20.37 26.08 13.89
C ILE B 37 -19.44 25.79 12.73
N GLY B 38 -18.86 26.83 12.13
CA GLY B 38 -17.93 26.62 11.03
C GLY B 38 -18.58 25.85 9.91
N ASN B 39 -17.87 24.82 9.42
CA ASN B 39 -18.36 23.99 8.34
C ASN B 39 -19.07 22.73 8.81
N PHE B 40 -18.92 22.35 10.07
CA PHE B 40 -19.51 21.11 10.56
C PHE B 40 -21.03 21.16 10.47
N TYR B 41 -21.63 20.01 10.19
CA TYR B 41 -23.08 19.88 10.10
C TYR B 41 -23.62 19.64 11.51
N SER B 42 -24.28 20.66 12.06
CA SER B 42 -24.79 20.61 13.42
C SER B 42 -26.17 21.25 13.47
N ASN B 43 -26.90 20.95 14.54
CA ASN B 43 -28.25 21.46 14.74
C ASN B 43 -28.26 22.70 15.64
N LEU B 44 -27.10 23.23 16.01
CA LEU B 44 -27.04 24.38 16.90
C LEU B 44 -27.78 25.56 16.28
N HIS B 45 -28.76 26.08 17.01
CA HIS B 45 -29.52 27.23 16.57
C HIS B 45 -29.83 28.11 17.77
N PRO B 46 -30.07 29.40 17.56
CA PRO B 46 -30.42 30.28 18.68
C PRO B 46 -31.79 29.96 19.23
N ALA B 47 -32.06 30.48 20.43
CA ALA B 47 -33.35 30.29 21.07
C ALA B 47 -33.78 31.58 21.76
N LEU B 48 -35.00 32.03 21.49
CA LEU B 48 -35.55 33.23 22.10
C LEU B 48 -36.53 32.83 23.19
N ALA B 49 -36.38 33.43 24.37
CA ALA B 49 -37.34 33.24 25.45
C ALA B 49 -37.27 34.45 26.37
N ASP B 50 -38.45 34.96 26.74
CA ASP B 50 -38.54 36.07 27.68
C ASP B 50 -37.71 37.27 27.20
N ASN B 51 -37.79 37.55 25.89
CA ASN B 51 -37.09 38.68 25.29
C ASN B 51 -35.58 38.56 25.45
N VAL B 52 -35.08 37.32 25.57
CA VAL B 52 -33.66 37.06 25.70
C VAL B 52 -33.26 36.02 24.65
N VAL B 53 -32.17 36.28 23.95
CA VAL B 53 -31.67 35.39 22.90
C VAL B 53 -30.48 34.62 23.48
N TYR B 54 -30.58 33.30 23.50
CA TYR B 54 -29.50 32.43 23.92
C TYR B 54 -28.89 31.78 22.69
N ALA B 55 -27.57 31.92 22.54
CA ALA B 55 -26.83 31.39 21.41
C ALA B 55 -25.60 30.66 21.91
N ALA B 56 -25.07 29.79 21.05
CA ALA B 56 -23.90 28.99 21.41
C ALA B 56 -23.00 28.89 20.17
N ASP B 57 -21.98 28.05 20.28
CA ASP B 57 -21.02 27.86 19.19
C ASP B 57 -20.29 26.53 19.42
N ARG B 58 -19.61 26.08 18.37
CA ARG B 58 -18.90 24.81 18.45
C ARG B 58 -17.79 24.86 19.49
N ALA B 59 -17.06 25.97 19.56
CA ALA B 59 -15.89 26.04 20.44
C ALA B 59 -16.27 25.76 21.89
N GLY B 60 -17.45 26.15 22.32
CA GLY B 60 -17.88 25.96 23.69
C GLY B 60 -18.24 27.26 24.38
N LEU B 61 -18.61 28.26 23.60
CA LEU B 61 -18.99 29.58 24.10
C LEU B 61 -20.50 29.72 24.03
N VAL B 62 -21.11 30.15 25.13
CA VAL B 62 -22.55 30.35 25.21
C VAL B 62 -22.80 31.79 25.66
N LYS B 63 -23.73 32.47 24.99
CA LYS B 63 -24.03 33.86 25.26
C LYS B 63 -25.53 34.04 25.43
N ALA B 64 -25.90 34.95 26.33
CA ALA B 64 -27.27 35.41 26.51
C ALA B 64 -27.28 36.91 26.25
N LEU B 65 -28.09 37.34 25.28
CA LEU B 65 -28.13 38.71 24.82
C LEU B 65 -29.58 39.21 24.86
N ASN B 66 -29.72 40.53 24.77
CA ASN B 66 -31.05 41.14 24.75
C ASN B 66 -31.70 40.97 23.37
N ALA B 67 -32.97 40.62 23.37
CA ALA B 67 -33.66 40.37 22.09
C ALA B 67 -33.97 41.67 21.37
N ASP B 68 -34.34 42.72 22.10
CA ASP B 68 -34.77 43.96 21.45
C ASP B 68 -33.65 44.60 20.65
N ASP B 69 -32.43 44.62 21.21
CA ASP B 69 -31.32 45.32 20.56
C ASP B 69 -30.02 44.55 20.57
N GLY B 70 -29.99 43.32 21.09
CA GLY B 70 -28.81 42.49 20.99
C GLY B 70 -27.61 42.98 21.77
N LYS B 71 -27.82 43.42 23.01
CA LYS B 71 -26.73 43.71 23.93
C LYS B 71 -26.43 42.46 24.75
N GLU B 72 -25.16 42.32 25.11
CA GLU B 72 -24.73 41.12 25.84
C GLU B 72 -25.22 41.19 27.28
N ILE B 73 -25.99 40.19 27.70
CA ILE B 73 -26.37 40.06 29.09
C ILE B 73 -25.35 39.24 29.88
N TRP B 74 -24.87 38.14 29.32
CA TRP B 74 -23.77 37.41 29.93
C TRP B 74 -23.20 36.42 28.93
N SER B 75 -22.05 35.86 29.27
CA SER B 75 -21.36 34.90 28.40
C SER B 75 -20.48 34.00 29.24
N VAL B 76 -20.46 32.71 28.91
CA VAL B 76 -19.66 31.72 29.61
C VAL B 76 -19.04 30.77 28.60
N SER B 77 -17.76 30.44 28.81
CA SER B 77 -17.03 29.50 27.95
C SER B 77 -17.02 28.15 28.66
N LEU B 78 -17.87 27.23 28.19
CA LEU B 78 -17.97 25.92 28.80
C LEU B 78 -16.76 25.04 28.54
N ALA B 79 -15.86 25.45 27.64
CA ALA B 79 -14.69 24.64 27.33
C ALA B 79 -13.79 24.48 28.56
N GLU B 80 -13.34 23.26 28.80
CA GLU B 80 -12.40 23.01 29.88
C GLU B 80 -11.03 23.60 29.54
N LYS B 81 -10.32 24.02 30.57
CA LYS B 81 -8.97 24.56 30.40
C LYS B 81 -8.19 24.35 31.68
N ASP B 82 -7.07 23.62 31.59
CA ASP B 82 -6.17 23.39 32.71
C ASP B 82 -5.00 24.36 32.57
N GLY B 83 -5.13 25.52 33.20
CA GLY B 83 -4.12 26.55 33.09
C GLY B 83 -4.33 27.44 31.89
N TRP B 84 -3.33 28.27 31.62
CA TRP B 84 -3.38 29.25 30.55
C TRP B 84 -2.90 28.68 29.21
N PHE B 85 -2.47 27.42 29.18
CA PHE B 85 -1.96 26.81 27.96
C PHE B 85 -2.78 25.63 27.45
N SER B 86 -3.48 24.92 28.33
CA SER B 86 -4.28 23.77 27.95
C SER B 86 -5.76 24.14 27.92
N LYS B 87 -6.41 23.88 26.80
CA LYS B 87 -7.83 24.16 26.65
C LYS B 87 -8.37 23.34 25.49
N GLU B 88 -9.30 22.43 25.79
CA GLU B 88 -9.93 21.63 24.74
C GLU B 88 -11.35 22.15 24.47
N PRO B 89 -11.81 22.13 23.23
CA PRO B 89 -13.18 22.58 22.95
C PRO B 89 -14.21 21.66 23.57
N ALA B 90 -15.36 22.22 23.91
CA ALA B 90 -16.47 21.45 24.45
C ALA B 90 -17.32 20.81 23.38
N LEU B 91 -17.18 21.22 22.12
CA LEU B 91 -17.90 20.63 21.00
C LEU B 91 -19.40 20.63 21.26
N LEU B 92 -19.97 21.84 21.37
CA LEU B 92 -21.41 22.00 21.55
C LEU B 92 -22.09 21.78 20.19
N SER B 93 -22.85 20.70 20.08
CA SER B 93 -23.57 20.37 18.86
C SER B 93 -24.96 19.85 19.17
N GLY B 94 -25.63 20.48 20.13
CA GLY B 94 -26.94 20.00 20.55
C GLY B 94 -28.02 21.05 20.66
N GLY B 95 -27.83 22.19 20.00
CA GLY B 95 -28.84 23.23 20.00
C GLY B 95 -29.12 23.81 21.39
N VAL B 96 -30.06 24.73 21.47
CA VAL B 96 -30.44 25.37 22.72
C VAL B 96 -31.94 25.25 22.90
N THR B 97 -32.37 24.89 24.10
CA THR B 97 -33.78 24.62 24.41
C THR B 97 -34.18 25.32 25.69
N VAL B 98 -33.86 26.61 25.79
CA VAL B 98 -34.26 27.42 26.95
C VAL B 98 -35.76 27.28 27.15
N SER B 99 -36.16 26.77 28.32
CA SER B 99 -37.57 26.51 28.59
C SER B 99 -37.78 26.16 30.05
N GLY B 100 -38.78 26.77 30.69
CA GLY B 100 -39.03 26.51 32.09
C GLY B 100 -37.83 26.79 32.96
N GLY B 101 -37.11 27.88 32.68
CA GLY B 101 -35.83 28.12 33.30
C GLY B 101 -34.76 27.22 32.69
N HIS B 102 -33.57 27.31 33.27
CA HIS B 102 -32.45 26.46 32.84
C HIS B 102 -32.11 26.69 31.38
N VAL B 103 -30.97 26.15 30.94
CA VAL B 103 -30.55 26.21 29.54
C VAL B 103 -29.82 24.89 29.26
N TYR B 104 -30.38 24.08 28.38
CA TYR B 104 -29.86 22.75 28.10
C TYR B 104 -29.14 22.77 26.76
N ILE B 105 -27.91 22.27 26.74
CA ILE B 105 -27.10 22.21 25.53
C ILE B 105 -26.47 20.83 25.44
N GLY B 106 -26.53 20.22 24.26
CA GLY B 106 -25.89 18.95 24.02
C GLY B 106 -24.41 19.12 23.67
N SER B 107 -23.77 18.00 23.40
CA SER B 107 -22.36 18.00 23.02
C SER B 107 -22.03 16.71 22.31
N GLU B 108 -20.92 16.74 21.58
CA GLU B 108 -20.41 15.55 20.89
C GLU B 108 -19.45 14.74 21.75
N LYS B 109 -19.23 15.14 22.99
CA LYS B 109 -18.45 14.37 23.95
C LYS B 109 -19.33 13.62 24.94
N ALA B 110 -20.60 13.44 24.61
CA ALA B 110 -21.55 12.80 25.51
C ALA B 110 -21.69 13.60 26.81
N GLN B 111 -22.01 14.87 26.65
CA GLN B 111 -22.22 15.78 27.78
C GLN B 111 -23.46 16.62 27.52
N VAL B 112 -24.25 16.84 28.56
CA VAL B 112 -25.46 17.65 28.48
C VAL B 112 -25.32 18.77 29.50
N TYR B 113 -24.79 19.90 29.06
CA TYR B 113 -24.61 21.04 29.95
C TYR B 113 -25.95 21.68 30.28
N ALA B 114 -26.13 22.01 31.56
CA ALA B 114 -27.32 22.69 32.04
C ALA B 114 -26.89 23.94 32.79
N LEU B 115 -27.24 25.11 32.25
CA LEU B 115 -26.86 26.39 32.81
C LEU B 115 -28.08 27.09 33.39
N ASN B 116 -27.82 28.17 34.13
CA ASN B 116 -28.86 28.98 34.72
C ASN B 116 -29.11 30.22 33.87
N THR B 117 -30.39 30.57 33.71
CA THR B 117 -30.73 31.69 32.84
C THR B 117 -30.16 33.00 33.37
N SER B 118 -30.20 33.19 34.69
CA SER B 118 -29.81 34.47 35.27
C SER B 118 -28.36 34.82 34.93
N ASP B 119 -27.42 34.00 35.40
CA ASP B 119 -26.00 34.31 35.27
C ASP B 119 -25.23 33.31 34.41
N GLY B 120 -25.73 32.08 34.26
CA GLY B 120 -25.07 31.08 33.45
C GLY B 120 -24.23 30.08 34.20
N THR B 121 -24.25 30.09 35.53
CA THR B 121 -23.52 29.08 36.29
C THR B 121 -24.08 27.69 35.99
N VAL B 122 -23.18 26.73 35.81
CA VAL B 122 -23.60 25.39 35.44
C VAL B 122 -24.46 24.81 36.57
N ALA B 123 -25.70 24.45 36.23
CA ALA B 123 -26.58 23.86 37.23
C ALA B 123 -26.16 22.43 37.56
N TRP B 124 -25.84 21.63 36.54
CA TRP B 124 -25.42 20.25 36.74
C TRP B 124 -24.84 19.74 35.42
N GLN B 125 -24.20 18.57 35.50
CA GLN B 125 -23.61 17.93 34.35
C GLN B 125 -23.94 16.44 34.40
N THR B 126 -23.95 15.81 33.23
CA THR B 126 -24.31 14.40 33.14
C THR B 126 -23.58 13.76 31.97
N LYS B 127 -23.43 12.44 32.06
CA LYS B 127 -22.83 11.64 31.00
C LYS B 127 -23.93 10.82 30.33
N VAL B 128 -23.97 10.85 29.00
CA VAL B 128 -25.02 10.17 28.25
C VAL B 128 -24.43 8.98 27.52
N ALA B 129 -25.29 8.20 26.85
CA ALA B 129 -24.83 6.96 26.22
C ALA B 129 -23.76 7.24 25.17
N GLY B 130 -23.97 8.25 24.35
CA GLY B 130 -23.02 8.59 23.31
C GLY B 130 -23.19 10.03 22.87
N GLU B 131 -22.79 10.32 21.64
CA GLU B 131 -22.93 11.66 21.11
C GLU B 131 -24.39 12.09 21.16
N ALA B 132 -24.62 13.33 21.59
CA ALA B 132 -25.96 13.88 21.76
C ALA B 132 -26.14 15.00 20.76
N LEU B 133 -26.60 14.66 19.56
CA LEU B 133 -26.85 15.65 18.52
C LEU B 133 -28.29 16.13 18.52
N SER B 134 -29.24 15.26 18.85
CA SER B 134 -30.65 15.65 18.82
C SER B 134 -30.91 16.81 19.78
N ARG B 135 -31.74 17.74 19.34
CA ARG B 135 -32.11 18.86 20.18
C ARG B 135 -32.83 18.35 21.42
N PRO B 136 -32.35 18.66 22.62
CA PRO B 136 -33.06 18.20 23.83
C PRO B 136 -34.48 18.73 23.84
N VAL B 137 -35.41 17.91 24.34
CA VAL B 137 -36.81 18.35 24.45
C VAL B 137 -37.29 18.14 25.87
N VAL B 138 -37.87 19.18 26.46
CA VAL B 138 -38.37 19.14 27.83
C VAL B 138 -39.85 18.82 27.80
N SER B 139 -40.29 17.99 28.74
CA SER B 139 -41.71 17.67 28.88
C SER B 139 -41.93 16.91 30.17
N ASP B 140 -42.99 17.29 30.90
CA ASP B 140 -43.44 16.56 32.08
C ASP B 140 -42.33 16.41 33.13
N GLY B 141 -41.48 17.43 33.25
CA GLY B 141 -40.41 17.37 34.23
C GLY B 141 -39.22 16.53 33.84
N LEU B 142 -39.13 16.10 32.57
CA LEU B 142 -38.02 15.31 32.09
C LEU B 142 -37.44 15.96 30.84
N VAL B 143 -36.20 15.60 30.52
CA VAL B 143 -35.53 16.03 29.30
C VAL B 143 -35.18 14.80 28.50
N LEU B 144 -35.61 14.78 27.24
CA LEU B 144 -35.33 13.68 26.32
C LEU B 144 -34.17 14.09 25.41
N ILE B 145 -33.18 13.19 25.31
CA ILE B 145 -32.02 13.34 24.46
C ILE B 145 -31.93 12.11 23.58
N HIS B 146 -31.98 12.30 22.27
CA HIS B 146 -31.81 11.20 21.32
C HIS B 146 -30.38 11.24 20.81
N THR B 147 -29.61 10.21 21.13
CA THR B 147 -28.19 10.18 20.85
C THR B 147 -27.91 9.50 19.51
N SER B 148 -26.68 9.66 19.02
CA SER B 148 -26.25 9.05 17.78
C SER B 148 -25.81 7.59 17.97
N ASN B 149 -25.76 7.10 19.20
CA ASN B 149 -25.38 5.72 19.49
C ASN B 149 -26.59 4.78 19.50
N GLY B 150 -27.65 5.13 18.79
CA GLY B 150 -28.84 4.30 18.78
C GLY B 150 -29.50 4.17 20.14
N GLN B 151 -29.58 5.26 20.89
CA GLN B 151 -30.20 5.27 22.20
C GLN B 151 -31.07 6.51 22.35
N LEU B 152 -32.07 6.41 23.23
CA LEU B 152 -32.92 7.53 23.60
C LEU B 152 -32.97 7.58 25.12
N GLN B 153 -32.39 8.63 25.70
CA GLN B 153 -32.30 8.76 27.15
C GLN B 153 -33.26 9.82 27.65
N ALA B 154 -33.84 9.56 28.81
CA ALA B 154 -34.69 10.52 29.51
C ALA B 154 -34.06 10.78 30.87
N LEU B 155 -33.73 12.05 31.12
CA LEU B 155 -33.07 12.49 32.33
C LEU B 155 -33.99 13.40 33.13
N ASN B 156 -33.74 13.46 34.44
CA ASN B 156 -34.53 14.33 35.30
C ASN B 156 -34.18 15.80 35.04
N GLU B 157 -35.20 16.66 35.15
CA GLU B 157 -35.00 18.10 34.95
C GLU B 157 -34.43 18.79 36.18
N ALA B 158 -34.45 18.15 37.35
CA ALA B 158 -34.00 18.80 38.59
C ALA B 158 -32.53 18.52 38.87
N ASP B 159 -32.17 17.24 39.01
CA ASP B 159 -30.81 16.85 39.36
C ASP B 159 -30.03 16.29 38.19
N GLY B 160 -30.63 16.20 37.01
CA GLY B 160 -29.91 15.70 35.84
C GLY B 160 -29.45 14.27 35.97
N ALA B 161 -30.31 13.40 36.51
CA ALA B 161 -30.00 11.98 36.62
C ALA B 161 -30.67 11.23 35.48
N VAL B 162 -30.03 10.13 35.06
CA VAL B 162 -30.52 9.34 33.94
C VAL B 162 -31.74 8.55 34.40
N LYS B 163 -32.94 9.07 34.10
CA LYS B 163 -34.16 8.40 34.55
C LYS B 163 -34.34 7.05 33.86
N TRP B 164 -34.22 7.02 32.54
CA TRP B 164 -34.33 5.75 31.83
C TRP B 164 -33.73 5.87 30.44
N THR B 165 -33.58 4.72 29.79
CA THR B 165 -33.01 4.64 28.45
C THR B 165 -33.81 3.64 27.62
N VAL B 166 -33.82 3.86 26.31
CA VAL B 166 -34.46 2.97 25.35
C VAL B 166 -33.50 2.73 24.20
N ASN B 167 -33.47 1.50 23.71
CA ASN B 167 -32.55 1.09 22.65
C ASN B 167 -33.27 1.02 21.32
N LEU B 168 -32.73 1.72 20.33
CA LEU B 168 -33.26 1.72 18.97
C LEU B 168 -32.14 1.30 18.01
N ASP B 169 -32.51 0.53 16.98
CA ASP B 169 -31.52 0.00 16.06
C ASP B 169 -30.82 1.13 15.30
N MET B 170 -29.58 0.86 14.90
CA MET B 170 -28.75 1.84 14.21
C MET B 170 -28.12 1.20 12.99
N PRO B 171 -28.50 1.60 11.78
CA PRO B 171 -27.88 1.02 10.57
C PRO B 171 -26.40 1.32 10.51
N SER B 172 -25.74 0.66 9.56
CA SER B 172 -24.30 0.84 9.38
C SER B 172 -23.98 2.26 8.91
N LEU B 173 -24.66 2.71 7.85
CA LEU B 173 -24.48 4.05 7.30
C LEU B 173 -25.77 4.83 7.47
N SER B 174 -25.67 6.01 8.07
CA SER B 174 -26.82 6.84 8.40
C SER B 174 -26.58 8.26 7.89
N LEU B 175 -27.54 9.13 8.21
CA LEU B 175 -27.41 10.56 7.94
C LEU B 175 -27.02 11.28 9.22
N ARG B 176 -26.14 12.28 9.09
CA ARG B 176 -25.57 12.97 10.24
C ARG B 176 -26.65 13.86 10.85
N GLY B 177 -27.53 13.22 11.63
CA GLY B 177 -28.61 13.93 12.29
C GLY B 177 -29.52 12.99 13.06
N GLU B 178 -30.02 13.44 14.21
CA GLU B 178 -30.88 12.64 15.06
C GLU B 178 -32.17 13.39 15.30
N SER B 179 -33.30 12.71 15.12
CA SER B 179 -34.60 13.34 15.27
C SER B 179 -34.85 13.74 16.72
N ALA B 180 -35.60 14.84 16.89
CA ALA B 180 -35.97 15.31 18.21
C ALA B 180 -37.33 14.76 18.60
N PRO B 181 -37.44 13.96 19.65
CA PRO B 181 -38.75 13.42 20.02
C PRO B 181 -39.73 14.51 20.40
N THR B 182 -41.01 14.26 20.15
CA THR B 182 -42.07 15.18 20.54
C THR B 182 -43.10 14.45 21.38
N THR B 183 -43.59 15.13 22.42
CA THR B 183 -44.43 14.51 23.43
C THR B 183 -45.85 15.08 23.40
N ALA B 184 -46.81 14.23 23.75
CA ALA B 184 -48.21 14.63 23.83
C ALA B 184 -49.00 13.57 24.59
N PHE B 185 -49.84 14.02 25.52
CA PHE B 185 -50.71 13.12 26.29
C PHE B 185 -49.92 11.99 26.92
N GLY B 186 -48.74 12.32 27.43
CA GLY B 186 -47.92 11.32 28.11
C GLY B 186 -47.29 10.29 27.20
N ALA B 187 -47.16 10.58 25.91
CA ALA B 187 -46.52 9.67 24.97
C ALA B 187 -45.57 10.47 24.09
N ALA B 188 -44.33 10.01 24.00
CA ALA B 188 -43.30 10.65 23.19
C ALA B 188 -43.06 9.82 21.93
N VAL B 189 -43.23 10.45 20.77
CA VAL B 189 -42.98 9.83 19.49
C VAL B 189 -41.63 10.31 18.99
N VAL B 190 -40.86 9.39 18.39
CA VAL B 190 -39.51 9.70 17.92
C VAL B 190 -39.20 8.80 16.73
N GLY B 191 -38.39 9.31 15.82
CA GLY B 191 -37.95 8.53 14.68
C GLY B 191 -36.45 8.33 14.67
N GLY B 192 -36.02 7.09 14.86
CA GLY B 192 -34.60 6.78 14.87
C GLY B 192 -34.03 6.68 13.47
N ASP B 193 -32.70 6.49 13.43
CA ASP B 193 -32.04 6.35 12.13
C ASP B 193 -32.59 5.18 11.34
N ASN B 194 -32.99 4.11 12.02
CA ASN B 194 -33.75 3.05 11.37
C ASN B 194 -35.14 3.57 11.00
N GLY B 195 -35.65 3.08 9.87
CA GLY B 195 -36.91 3.58 9.35
C GLY B 195 -38.11 3.09 10.14
N ARG B 196 -38.24 3.54 11.39
CA ARG B 196 -39.35 3.13 12.24
C ARG B 196 -39.66 4.24 13.23
N VAL B 197 -40.89 4.77 13.15
CA VAL B 197 -41.37 5.71 14.15
C VAL B 197 -41.85 4.91 15.36
N SER B 198 -41.34 5.28 16.54
CA SER B 198 -41.63 4.57 17.77
C SER B 198 -42.18 5.53 18.81
N ALA B 199 -43.19 5.08 19.54
CA ALA B 199 -43.80 5.84 20.63
C ALA B 199 -43.52 5.14 21.95
N VAL B 200 -43.13 5.93 22.95
CA VAL B 200 -42.78 5.41 24.27
C VAL B 200 -43.49 6.24 25.33
N LEU B 201 -43.54 5.70 26.54
CA LEU B 201 -44.19 6.36 27.66
C LEU B 201 -43.19 7.20 28.44
N MET B 202 -43.69 8.28 29.06
CA MET B 202 -42.82 9.18 29.81
C MET B 202 -42.32 8.54 31.09
N GLU B 203 -43.17 7.78 31.78
CA GLU B 203 -42.80 7.25 33.09
C GLU B 203 -41.57 6.34 33.00
N GLN B 204 -41.53 5.48 31.98
CA GLN B 204 -40.38 4.62 31.78
C GLN B 204 -40.29 4.26 30.31
N GLY B 205 -39.21 3.57 29.95
CA GLY B 205 -38.99 3.19 28.56
C GLY B 205 -39.89 2.07 28.11
N GLN B 206 -41.19 2.33 28.08
CA GLN B 206 -42.20 1.34 27.67
C GLN B 206 -42.62 1.63 26.24
N MET B 207 -42.35 0.69 25.34
CA MET B 207 -42.72 0.84 23.95
C MET B 207 -44.20 0.56 23.76
N ILE B 208 -44.89 1.46 23.06
CA ILE B 208 -46.33 1.32 22.85
C ILE B 208 -46.56 0.70 21.48
N TRP B 209 -46.10 1.38 20.42
CA TRP B 209 -46.17 0.83 19.08
C TRP B 209 -44.99 1.36 18.27
N GLN B 210 -44.65 0.61 17.22
CA GLN B 210 -43.53 0.95 16.33
C GLN B 210 -43.96 0.62 14.91
N GLN B 211 -43.97 1.63 14.04
CA GLN B 211 -44.40 1.46 12.66
C GLN B 211 -43.31 1.93 11.71
N ARG B 212 -43.01 1.10 10.70
CA ARG B 212 -42.03 1.47 9.69
C ARG B 212 -42.70 2.29 8.60
N ILE B 213 -42.03 3.37 8.18
CA ILE B 213 -42.54 4.24 7.13
C ILE B 213 -41.47 4.43 6.06
N SER B 214 -40.43 3.60 6.10
CA SER B 214 -39.39 3.67 5.08
C SER B 214 -39.94 3.20 3.73
N GLN B 215 -39.35 3.72 2.66
CA GLN B 215 -39.77 3.40 1.31
C GLN B 215 -38.56 3.11 0.45
N ALA B 216 -38.76 2.29 -0.58
CA ALA B 216 -37.70 1.92 -1.52
C ALA B 216 -36.53 1.25 -0.78
N THR B 217 -36.86 0.14 -0.12
CA THR B 217 -35.86 -0.65 0.61
C THR B 217 -35.09 -1.59 -0.30
N GLY B 218 -35.15 -1.39 -1.61
CA GLY B 218 -34.42 -2.23 -2.54
C GLY B 218 -32.97 -1.80 -2.69
N SER B 219 -32.27 -2.51 -3.56
CA SER B 219 -30.85 -2.25 -3.83
C SER B 219 -30.00 -2.74 -2.66
N THR B 220 -28.89 -3.40 -2.96
CA THR B 220 -27.99 -3.94 -1.95
C THR B 220 -26.59 -3.39 -2.23
N GLU B 221 -26.30 -2.24 -1.63
CA GLU B 221 -25.03 -1.55 -1.86
C GLU B 221 -24.67 -0.78 -0.60
N ILE B 222 -23.73 0.15 -0.72
CA ILE B 222 -23.48 1.15 0.29
C ILE B 222 -24.17 2.44 -0.15
N ASP B 223 -24.44 3.32 0.82
CA ASP B 223 -25.23 4.52 0.55
C ASP B 223 -26.57 4.13 -0.07
N ARG B 224 -27.18 3.09 0.48
CA ARG B 224 -28.48 2.63 0.01
C ARG B 224 -29.53 3.69 0.32
N LEU B 225 -30.79 3.34 0.06
CA LEU B 225 -31.88 4.24 0.37
C LEU B 225 -32.15 4.19 1.88
N SER B 226 -31.16 4.61 2.66
CA SER B 226 -31.24 4.59 4.12
C SER B 226 -32.10 5.77 4.58
N ASP B 227 -33.32 5.47 4.99
CA ASP B 227 -34.23 6.51 5.46
C ASP B 227 -33.89 6.93 6.88
N VAL B 228 -34.09 8.22 7.16
CA VAL B 228 -33.87 8.77 8.49
C VAL B 228 -35.00 9.76 8.79
N ASP B 229 -35.53 9.68 10.01
CA ASP B 229 -36.65 10.52 10.42
C ASP B 229 -36.14 11.87 10.91
N THR B 230 -36.90 12.92 10.58
CA THR B 230 -36.47 14.28 10.94
C THR B 230 -37.10 14.76 12.23
N THR B 231 -38.42 14.93 12.25
CA THR B 231 -39.12 15.40 13.43
C THR B 231 -40.61 15.10 13.33
N PRO B 232 -41.10 13.99 13.86
CA PRO B 232 -42.54 13.74 13.84
C PRO B 232 -43.29 14.84 14.58
N VAL B 233 -44.47 15.19 14.09
CA VAL B 233 -45.30 16.22 14.70
C VAL B 233 -46.70 15.69 14.90
N VAL B 234 -47.27 15.91 16.09
CA VAL B 234 -48.58 15.37 16.46
C VAL B 234 -49.57 16.53 16.54
N VAL B 235 -50.73 16.34 15.93
CA VAL B 235 -51.83 17.31 16.02
C VAL B 235 -53.14 16.55 15.95
N ASN B 236 -54.08 16.91 16.85
CA ASN B 236 -55.42 16.31 16.91
C ASN B 236 -55.35 14.79 16.81
N GLY B 237 -54.41 14.19 17.54
CA GLY B 237 -54.33 12.74 17.62
C GLY B 237 -53.76 12.06 16.40
N VAL B 238 -53.22 12.81 15.44
CA VAL B 238 -52.63 12.26 14.23
C VAL B 238 -51.19 12.70 14.16
N VAL B 239 -50.29 11.75 13.87
CA VAL B 239 -48.86 12.01 13.76
C VAL B 239 -48.52 12.17 12.29
N PHE B 240 -47.58 13.07 11.99
CA PHE B 240 -47.06 13.26 10.66
C PHE B 240 -45.55 13.09 10.71
N ALA B 241 -45.02 12.27 9.81
CA ALA B 241 -43.61 11.91 9.82
C ALA B 241 -43.04 12.01 8.41
N LEU B 242 -41.74 12.28 8.33
CA LEU B 242 -41.00 12.35 7.08
C LEU B 242 -39.79 11.42 7.18
N ALA B 243 -39.16 11.18 6.04
CA ALA B 243 -37.99 10.30 6.01
C ALA B 243 -37.20 10.56 4.73
N TYR B 244 -35.89 10.70 4.88
CA TYR B 244 -35.02 10.90 3.72
C TYR B 244 -35.21 9.79 2.71
N ASN B 245 -35.59 10.18 1.50
CA ASN B 245 -35.90 9.26 0.41
C ASN B 245 -37.06 8.33 0.74
N GLY B 246 -37.81 8.63 1.78
CA GLY B 246 -38.97 7.87 2.20
C GLY B 246 -40.26 8.50 1.74
N ASN B 247 -41.31 8.30 2.53
CA ASN B 247 -42.63 8.81 2.21
C ASN B 247 -43.15 9.65 3.37
N LEU B 248 -43.57 10.88 3.06
CA LEU B 248 -44.29 11.68 4.04
C LEU B 248 -45.56 10.93 4.42
N THR B 249 -45.66 10.51 5.68
CA THR B 249 -46.69 9.58 6.11
C THR B 249 -47.52 10.17 7.23
N ALA B 250 -48.81 9.85 7.22
CA ALA B 250 -49.72 10.16 8.31
C ALA B 250 -50.03 8.88 9.08
N LEU B 251 -49.88 8.94 10.41
CA LEU B 251 -50.03 7.78 11.27
C LEU B 251 -51.05 8.08 12.36
N ASP B 252 -51.71 7.03 12.82
CA ASP B 252 -52.63 7.13 13.95
C ASP B 252 -51.87 6.99 15.24
N LEU B 253 -52.04 7.96 16.15
CA LEU B 253 -51.28 7.96 17.38
C LEU B 253 -51.58 6.72 18.22
N ARG B 254 -52.85 6.31 18.29
CA ARG B 254 -53.21 5.20 19.15
C ARG B 254 -52.53 3.90 18.73
N SER B 255 -52.49 3.62 17.42
CA SER B 255 -52.02 2.34 16.93
C SER B 255 -50.92 2.45 15.88
N GLY B 256 -50.55 3.66 15.47
CA GLY B 256 -49.53 3.80 14.44
C GLY B 256 -49.92 3.17 13.11
N GLN B 257 -51.19 3.33 12.72
CA GLN B 257 -51.67 2.81 11.44
C GLN B 257 -51.50 3.87 10.36
N ILE B 258 -51.02 3.44 9.19
CA ILE B 258 -50.78 4.37 8.10
C ILE B 258 -52.11 4.86 7.56
N MET B 259 -52.23 6.19 7.44
CA MET B 259 -53.44 6.83 6.91
C MET B 259 -53.28 7.22 5.45
N TRP B 260 -52.22 7.96 5.13
CA TRP B 260 -51.95 8.32 3.74
C TRP B 260 -50.47 8.67 3.61
N LYS B 261 -49.93 8.43 2.42
CA LYS B 261 -48.52 8.59 2.15
C LYS B 261 -48.30 9.40 0.88
N ARG B 262 -47.19 10.12 0.84
CA ARG B 262 -46.74 10.84 -0.34
C ARG B 262 -45.28 10.50 -0.61
N GLU B 263 -44.95 10.27 -1.87
CA GLU B 263 -43.62 9.81 -2.26
C GLU B 263 -42.67 11.00 -2.40
N LEU B 264 -42.40 11.63 -1.26
CA LEU B 264 -41.41 12.70 -1.18
C LEU B 264 -40.72 12.63 0.18
N GLY B 265 -39.43 12.93 0.20
CA GLY B 265 -38.64 12.78 1.41
C GLY B 265 -37.62 13.90 1.54
N SER B 266 -37.10 14.04 2.75
CA SER B 266 -36.10 15.06 3.07
C SER B 266 -35.64 14.85 4.51
N VAL B 267 -34.66 15.65 4.92
CA VAL B 267 -34.18 15.64 6.29
C VAL B 267 -34.56 16.90 7.05
N ASN B 268 -34.96 17.96 6.37
CA ASN B 268 -35.32 19.21 7.03
C ASN B 268 -36.75 19.14 7.57
N ASP B 269 -36.98 19.86 8.66
CA ASP B 269 -38.28 19.85 9.30
C ASP B 269 -39.35 20.40 8.37
N PHE B 270 -40.61 20.25 8.78
CA PHE B 270 -41.75 20.77 8.03
C PHE B 270 -42.71 21.43 9.01
N ILE B 271 -43.56 22.31 8.48
CA ILE B 271 -44.47 23.12 9.27
C ILE B 271 -45.90 22.70 8.97
N VAL B 272 -46.73 22.63 10.00
CA VAL B 272 -48.16 22.35 9.85
C VAL B 272 -48.92 23.56 10.35
N ASP B 273 -49.71 24.18 9.48
CA ASP B 273 -50.48 25.37 9.83
C ASP B 273 -51.88 25.23 9.25
N GLY B 274 -52.89 25.32 10.11
CA GLY B 274 -54.26 25.15 9.67
C GLY B 274 -54.48 23.79 9.04
N ASN B 275 -54.63 23.77 7.72
CA ASN B 275 -54.80 22.53 6.95
C ASN B 275 -53.75 22.43 5.85
N ARG B 276 -52.55 22.96 6.09
CA ARG B 276 -51.49 23.00 5.09
C ARG B 276 -50.18 22.56 5.72
N ILE B 277 -49.50 21.62 5.06
CA ILE B 277 -48.21 21.11 5.50
C ILE B 277 -47.16 21.60 4.49
N TYR B 278 -46.29 22.50 4.93
CA TYR B 278 -45.22 23.04 4.10
C TYR B 278 -43.92 22.31 4.39
N LEU B 279 -43.23 21.89 3.33
CA LEU B 279 -41.99 21.13 3.51
C LEU B 279 -41.04 21.43 2.35
N VAL B 280 -39.83 20.88 2.47
CA VAL B 280 -38.78 21.00 1.47
C VAL B 280 -38.20 19.61 1.23
N ASP B 281 -37.96 19.29 -0.04
CA ASP B 281 -37.45 17.98 -0.41
C ASP B 281 -35.92 17.96 -0.35
N GLN B 282 -35.36 16.79 -0.70
CA GLN B 282 -33.90 16.67 -0.77
C GLN B 282 -33.34 17.57 -1.86
N ASN B 283 -34.01 17.65 -2.99
CA ASN B 283 -33.58 18.46 -4.12
C ASN B 283 -33.82 19.95 -3.91
N ASP B 284 -34.15 20.37 -2.69
CA ASP B 284 -34.33 21.79 -2.39
C ASP B 284 -35.51 22.39 -3.16
N ARG B 285 -36.70 21.80 -2.98
CA ARG B 285 -37.94 22.34 -3.53
C ARG B 285 -38.93 22.49 -2.40
N VAL B 286 -39.44 23.71 -2.21
CA VAL B 286 -40.40 24.01 -1.15
C VAL B 286 -41.80 23.88 -1.72
N MET B 287 -42.68 23.21 -0.98
CA MET B 287 -44.05 23.00 -1.45
C MET B 287 -44.99 22.89 -0.26
N ALA B 288 -46.29 22.94 -0.58
CA ALA B 288 -47.36 22.82 0.39
C ALA B 288 -48.30 21.70 -0.01
N LEU B 289 -48.72 20.90 0.97
CA LEU B 289 -49.58 19.75 0.76
C LEU B 289 -50.79 19.85 1.66
N THR B 290 -51.85 19.11 1.32
CA THR B 290 -53.07 19.10 2.11
C THR B 290 -52.95 18.07 3.23
N ILE B 291 -53.45 18.46 4.41
CA ILE B 291 -53.39 17.56 5.56
C ILE B 291 -54.23 16.32 5.32
N ASP B 292 -55.37 16.47 4.63
CA ASP B 292 -56.30 15.36 4.48
C ASP B 292 -55.66 14.19 3.74
N GLY B 293 -55.08 14.45 2.57
CA GLY B 293 -54.52 13.38 1.76
C GLY B 293 -53.26 13.75 1.01
N GLY B 294 -52.57 14.79 1.45
CA GLY B 294 -51.34 15.20 0.80
C GLY B 294 -51.54 15.56 -0.66
N VAL B 295 -52.56 16.35 -0.95
CA VAL B 295 -52.84 16.78 -2.32
C VAL B 295 -51.94 17.96 -2.65
N THR B 296 -51.06 17.78 -3.63
CA THR B 296 -50.16 18.85 -4.04
C THR B 296 -50.97 20.05 -4.52
N LEU B 297 -50.61 21.24 -4.04
CA LEU B 297 -51.29 22.47 -4.39
C LEU B 297 -50.42 23.42 -5.20
N TRP B 298 -49.22 23.73 -4.73
CA TRP B 298 -48.30 24.60 -5.45
C TRP B 298 -46.88 24.10 -5.21
N THR B 299 -46.02 24.35 -6.20
CA THR B 299 -44.63 23.92 -6.14
C THR B 299 -43.73 25.05 -6.60
N GLN B 300 -42.57 25.17 -5.95
CA GLN B 300 -41.56 26.17 -6.31
C GLN B 300 -40.21 25.48 -6.39
N SER B 301 -39.63 25.43 -7.58
CA SER B 301 -38.39 24.70 -7.83
C SER B 301 -37.27 25.61 -8.34
N ASP B 302 -37.34 26.91 -8.06
CA ASP B 302 -36.32 27.83 -8.55
C ASP B 302 -35.03 27.72 -7.77
N LEU B 303 -35.09 27.29 -6.50
CA LEU B 303 -33.93 27.21 -5.63
C LEU B 303 -33.36 25.79 -5.56
N LEU B 304 -33.40 25.08 -6.67
CA LEU B 304 -32.97 23.69 -6.69
C LEU B 304 -31.52 23.56 -6.21
N HIS B 305 -31.28 22.59 -5.33
CA HIS B 305 -29.93 22.23 -4.89
C HIS B 305 -29.17 23.45 -4.36
N ARG B 306 -29.80 24.17 -3.44
CA ARG B 306 -29.15 25.29 -2.76
C ARG B 306 -29.02 25.06 -1.25
N LEU B 307 -29.26 23.84 -0.78
CA LEU B 307 -29.05 23.49 0.62
C LEU B 307 -29.81 24.44 1.55
N LEU B 308 -31.09 24.68 1.21
CA LEU B 308 -31.90 25.55 2.03
C LEU B 308 -32.17 24.90 3.39
N THR B 309 -32.52 25.74 4.36
CA THR B 309 -32.81 25.29 5.72
C THR B 309 -34.31 25.04 5.88
N SER B 310 -34.67 24.52 7.04
CA SER B 310 -36.07 24.25 7.31
C SER B 310 -36.87 25.55 7.25
N PRO B 311 -38.06 25.54 6.66
CA PRO B 311 -38.80 26.81 6.50
C PRO B 311 -39.32 27.33 7.82
N VAL B 312 -39.59 28.63 7.84
CA VAL B 312 -40.18 29.28 9.01
C VAL B 312 -41.37 30.10 8.55
N LEU B 313 -42.41 30.14 9.38
CA LEU B 313 -43.63 30.88 9.09
C LEU B 313 -43.57 32.23 9.81
N TYR B 314 -43.78 33.31 9.04
CA TYR B 314 -43.68 34.65 9.60
C TYR B 314 -44.67 35.54 8.85
N ASN B 315 -45.70 36.01 9.54
CA ASN B 315 -46.70 36.90 8.94
C ASN B 315 -47.31 36.29 7.69
N GLY B 316 -47.59 35.00 7.74
CA GLY B 316 -48.19 34.33 6.60
C GLY B 316 -47.25 34.17 5.42
N ASN B 317 -45.94 34.27 5.64
CA ASN B 317 -44.94 34.11 4.60
C ASN B 317 -43.95 33.04 5.01
N LEU B 318 -43.40 32.33 4.01
CA LEU B 318 -42.43 31.28 4.26
C LEU B 318 -41.03 31.84 4.04
N VAL B 319 -40.21 31.81 5.08
CA VAL B 319 -38.85 32.31 5.05
C VAL B 319 -37.91 31.11 5.06
N VAL B 320 -36.95 31.10 4.14
CA VAL B 320 -35.96 30.03 4.05
C VAL B 320 -34.60 30.63 3.76
N GLY B 321 -33.58 30.19 4.50
CA GLY B 321 -32.22 30.53 4.19
C GLY B 321 -31.61 29.57 3.18
N ASP B 322 -30.39 29.87 2.75
CA ASP B 322 -29.71 29.04 1.76
C ASP B 322 -28.21 29.05 2.05
N SER B 323 -27.52 28.11 1.41
CA SER B 323 -26.08 27.98 1.63
C SER B 323 -25.33 29.22 1.20
N GLU B 324 -25.72 29.81 0.06
CA GLU B 324 -25.02 30.98 -0.45
C GLU B 324 -25.20 32.21 0.44
N GLY B 325 -26.16 32.18 1.35
CA GLY B 325 -26.37 33.28 2.28
C GLY B 325 -27.57 34.15 1.99
N TYR B 326 -28.43 33.78 1.05
CA TYR B 326 -29.61 34.56 0.69
C TYR B 326 -30.82 34.03 1.43
N LEU B 327 -31.58 34.94 2.03
CA LEU B 327 -32.86 34.63 2.66
C LEU B 327 -33.98 34.95 1.68
N HIS B 328 -34.87 33.99 1.48
CA HIS B 328 -35.98 34.12 0.54
C HIS B 328 -37.30 34.09 1.30
N TRP B 329 -38.14 35.09 1.05
CA TRP B 329 -39.50 35.14 1.55
C TRP B 329 -40.44 34.85 0.39
N ILE B 330 -41.30 33.85 0.56
CA ILE B 330 -42.24 33.44 -0.47
C ILE B 330 -43.65 33.49 0.09
N ASN B 331 -44.62 33.74 -0.78
CA ASN B 331 -46.02 33.80 -0.39
C ASN B 331 -46.55 32.38 -0.21
N VAL B 332 -47.10 32.10 0.97
CA VAL B 332 -47.61 30.76 1.24
C VAL B 332 -48.82 30.44 0.37
N GLU B 333 -49.65 31.43 0.10
CA GLU B 333 -50.91 31.17 -0.59
C GLU B 333 -50.69 30.57 -1.98
N ASP B 334 -49.74 31.12 -2.74
CA ASP B 334 -49.52 30.69 -4.11
C ASP B 334 -48.11 30.16 -4.38
N GLY B 335 -47.17 30.36 -3.45
CA GLY B 335 -45.82 29.87 -3.65
C GLY B 335 -44.92 30.78 -4.48
N ARG B 336 -45.37 31.98 -4.81
CA ARG B 336 -44.56 32.91 -5.59
C ARG B 336 -43.60 33.66 -4.67
N PHE B 337 -42.42 33.96 -5.20
CA PHE B 337 -41.44 34.72 -4.44
C PHE B 337 -41.99 36.08 -4.07
N VAL B 338 -41.66 36.54 -2.87
CA VAL B 338 -42.15 37.83 -2.38
C VAL B 338 -40.96 38.75 -2.10
N ALA B 339 -39.80 38.17 -1.79
CA ALA B 339 -38.64 39.00 -1.50
C ALA B 339 -37.39 38.14 -1.40
N GLN B 340 -36.25 38.75 -1.71
CA GLN B 340 -34.95 38.13 -1.56
C GLN B 340 -34.00 39.12 -0.90
N GLN B 341 -33.18 38.63 0.03
CA GLN B 341 -32.27 39.49 0.78
C GLN B 341 -30.95 38.76 0.98
N LYS B 342 -29.88 39.54 1.12
CA LYS B 342 -28.57 39.02 1.50
C LYS B 342 -28.21 39.56 2.87
N VAL B 343 -27.87 38.65 3.79
CA VAL B 343 -27.64 39.03 5.18
C VAL B 343 -26.21 38.68 5.59
N ASP B 344 -25.63 37.67 4.97
CA ASP B 344 -24.29 37.24 5.34
C ASP B 344 -23.67 36.45 4.19
N SER B 345 -22.38 36.68 3.94
CA SER B 345 -21.68 35.96 2.89
C SER B 345 -21.32 34.54 3.30
N SER B 346 -21.04 34.31 4.60
CA SER B 346 -20.58 33.01 5.03
C SER B 346 -21.62 31.92 4.82
N GLY B 347 -22.89 32.27 4.67
CA GLY B 347 -23.93 31.31 4.37
C GLY B 347 -24.73 30.91 5.59
N PHE B 348 -25.89 30.31 5.34
CA PHE B 348 -26.81 29.86 6.37
C PHE B 348 -26.98 28.36 6.27
N GLN B 349 -26.81 27.65 7.39
CA GLN B 349 -26.92 26.21 7.44
C GLN B 349 -28.00 25.72 8.37
N THR B 350 -28.05 26.22 9.60
CA THR B 350 -28.97 25.74 10.61
C THR B 350 -30.33 26.43 10.48
N GLU B 351 -31.32 25.85 11.14
CA GLU B 351 -32.68 26.33 11.03
C GLU B 351 -32.83 27.68 11.74
N PRO B 352 -33.79 28.51 11.32
CA PRO B 352 -34.05 29.76 12.06
C PRO B 352 -35.13 29.57 13.11
N VAL B 353 -35.43 30.64 13.86
CA VAL B 353 -36.44 30.61 14.91
C VAL B 353 -37.33 31.83 14.77
N ALA B 354 -38.62 31.65 15.04
CA ALA B 354 -39.60 32.74 15.00
C ALA B 354 -40.44 32.67 16.26
N ALA B 355 -40.41 33.74 17.06
CA ALA B 355 -41.18 33.76 18.30
C ALA B 355 -41.38 35.20 18.74
N ASP B 356 -42.57 35.48 19.27
CA ASP B 356 -42.91 36.81 19.77
C ASP B 356 -42.71 37.89 18.70
N GLY B 357 -43.08 37.55 17.46
CA GLY B 357 -42.91 38.48 16.37
C GLY B 357 -41.48 38.79 16.00
N LYS B 358 -40.52 38.01 16.50
CA LYS B 358 -39.10 38.22 16.23
C LYS B 358 -38.56 37.01 15.50
N LEU B 359 -37.82 37.27 14.42
CA LEU B 359 -37.19 36.23 13.61
C LEU B 359 -35.69 36.32 13.81
N LEU B 360 -35.10 35.21 14.27
CA LEU B 360 -33.67 35.13 14.54
C LEU B 360 -33.06 33.99 13.74
N ILE B 361 -31.87 34.24 13.19
CA ILE B 361 -31.17 33.24 12.39
C ILE B 361 -29.69 33.30 12.75
N GLN B 362 -28.99 32.22 12.44
CA GLN B 362 -27.56 32.11 12.69
C GLN B 362 -26.87 31.60 11.43
N ALA B 363 -25.64 32.07 11.22
CA ALA B 363 -24.86 31.73 10.05
C ALA B 363 -23.64 30.89 10.46
N LYS B 364 -22.96 30.34 9.46
CA LYS B 364 -21.81 29.49 9.73
C LYS B 364 -20.71 30.22 10.49
N ASP B 365 -20.67 31.56 10.39
CA ASP B 365 -19.72 32.33 11.18
C ASP B 365 -20.18 32.54 12.61
N GLY B 366 -21.40 32.14 12.95
CA GLY B 366 -21.94 32.31 14.28
C GLY B 366 -22.68 33.62 14.49
N THR B 367 -22.63 34.54 13.54
CA THR B 367 -23.32 35.81 13.69
C THR B 367 -24.82 35.57 13.85
N VAL B 368 -25.42 36.26 14.81
CA VAL B 368 -26.86 36.15 15.09
C VAL B 368 -27.54 37.36 14.46
N TYR B 369 -28.50 37.10 13.58
CA TYR B 369 -29.21 38.15 12.86
C TYR B 369 -30.67 38.15 13.28
N SER B 370 -31.20 39.33 13.60
CA SER B 370 -32.62 39.54 13.87
C SER B 370 -33.21 40.28 12.69
N ILE B 371 -34.19 39.68 12.04
CA ILE B 371 -34.77 40.21 10.81
C ILE B 371 -36.09 40.90 11.16
N THR B 372 -36.20 42.18 10.81
CA THR B 372 -37.43 42.92 11.07
C THR B 372 -38.59 42.36 10.28
N ARG B 373 -38.46 42.36 8.95
CA ARG B 373 -39.51 41.85 8.08
C ARG B 373 -39.12 42.05 6.62
N ARG C 6 8.11 -2.86 -28.16
CA ARG C 6 8.18 -4.02 -27.29
C ARG C 6 8.96 -5.15 -27.95
N TYR C 7 8.28 -5.93 -28.80
CA TYR C 7 8.90 -7.05 -29.49
C TYR C 7 9.54 -8.02 -28.51
N LYS C 8 8.92 -8.17 -27.34
CA LYS C 8 9.41 -9.12 -26.34
C LYS C 8 9.33 -10.55 -26.83
N ARG C 9 8.54 -10.81 -27.88
CA ARG C 9 8.39 -12.15 -28.45
C ARG C 9 8.52 -12.15 -29.96
N GLN C 10 8.92 -11.02 -30.56
CA GLN C 10 9.08 -10.96 -32.01
C GLN C 10 10.17 -11.91 -32.49
N VAL C 11 11.26 -12.05 -31.72
CA VAL C 11 12.33 -12.97 -32.10
C VAL C 11 11.79 -14.38 -32.25
N SER C 12 10.73 -14.71 -31.51
CA SER C 12 10.16 -16.06 -31.60
C SER C 12 9.40 -16.30 -32.88
N GLY C 13 9.12 -15.25 -33.67
CA GLY C 13 8.55 -15.46 -34.99
C GLY C 13 9.42 -16.37 -35.83
N ASP C 14 10.74 -16.20 -35.75
CA ASP C 14 11.71 -17.07 -36.38
C ASP C 14 12.59 -17.67 -35.28
N GLU C 15 12.39 -18.95 -34.98
CA GLU C 15 13.07 -19.61 -33.87
C GLU C 15 14.25 -20.45 -34.34
N ALA C 16 14.00 -21.43 -35.20
CA ALA C 16 15.03 -22.38 -35.61
C ALA C 16 15.44 -23.26 -34.42
N TYR C 17 16.72 -23.23 -34.05
CA TYR C 17 17.24 -23.99 -32.92
C TYR C 17 16.90 -25.47 -33.06
N LEU C 18 17.41 -26.08 -34.12
CA LEU C 18 17.27 -27.51 -34.37
C LEU C 18 18.55 -28.27 -34.06
N GLU C 19 19.52 -27.63 -33.41
CA GLU C 19 20.85 -28.20 -33.22
C GLU C 19 21.07 -28.73 -31.81
N ALA C 20 20.01 -28.93 -31.04
CA ALA C 20 20.15 -29.50 -29.71
C ALA C 20 20.80 -30.88 -29.81
N ALA C 21 21.71 -31.16 -28.87
CA ALA C 21 22.46 -32.41 -28.92
C ALA C 21 21.48 -33.59 -28.83
N PRO C 22 21.62 -34.60 -29.70
CA PRO C 22 20.70 -35.75 -29.63
C PRO C 22 20.78 -36.44 -28.27
N LEU C 23 19.63 -36.92 -27.81
CA LEU C 23 19.56 -37.59 -26.52
C LEU C 23 20.30 -38.93 -26.57
N ALA C 24 20.92 -39.28 -25.46
CA ALA C 24 21.61 -40.56 -25.31
C ALA C 24 21.33 -41.10 -23.91
N GLU C 25 20.99 -42.39 -23.83
CA GLU C 25 20.66 -43.00 -22.56
C GLU C 25 21.91 -43.28 -21.75
N LEU C 26 21.76 -43.24 -20.43
CA LEU C 26 22.88 -43.52 -19.52
C LEU C 26 23.02 -45.03 -19.35
N HIS C 27 24.18 -45.56 -19.71
CA HIS C 27 24.43 -46.98 -19.55
C HIS C 27 24.52 -47.35 -18.08
N ALA C 28 23.95 -48.50 -17.73
CA ALA C 28 23.92 -48.94 -16.35
C ALA C 28 25.10 -49.87 -16.08
N PRO C 29 26.05 -49.51 -15.23
CA PRO C 29 27.14 -50.44 -14.91
C PRO C 29 26.64 -51.64 -14.13
N ALA C 30 27.35 -52.75 -14.28
CA ALA C 30 26.97 -53.97 -13.59
C ALA C 30 27.06 -53.77 -12.08
N GLY C 31 26.08 -54.33 -11.36
CA GLY C 31 26.03 -54.24 -9.92
C GLY C 31 25.05 -53.22 -9.37
N MET C 32 24.48 -52.37 -10.22
CA MET C 32 23.53 -51.37 -9.76
C MET C 32 22.61 -51.00 -10.92
N ILE C 33 21.47 -50.42 -10.57
CA ILE C 33 20.49 -49.94 -11.54
C ILE C 33 20.13 -48.50 -11.20
N LEU C 34 20.13 -47.63 -12.22
CA LEU C 34 19.65 -46.28 -12.01
C LEU C 34 18.14 -46.31 -11.78
N PRO C 35 17.61 -45.34 -11.04
CA PRO C 35 16.19 -45.42 -10.65
C PRO C 35 15.27 -45.40 -11.85
N VAL C 36 14.06 -45.94 -11.64
CA VAL C 36 13.08 -46.00 -12.72
C VAL C 36 12.81 -44.60 -13.26
N THR C 37 12.51 -44.52 -14.56
CA THR C 37 12.33 -43.23 -15.20
C THR C 37 11.00 -42.58 -14.84
N SER C 38 9.95 -43.38 -14.64
CA SER C 38 8.58 -42.99 -14.33
C SER C 38 7.85 -42.46 -15.57
N GLY C 39 8.54 -42.28 -16.70
CA GLY C 39 7.86 -41.98 -17.95
C GLY C 39 7.04 -40.72 -17.96
N ASP C 40 7.24 -39.83 -16.99
CA ASP C 40 6.48 -38.57 -16.98
C ASP C 40 6.84 -37.70 -18.18
N TYR C 41 8.13 -37.57 -18.48
CA TYR C 41 8.60 -36.77 -19.60
C TYR C 41 9.12 -37.62 -20.76
N ALA C 42 8.86 -38.91 -20.75
CA ALA C 42 9.32 -39.77 -21.83
C ALA C 42 8.79 -39.27 -23.18
N ILE C 43 9.68 -39.20 -24.15
CA ILE C 43 9.37 -38.65 -25.47
C ILE C 43 9.05 -39.83 -26.40
N PRO C 44 7.85 -39.92 -26.97
CA PRO C 44 7.55 -41.05 -27.86
C PRO C 44 8.32 -40.94 -29.17
N VAL C 45 8.49 -42.10 -29.80
CA VAL C 45 9.24 -42.21 -31.05
C VAL C 45 8.23 -42.26 -32.19
N THR C 46 8.23 -41.24 -33.04
CA THR C 46 7.38 -41.19 -34.22
C THR C 46 8.06 -40.37 -35.29
N ASN C 47 7.65 -40.61 -36.54
CA ASN C 47 8.18 -39.88 -37.69
C ASN C 47 7.02 -39.26 -38.46
N GLY C 48 7.11 -37.96 -38.71
CA GLY C 48 6.08 -37.24 -39.43
C GLY C 48 6.35 -37.17 -40.92
N SER C 49 5.42 -36.49 -41.61
CA SER C 49 5.46 -36.38 -43.06
C SER C 49 5.98 -35.04 -43.56
N GLY C 50 6.35 -34.12 -42.66
CA GLY C 50 6.77 -32.78 -43.02
C GLY C 50 8.22 -32.51 -42.70
N ALA C 51 8.62 -31.27 -42.98
CA ALA C 51 9.97 -30.80 -42.71
C ALA C 51 10.03 -30.10 -41.36
N VAL C 52 11.26 -29.82 -40.90
CA VAL C 52 11.48 -29.23 -39.59
C VAL C 52 12.27 -27.93 -39.68
N GLY C 53 13.29 -27.86 -40.52
CA GLY C 53 14.21 -26.75 -40.51
C GLY C 53 13.75 -25.52 -41.26
N LYS C 54 12.79 -24.78 -40.68
CA LYS C 54 12.26 -23.53 -41.20
C LYS C 54 11.46 -23.69 -42.49
N ALA C 55 11.38 -24.90 -43.04
CA ALA C 55 10.69 -25.09 -44.32
C ALA C 55 9.21 -25.36 -44.14
N LEU C 56 8.82 -26.13 -43.13
CA LEU C 56 7.42 -26.41 -42.89
C LEU C 56 6.66 -25.11 -42.63
N ASP C 57 5.47 -25.00 -43.21
CA ASP C 57 4.65 -23.81 -43.10
C ASP C 57 3.61 -23.98 -41.98
N ILE C 58 3.29 -22.88 -41.33
CA ILE C 58 2.30 -22.86 -40.26
C ILE C 58 1.04 -22.10 -40.70
N ARG C 59 0.87 -21.87 -41.99
CA ARG C 59 -0.30 -21.18 -42.48
C ARG C 59 -1.55 -22.02 -42.20
N PRO C 60 -2.70 -21.38 -42.04
CA PRO C 60 -3.90 -22.13 -41.66
C PRO C 60 -4.30 -23.08 -42.77
N PRO C 61 -4.92 -24.21 -42.43
CA PRO C 61 -5.32 -25.17 -43.46
C PRO C 61 -6.57 -24.70 -44.20
N ALA C 62 -6.57 -24.90 -45.52
CA ALA C 62 -7.71 -24.52 -46.33
C ALA C 62 -8.92 -25.37 -45.97
N GLN C 63 -10.07 -24.72 -45.84
CA GLN C 63 -11.30 -25.41 -45.48
C GLN C 63 -12.17 -25.65 -46.71
N LYS D 5 -7.99 5.28 -36.02
CA LYS D 5 -7.05 4.26 -35.57
C LYS D 5 -7.76 2.95 -35.26
N GLU D 6 -7.27 1.86 -35.83
CA GLU D 6 -7.85 0.53 -35.63
C GLU D 6 -9.33 0.51 -35.96
N GLU D 7 -9.70 1.20 -37.05
CA GLU D 7 -11.07 1.22 -37.55
C GLU D 7 -11.06 0.69 -38.98
N VAL D 8 -11.87 -0.34 -39.22
CA VAL D 8 -11.93 -0.98 -40.53
C VAL D 8 -13.16 -0.47 -41.27
N PRO D 9 -13.08 -0.20 -42.58
CA PRO D 9 -14.27 0.24 -43.30
C PRO D 9 -15.34 -0.85 -43.33
N ASP D 10 -16.60 -0.41 -43.36
CA ASP D 10 -17.74 -1.32 -43.42
C ASP D 10 -17.87 -1.84 -44.86
N ASN D 11 -17.43 -3.07 -45.09
CA ASN D 11 -17.44 -3.70 -46.40
C ASN D 11 -17.97 -5.12 -46.26
N PRO D 12 -18.35 -5.74 -47.38
CA PRO D 12 -18.86 -7.11 -47.30
C PRO D 12 -17.82 -8.04 -46.73
N PRO D 13 -18.24 -9.10 -46.03
CA PRO D 13 -17.27 -9.96 -45.34
C PRO D 13 -16.24 -10.57 -46.27
N ASN D 14 -16.63 -10.90 -47.50
CA ASN D 14 -15.66 -11.46 -48.44
C ASN D 14 -14.54 -10.46 -48.73
N GLU D 15 -14.88 -9.18 -48.85
CA GLU D 15 -13.85 -8.17 -49.05
C GLU D 15 -12.91 -8.09 -47.85
N ILE D 16 -13.46 -8.20 -46.64
CA ILE D 16 -12.62 -8.19 -45.44
C ILE D 16 -11.66 -9.37 -45.47
N TYR D 17 -12.18 -10.55 -45.82
CA TYR D 17 -11.31 -11.73 -45.92
C TYR D 17 -10.21 -11.52 -46.96
N ALA D 18 -10.56 -10.93 -48.09
CA ALA D 18 -9.57 -10.70 -49.15
C ALA D 18 -8.46 -9.78 -48.68
N THR D 19 -8.83 -8.64 -48.08
CA THR D 19 -7.80 -7.72 -47.60
C THR D 19 -6.97 -8.36 -46.50
N ALA D 20 -7.61 -9.15 -45.64
CA ALA D 20 -6.89 -9.84 -44.58
C ALA D 20 -5.85 -10.79 -45.16
N GLN D 21 -6.25 -11.59 -46.16
CA GLN D 21 -5.30 -12.51 -46.78
C GLN D 21 -4.16 -11.76 -47.44
N GLN D 22 -4.48 -10.66 -48.13
CA GLN D 22 -3.44 -9.89 -48.80
C GLN D 22 -2.44 -9.34 -47.79
N LYS D 23 -2.93 -8.80 -46.68
CA LYS D 23 -2.03 -8.23 -45.68
C LYS D 23 -1.27 -9.33 -44.93
N LEU D 24 -1.87 -10.51 -44.79
CA LEU D 24 -1.15 -11.63 -44.19
C LEU D 24 0.02 -12.06 -45.06
N GLN D 25 -0.21 -12.24 -46.36
CA GLN D 25 0.88 -12.63 -47.25
C GLN D 25 1.89 -11.49 -47.40
N ASP D 26 1.46 -10.25 -47.25
CA ASP D 26 2.38 -9.12 -47.36
C ASP D 26 3.37 -9.10 -46.20
N GLY D 27 2.87 -9.21 -44.98
CA GLY D 27 3.72 -9.22 -43.81
C GLY D 27 3.21 -8.38 -42.66
N ASN D 28 2.41 -7.36 -42.96
CA ASN D 28 1.90 -6.47 -41.92
C ASN D 28 0.83 -7.19 -41.11
N TRP D 29 1.23 -7.73 -39.96
CA TRP D 29 0.35 -8.57 -39.17
C TRP D 29 -0.67 -7.77 -38.38
N ARG D 30 -0.31 -6.57 -37.92
CA ARG D 30 -1.22 -5.78 -37.10
C ARG D 30 -2.50 -5.43 -37.86
N GLN D 31 -2.34 -4.98 -39.10
CA GLN D 31 -3.51 -4.60 -39.90
C GLN D 31 -4.39 -5.82 -40.16
N ALA D 32 -3.77 -6.96 -40.44
CA ALA D 32 -4.55 -8.19 -40.64
C ALA D 32 -5.31 -8.56 -39.38
N ILE D 33 -4.68 -8.39 -38.21
CA ILE D 33 -5.37 -8.68 -36.95
C ILE D 33 -6.58 -7.76 -36.80
N THR D 34 -6.41 -6.46 -37.09
CA THR D 34 -7.53 -5.54 -36.99
C THR D 34 -8.66 -5.95 -37.92
N GLN D 35 -8.34 -6.32 -39.16
CA GLN D 35 -9.37 -6.70 -40.11
C GLN D 35 -10.09 -7.98 -39.66
N LEU D 36 -9.34 -8.97 -39.19
CA LEU D 36 -9.97 -10.20 -38.72
C LEU D 36 -10.86 -9.94 -37.51
N GLU D 37 -10.40 -9.09 -36.58
CA GLU D 37 -11.21 -8.78 -35.41
C GLU D 37 -12.49 -8.07 -35.81
N ALA D 38 -12.39 -7.12 -36.76
CA ALA D 38 -13.60 -6.45 -37.24
C ALA D 38 -14.55 -7.44 -37.89
N LEU D 39 -14.01 -8.36 -38.70
CA LEU D 39 -14.86 -9.36 -39.34
C LEU D 39 -15.55 -10.24 -38.31
N ASP D 40 -14.82 -10.67 -37.29
CA ASP D 40 -15.39 -11.56 -36.29
C ASP D 40 -16.45 -10.87 -35.44
N ASN D 41 -16.18 -9.62 -35.02
CA ASN D 41 -17.12 -8.90 -34.18
C ASN D 41 -18.24 -8.26 -34.98
N ARG D 42 -18.17 -8.27 -36.31
CA ARG D 42 -19.22 -7.71 -37.14
C ARG D 42 -20.24 -8.76 -37.58
N TYR D 43 -19.82 -10.02 -37.71
CA TYR D 43 -20.70 -11.12 -38.10
C TYR D 43 -20.50 -12.25 -37.10
N PRO D 44 -21.10 -12.14 -35.90
CA PRO D 44 -20.98 -13.22 -34.92
C PRO D 44 -21.40 -14.57 -35.49
N PHE D 45 -20.47 -15.52 -35.53
CA PHE D 45 -20.72 -16.85 -36.08
C PHE D 45 -21.23 -16.74 -37.51
N GLY D 46 -20.38 -16.19 -38.37
CA GLY D 46 -20.70 -15.99 -39.76
C GLY D 46 -20.65 -17.27 -40.57
N PRO D 47 -20.80 -17.16 -41.89
CA PRO D 47 -20.81 -18.37 -42.73
C PRO D 47 -19.55 -19.20 -42.61
N TYR D 48 -18.39 -18.57 -42.47
CA TYR D 48 -17.11 -19.26 -42.36
C TYR D 48 -16.36 -18.79 -41.12
N SER D 49 -17.07 -18.73 -39.99
CA SER D 49 -16.46 -18.23 -38.76
C SER D 49 -15.23 -19.04 -38.38
N GLN D 50 -15.19 -20.34 -38.72
CA GLN D 50 -14.05 -21.16 -38.35
C GLN D 50 -12.78 -20.67 -39.04
N GLN D 51 -12.87 -20.34 -40.33
CA GLN D 51 -11.70 -19.81 -41.03
C GLN D 51 -11.26 -18.49 -40.43
N VAL D 52 -12.21 -17.64 -40.04
CA VAL D 52 -11.85 -16.37 -39.41
C VAL D 52 -11.12 -16.63 -38.09
N GLN D 53 -11.59 -17.59 -37.31
CA GLN D 53 -10.93 -17.91 -36.04
C GLN D 53 -9.53 -18.43 -36.26
N LEU D 54 -9.34 -19.31 -37.24
CA LEU D 54 -8.01 -19.83 -37.52
C LEU D 54 -7.07 -18.73 -37.99
N ASP D 55 -7.57 -17.84 -38.86
CA ASP D 55 -6.76 -16.70 -39.29
C ASP D 55 -6.42 -15.80 -38.11
N LEU D 56 -7.36 -15.62 -37.19
CA LEU D 56 -7.09 -14.84 -35.98
C LEU D 56 -5.98 -15.47 -35.17
N ILE D 57 -6.01 -16.79 -35.00
CA ILE D 57 -4.96 -17.47 -34.24
C ILE D 57 -3.61 -17.25 -34.91
N TYR D 58 -3.55 -17.47 -36.23
CA TYR D 58 -2.28 -17.32 -36.94
C TYR D 58 -1.76 -15.89 -36.84
N ALA D 59 -2.64 -14.90 -37.05
CA ALA D 59 -2.22 -13.51 -37.01
C ALA D 59 -1.77 -13.12 -35.61
N TYR D 60 -2.48 -13.58 -34.58
CA TYR D 60 -2.06 -13.29 -33.21
C TYR D 60 -0.69 -13.86 -32.94
N TYR D 61 -0.42 -15.08 -33.42
CA TYR D 61 0.93 -15.64 -33.27
C TYR D 61 1.94 -14.74 -33.97
N LYS D 62 1.69 -14.40 -35.22
CA LYS D 62 2.69 -13.66 -36.00
C LYS D 62 2.99 -12.30 -35.39
N ASN D 63 1.94 -11.58 -34.95
CA ASN D 63 2.14 -10.28 -34.31
C ASN D 63 2.87 -10.43 -32.98
N ALA D 64 2.90 -11.65 -32.42
CA ALA D 64 3.50 -11.91 -31.12
C ALA D 64 2.60 -11.43 -29.98
N ASP D 65 1.30 -11.47 -30.20
CA ASP D 65 0.32 -11.29 -29.12
C ASP D 65 -0.03 -12.65 -28.51
N LEU D 66 0.98 -13.24 -27.88
CA LEU D 66 0.86 -14.62 -27.40
C LEU D 66 -0.29 -14.81 -26.43
N PRO D 67 -0.51 -13.95 -25.42
CA PRO D 67 -1.64 -14.19 -24.52
C PRO D 67 -3.00 -14.15 -25.21
N LEU D 68 -3.21 -13.16 -26.09
CA LEU D 68 -4.45 -13.10 -26.84
C LEU D 68 -4.62 -14.33 -27.71
N ALA D 69 -3.53 -14.79 -28.33
CA ALA D 69 -3.58 -16.06 -29.04
C ALA D 69 -4.07 -17.18 -28.13
N GLN D 70 -3.31 -17.46 -27.06
CA GLN D 70 -3.67 -18.51 -26.11
C GLN D 70 -5.16 -18.46 -25.80
N ALA D 71 -5.68 -17.26 -25.56
CA ALA D 71 -7.12 -17.12 -25.32
C ALA D 71 -7.92 -17.58 -26.53
N ALA D 72 -7.45 -17.25 -27.73
CA ALA D 72 -8.19 -17.62 -28.94
C ALA D 72 -8.24 -19.14 -29.12
N ILE D 73 -7.10 -19.80 -28.94
CA ILE D 73 -7.11 -21.27 -29.05
C ILE D 73 -7.95 -21.88 -27.94
N ASP D 74 -7.92 -21.30 -26.74
CA ASP D 74 -8.78 -21.82 -25.68
C ASP D 74 -10.25 -21.75 -26.08
N ARG D 75 -10.68 -20.58 -26.56
CA ARG D 75 -12.09 -20.44 -26.94
C ARG D 75 -12.44 -21.39 -28.08
N PHE D 76 -11.54 -21.52 -29.06
CA PHE D 76 -11.84 -22.38 -30.20
C PHE D 76 -11.97 -23.84 -29.76
N ILE D 77 -11.00 -24.34 -29.00
CA ILE D 77 -11.04 -25.74 -28.58
C ILE D 77 -12.24 -25.98 -27.68
N ARG D 78 -12.68 -24.95 -26.94
CA ARG D 78 -13.94 -25.08 -26.22
C ARG D 78 -15.11 -25.24 -27.18
N LEU D 79 -15.18 -24.38 -28.19
CA LEU D 79 -16.32 -24.39 -29.11
C LEU D 79 -16.40 -25.69 -29.89
N ASN D 80 -15.40 -25.96 -30.73
CA ASN D 80 -15.39 -27.12 -31.61
C ASN D 80 -14.30 -28.09 -31.17
N PRO D 81 -14.63 -29.21 -30.52
CA PRO D 81 -13.60 -30.18 -30.11
C PRO D 81 -13.31 -31.29 -31.10
N THR D 82 -13.90 -31.24 -32.31
CA THR D 82 -13.69 -32.31 -33.29
C THR D 82 -13.44 -31.76 -34.69
N HIS D 83 -12.96 -30.53 -34.81
CA HIS D 83 -12.72 -29.96 -36.13
C HIS D 83 -11.62 -30.75 -36.83
N PRO D 84 -11.81 -31.20 -38.07
CA PRO D 84 -10.83 -32.09 -38.72
C PRO D 84 -9.38 -31.68 -38.51
N ASN D 85 -9.08 -30.38 -38.63
CA ASN D 85 -7.71 -29.89 -38.52
C ASN D 85 -7.38 -29.38 -37.12
N ILE D 86 -7.99 -29.97 -36.08
CA ILE D 86 -7.67 -29.59 -34.71
C ILE D 86 -6.21 -29.85 -34.38
N ASP D 87 -5.58 -30.79 -35.08
CA ASP D 87 -4.16 -31.05 -34.85
C ASP D 87 -3.33 -29.79 -35.07
N TYR D 88 -3.65 -29.04 -36.12
CA TYR D 88 -3.00 -27.75 -36.33
C TYR D 88 -3.26 -26.82 -35.14
N VAL D 89 -4.45 -26.90 -34.56
CA VAL D 89 -4.78 -26.04 -33.42
C VAL D 89 -3.90 -26.39 -32.22
N MET D 90 -3.70 -27.68 -31.96
CA MET D 90 -2.84 -28.06 -30.84
C MET D 90 -1.38 -27.73 -31.13
N TYR D 91 -0.96 -27.86 -32.38
CA TYR D 91 0.38 -27.42 -32.76
C TYR D 91 0.55 -25.92 -32.50
N MET D 92 -0.48 -25.14 -32.83
CA MET D 92 -0.44 -23.70 -32.57
C MET D 92 -0.36 -23.42 -31.07
N ARG D 93 -1.11 -24.17 -30.27
CA ARG D 93 -1.02 -24.00 -28.81
C ARG D 93 0.40 -24.29 -28.31
N GLY D 94 1.00 -25.37 -28.80
CA GLY D 94 2.37 -25.67 -28.40
C GLY D 94 3.35 -24.59 -28.80
N LEU D 95 3.21 -24.07 -30.03
CA LEU D 95 4.07 -22.97 -30.48
C LEU D 95 3.87 -21.74 -29.61
N THR D 96 2.61 -21.44 -29.25
CA THR D 96 2.34 -20.30 -28.39
C THR D 96 3.06 -20.44 -27.05
N ASN D 97 2.96 -21.62 -26.43
CA ASN D 97 3.63 -21.81 -25.14
C ASN D 97 5.14 -21.71 -25.29
N MET D 98 5.70 -22.35 -26.31
CA MET D 98 7.15 -22.27 -26.52
C MET D 98 7.59 -20.83 -26.70
N ALA D 99 6.80 -20.05 -27.43
CA ALA D 99 7.16 -18.67 -27.67
C ALA D 99 7.11 -17.88 -26.39
N LEU D 100 6.10 -18.14 -25.57
CA LEU D 100 5.95 -17.45 -24.31
C LEU D 100 7.17 -17.73 -23.45
N ASP D 101 7.63 -18.98 -23.46
CA ASP D 101 8.82 -19.33 -22.69
C ASP D 101 9.99 -18.53 -23.20
N ASP D 102 10.07 -18.36 -24.50
CA ASP D 102 11.16 -17.59 -25.09
C ASP D 102 10.86 -16.11 -25.05
N SER D 103 11.07 -15.48 -23.90
CA SER D 103 10.84 -14.05 -23.77
C SER D 103 12.15 -13.34 -23.47
N ALA D 104 12.17 -12.03 -23.61
CA ALA D 104 13.39 -11.27 -23.37
C ALA D 104 13.02 -9.83 -23.02
N LEU D 105 13.46 -9.38 -21.84
CA LEU D 105 13.16 -8.02 -21.41
C LEU D 105 13.80 -7.00 -22.35
N GLN D 106 15.06 -7.23 -22.74
CA GLN D 106 15.79 -6.35 -23.64
C GLN D 106 15.96 -6.95 -25.02
N GLY D 107 16.23 -8.24 -25.09
CA GLY D 107 16.38 -8.91 -26.38
C GLY D 107 17.06 -10.25 -26.21
N PHE D 108 17.08 -11.00 -27.30
CA PHE D 108 17.67 -12.33 -27.34
C PHE D 108 19.10 -12.21 -27.84
N PHE D 109 20.07 -12.39 -26.93
CA PHE D 109 21.48 -12.25 -27.27
C PHE D 109 22.33 -13.36 -26.65
N GLY D 110 21.77 -14.55 -26.49
CA GLY D 110 22.52 -15.69 -26.01
C GLY D 110 22.66 -15.79 -24.50
N VAL D 111 21.84 -15.05 -23.74
CA VAL D 111 21.84 -15.22 -22.30
C VAL D 111 21.39 -16.63 -21.93
N ASP D 112 20.66 -17.30 -22.81
CA ASP D 112 20.21 -18.68 -22.76
C ASP D 112 19.04 -18.90 -21.79
N ARG D 113 18.70 -17.92 -20.94
CA ARG D 113 17.46 -17.93 -20.18
C ARG D 113 17.06 -19.33 -19.71
N SER D 114 18.03 -20.13 -19.27
CA SER D 114 17.75 -21.51 -18.90
C SER D 114 17.39 -21.69 -17.43
N ASP D 115 17.52 -20.64 -16.62
CA ASP D 115 17.20 -20.71 -15.20
C ASP D 115 16.08 -19.74 -14.83
N ARG D 116 15.24 -19.36 -15.79
CA ARG D 116 14.07 -18.56 -15.52
C ARG D 116 12.88 -19.49 -15.31
N ASP D 117 11.67 -18.95 -15.23
CA ASP D 117 10.49 -19.76 -14.96
C ASP D 117 10.26 -20.74 -16.10
N PRO D 118 10.26 -22.05 -15.85
CA PRO D 118 10.05 -23.02 -16.93
C PRO D 118 8.62 -23.51 -17.14
N GLN D 119 7.64 -22.97 -16.42
CA GLN D 119 6.28 -23.47 -16.54
C GLN D 119 5.81 -23.49 -17.98
N HIS D 120 6.18 -22.45 -18.76
CA HIS D 120 5.81 -22.43 -20.17
C HIS D 120 6.43 -23.61 -20.91
N ALA D 121 7.67 -23.96 -20.58
CA ALA D 121 8.31 -25.11 -21.22
C ALA D 121 7.55 -26.39 -20.90
N ARG D 122 7.14 -26.57 -19.64
CA ARG D 122 6.39 -27.78 -19.29
C ARG D 122 5.05 -27.83 -20.03
N ALA D 123 4.35 -26.70 -20.10
CA ALA D 123 3.07 -26.69 -20.81
C ALA D 123 3.26 -27.00 -22.29
N ALA D 124 4.29 -26.42 -22.91
CA ALA D 124 4.55 -26.71 -24.32
C ALA D 124 4.90 -28.18 -24.52
N PHE D 125 5.71 -28.75 -23.61
CA PHE D 125 6.05 -30.16 -23.72
C PHE D 125 4.80 -31.03 -23.63
N SER D 126 3.91 -30.72 -22.68
CA SER D 126 2.68 -31.50 -22.55
C SER D 126 1.84 -31.40 -23.80
N ASP D 127 1.67 -30.19 -24.34
CA ASP D 127 0.85 -30.01 -25.53
C ASP D 127 1.42 -30.76 -26.72
N PHE D 128 2.73 -30.65 -26.94
CA PHE D 128 3.36 -31.35 -28.06
C PHE D 128 3.28 -32.86 -27.89
N SER D 129 3.44 -33.35 -26.66
CA SER D 129 3.32 -34.78 -26.42
C SER D 129 1.92 -35.27 -26.76
N LYS D 130 0.90 -34.53 -26.33
CA LYS D 130 -0.47 -34.91 -26.65
C LYS D 130 -0.70 -34.88 -28.15
N LEU D 131 -0.16 -33.87 -28.83
CA LEU D 131 -0.34 -33.78 -30.28
C LEU D 131 0.29 -34.99 -30.98
N VAL D 132 1.54 -35.30 -30.64
CA VAL D 132 2.23 -36.40 -31.32
C VAL D 132 1.54 -37.72 -31.01
N ARG D 133 1.03 -37.88 -29.79
CA ARG D 133 0.33 -39.11 -29.45
C ARG D 133 -0.98 -39.23 -30.23
N GLY D 134 -1.76 -38.17 -30.29
CA GLY D 134 -3.06 -38.24 -30.93
C GLY D 134 -2.99 -38.46 -32.42
N TYR D 135 -2.08 -37.75 -33.10
CA TYR D 135 -2.02 -37.72 -34.56
C TYR D 135 -0.59 -38.03 -35.00
N PRO D 136 -0.19 -39.30 -34.93
CA PRO D 136 1.19 -39.65 -35.31
C PRO D 136 1.54 -39.32 -36.75
N ASN D 137 0.54 -39.28 -37.65
CA ASN D 137 0.78 -39.07 -39.07
C ASN D 137 0.40 -37.67 -39.52
N SER D 138 0.55 -36.68 -38.64
CA SER D 138 0.28 -35.30 -39.01
C SER D 138 1.48 -34.70 -39.73
N GLN D 139 1.23 -33.57 -40.41
CA GLN D 139 2.30 -32.87 -41.11
C GLN D 139 3.25 -32.17 -40.14
N TYR D 140 2.85 -31.97 -38.88
CA TYR D 140 3.64 -31.23 -37.91
C TYR D 140 4.29 -32.13 -36.87
N THR D 141 4.36 -33.44 -37.12
CA THR D 141 4.86 -34.36 -36.11
C THR D 141 6.37 -34.27 -35.96
N THR D 142 7.10 -34.09 -37.07
CA THR D 142 8.55 -33.98 -36.99
C THR D 142 8.96 -32.78 -36.16
N ASP D 143 8.36 -31.61 -36.43
CA ASP D 143 8.65 -30.42 -35.65
C ASP D 143 8.24 -30.62 -34.20
N ALA D 144 7.13 -31.32 -33.97
CA ALA D 144 6.71 -31.58 -32.60
C ALA D 144 7.75 -32.38 -31.84
N THR D 145 8.30 -33.42 -32.48
CA THR D 145 9.31 -34.25 -31.82
C THR D 145 10.59 -33.45 -31.56
N LYS D 146 11.01 -32.65 -32.54
CA LYS D 146 12.23 -31.87 -32.35
C LYS D 146 12.06 -30.86 -31.21
N ARG D 147 10.91 -30.19 -31.18
CA ARG D 147 10.64 -29.25 -30.10
C ARG D 147 10.53 -29.96 -28.76
N LEU D 148 10.00 -31.18 -28.76
CA LEU D 148 9.97 -31.96 -27.52
C LEU D 148 11.37 -32.22 -27.01
N VAL D 149 12.29 -32.60 -27.90
CA VAL D 149 13.67 -32.83 -27.49
C VAL D 149 14.27 -31.55 -26.93
N PHE D 150 14.05 -30.43 -27.61
CA PHE D 150 14.60 -29.16 -27.14
C PHE D 150 14.05 -28.81 -25.75
N LEU D 151 12.75 -28.98 -25.54
CA LEU D 151 12.15 -28.65 -24.25
C LEU D 151 12.69 -29.56 -23.15
N LYS D 152 12.86 -30.85 -23.45
CA LYS D 152 13.42 -31.76 -22.47
C LYS D 152 14.82 -31.31 -22.07
N ASP D 153 15.64 -30.94 -23.04
CA ASP D 153 16.99 -30.47 -22.73
C ASP D 153 16.94 -29.22 -21.88
N ARG D 154 16.03 -28.29 -22.20
CA ARG D 154 15.94 -27.05 -21.43
C ARG D 154 15.57 -27.34 -19.98
N LEU D 155 14.59 -28.21 -19.75
CA LEU D 155 14.18 -28.53 -18.39
C LEU D 155 15.32 -29.20 -17.62
N ALA D 156 16.04 -30.12 -18.28
CA ALA D 156 17.18 -30.74 -17.62
C ALA D 156 18.23 -29.71 -17.26
N LYS D 157 18.46 -28.73 -18.14
CA LYS D 157 19.42 -27.67 -17.84
C LYS D 157 18.98 -26.86 -16.63
N TYR D 158 17.69 -26.56 -16.53
CA TYR D 158 17.19 -25.83 -15.35
C TYR D 158 17.46 -26.61 -14.07
N GLU D 159 17.16 -27.91 -14.09
CA GLU D 159 17.43 -28.74 -12.91
C GLU D 159 18.91 -28.72 -12.55
N TYR D 160 19.77 -28.85 -13.56
CA TYR D 160 21.21 -28.80 -13.30
C TYR D 160 21.62 -27.46 -12.72
N SER D 161 21.00 -26.37 -13.18
CA SER D 161 21.32 -25.06 -12.63
C SER D 161 20.97 -24.98 -11.15
N VAL D 162 19.79 -25.48 -10.78
CA VAL D 162 19.42 -25.47 -9.36
C VAL D 162 20.40 -26.31 -8.55
N ALA D 163 20.77 -27.48 -9.08
CA ALA D 163 21.74 -28.32 -8.38
C ALA D 163 23.07 -27.58 -8.22
N GLU D 164 23.49 -26.85 -9.24
CA GLU D 164 24.74 -26.10 -9.15
C GLU D 164 24.65 -25.03 -8.06
N TYR D 165 23.52 -24.33 -7.97
CA TYR D 165 23.39 -23.31 -6.94
C TYR D 165 23.47 -23.93 -5.55
N TYR D 166 22.73 -25.02 -5.32
CA TYR D 166 22.77 -25.62 -4.00
C TYR D 166 24.10 -26.29 -3.70
N THR D 167 24.88 -26.64 -4.72
CA THR D 167 26.26 -27.03 -4.48
C THR D 167 27.11 -25.84 -4.07
N GLU D 168 26.84 -24.68 -4.67
CA GLU D 168 27.57 -23.47 -4.29
C GLU D 168 27.32 -23.10 -2.83
N ARG D 169 26.05 -23.13 -2.41
CA ARG D 169 25.73 -22.74 -1.04
C ARG D 169 26.23 -23.78 -0.04
N GLY D 170 25.96 -25.05 -0.30
CA GLY D 170 26.41 -26.11 0.58
C GLY D 170 25.29 -26.90 1.22
N ALA D 171 24.16 -27.00 0.54
CA ALA D 171 23.04 -27.83 1.00
C ALA D 171 23.17 -29.19 0.30
N TRP D 172 24.01 -30.04 0.89
CA TRP D 172 24.39 -31.28 0.21
C TRP D 172 23.20 -32.21 0.01
N VAL D 173 22.33 -32.32 1.01
CA VAL D 173 21.15 -33.17 0.86
C VAL D 173 20.26 -32.64 -0.25
N ALA D 174 20.11 -31.32 -0.33
CA ALA D 174 19.32 -30.72 -1.41
C ALA D 174 19.92 -31.04 -2.77
N VAL D 175 21.25 -30.95 -2.89
CA VAL D 175 21.91 -31.25 -4.15
C VAL D 175 21.67 -32.70 -4.53
N VAL D 176 21.83 -33.61 -3.57
CA VAL D 176 21.64 -35.03 -3.84
C VAL D 176 20.22 -35.28 -4.33
N ASN D 177 19.23 -34.72 -3.62
CA ASN D 177 17.84 -34.96 -3.99
C ASN D 177 17.53 -34.39 -5.36
N ARG D 178 18.02 -33.17 -5.65
CA ARG D 178 17.73 -32.56 -6.95
C ARG D 178 18.36 -33.36 -8.09
N VAL D 179 19.60 -33.80 -7.90
CA VAL D 179 20.26 -34.56 -8.96
C VAL D 179 19.58 -35.92 -9.14
N GLU D 180 19.14 -36.54 -8.04
CA GLU D 180 18.42 -37.80 -8.15
C GLU D 180 17.10 -37.60 -8.89
N GLY D 181 16.40 -36.50 -8.62
CA GLY D 181 15.17 -36.23 -9.33
C GLY D 181 15.39 -36.02 -10.81
N MET D 182 16.41 -35.25 -11.17
CA MET D 182 16.69 -35.02 -12.59
C MET D 182 17.25 -36.26 -13.26
N LEU D 183 17.83 -37.19 -12.48
CA LEU D 183 18.20 -38.50 -13.01
C LEU D 183 16.98 -39.37 -13.26
N ARG D 184 15.97 -39.27 -12.39
CA ARG D 184 14.76 -40.07 -12.57
C ARG D 184 13.94 -39.56 -13.74
N ASP D 185 13.82 -38.24 -13.89
CA ASP D 185 12.89 -37.66 -14.85
C ASP D 185 13.50 -37.32 -16.19
N TYR D 186 14.79 -37.02 -16.25
CA TYR D 186 15.47 -36.68 -17.52
C TYR D 186 16.75 -37.51 -17.65
N PRO D 187 16.63 -38.84 -17.69
CA PRO D 187 17.83 -39.68 -17.83
C PRO D 187 18.57 -39.46 -19.13
N ASP D 188 17.86 -39.21 -20.23
CA ASP D 188 18.50 -39.15 -21.55
C ASP D 188 19.27 -37.86 -21.75
N THR D 189 18.76 -36.74 -21.23
CA THR D 189 19.34 -35.43 -21.47
C THR D 189 20.82 -35.39 -21.10
N GLN D 190 21.56 -34.46 -21.70
CA GLN D 190 22.98 -34.33 -21.41
C GLN D 190 23.25 -33.64 -20.08
N ALA D 191 22.29 -32.88 -19.56
CA ALA D 191 22.50 -32.20 -18.29
C ALA D 191 22.75 -33.20 -17.17
N THR D 192 22.18 -34.40 -17.26
CA THR D 192 22.42 -35.42 -16.24
C THR D 192 23.89 -35.82 -16.20
N ARG D 193 24.52 -35.92 -17.37
CA ARG D 193 25.93 -36.29 -17.41
C ARG D 193 26.79 -35.27 -16.66
N ASP D 194 26.52 -33.98 -16.86
CA ASP D 194 27.26 -32.94 -16.17
C ASP D 194 26.83 -32.77 -14.72
N ALA D 195 25.65 -33.24 -14.36
CA ALA D 195 25.14 -33.09 -13.00
C ALA D 195 25.58 -34.22 -12.07
N LEU D 196 25.81 -35.41 -12.60
CA LEU D 196 26.23 -36.54 -11.77
C LEU D 196 27.46 -36.22 -10.93
N PRO D 197 28.50 -35.57 -11.45
CA PRO D 197 29.65 -35.22 -10.59
C PRO D 197 29.25 -34.40 -9.37
N LEU D 198 28.25 -33.52 -9.51
CA LEU D 198 27.77 -32.78 -8.34
C LEU D 198 27.24 -33.73 -7.28
N MET D 199 26.48 -34.74 -7.69
CA MET D 199 25.94 -35.71 -6.74
C MET D 199 27.06 -36.51 -6.10
N GLU D 200 28.08 -36.89 -6.88
CA GLU D 200 29.22 -37.60 -6.32
C GLU D 200 29.93 -36.75 -5.27
N ASN D 201 30.15 -35.47 -5.58
CA ASN D 201 30.80 -34.57 -4.62
C ASN D 201 29.94 -34.41 -3.37
N ALA D 202 28.63 -34.29 -3.54
CA ALA D 202 27.75 -34.15 -2.39
C ALA D 202 27.83 -35.37 -1.49
N TYR D 203 27.83 -36.57 -2.08
CA TYR D 203 28.00 -37.78 -1.28
C TYR D 203 29.34 -37.79 -0.58
N ARG D 204 30.40 -37.36 -1.27
CA ARG D 204 31.72 -37.32 -0.66
C ARG D 204 31.76 -36.40 0.55
N GLN D 205 31.14 -35.23 0.44
CA GLN D 205 31.27 -34.21 1.47
C GLN D 205 30.50 -34.55 2.75
N MET D 206 29.50 -35.43 2.68
CA MET D 206 28.73 -35.84 3.85
C MET D 206 29.29 -37.09 4.49
N GLN D 207 30.57 -37.39 4.27
CA GLN D 207 31.25 -38.54 4.88
C GLN D 207 30.61 -39.87 4.51
N MET D 208 29.86 -39.91 3.42
CA MET D 208 29.31 -41.15 2.88
C MET D 208 30.12 -41.55 1.66
N ASN D 209 30.62 -42.78 1.64
CA ASN D 209 31.52 -43.24 0.60
C ASN D 209 30.95 -44.32 -0.29
N ALA D 210 30.08 -45.19 0.24
CA ALA D 210 29.50 -46.25 -0.58
C ALA D 210 28.72 -45.66 -1.75
N GLN D 211 27.80 -44.74 -1.46
CA GLN D 211 27.08 -44.07 -2.53
C GLN D 211 28.02 -43.26 -3.40
N ALA D 212 29.06 -42.66 -2.81
CA ALA D 212 30.05 -41.96 -3.60
C ALA D 212 30.73 -42.91 -4.59
N GLU D 213 31.08 -44.11 -4.12
CA GLU D 213 31.68 -45.11 -5.02
C GLU D 213 30.71 -45.50 -6.12
N LYS D 214 29.43 -45.69 -5.78
CA LYS D 214 28.45 -46.06 -6.80
C LYS D 214 28.32 -44.97 -7.86
N VAL D 215 28.27 -43.71 -7.45
CA VAL D 215 28.14 -42.62 -8.41
C VAL D 215 29.41 -42.48 -9.23
N ALA D 216 30.57 -42.73 -8.62
CA ALA D 216 31.82 -42.71 -9.37
C ALA D 216 31.82 -43.79 -10.44
N LYS D 217 31.32 -44.98 -10.09
CA LYS D 217 31.20 -46.05 -11.08
C LYS D 217 30.26 -45.64 -12.20
N ILE D 218 29.14 -45.02 -11.86
CA ILE D 218 28.20 -44.55 -12.87
C ILE D 218 28.89 -43.58 -13.83
N ILE D 219 29.64 -42.63 -13.27
CA ILE D 219 30.34 -41.65 -14.11
C ILE D 219 31.37 -42.35 -14.98
N ALA D 220 32.10 -43.31 -14.42
CA ALA D 220 33.13 -44.01 -15.19
C ALA D 220 32.52 -44.76 -16.36
N ALA D 221 31.37 -45.40 -16.14
CA ALA D 221 30.75 -46.19 -17.20
C ALA D 221 30.41 -45.33 -18.41
N ASN D 222 29.87 -44.15 -18.19
CA ASN D 222 29.44 -43.25 -19.26
C ASN D 222 30.40 -42.06 -19.32
N SER D 223 31.14 -41.96 -20.43
CA SER D 223 32.09 -40.87 -20.61
C SER D 223 32.76 -40.97 -21.98
N VAL E 8 24.93 -10.99 8.25
CA VAL E 8 25.27 -12.08 9.16
C VAL E 8 26.15 -13.10 8.44
N TYR E 9 26.78 -12.68 7.35
CA TYR E 9 27.59 -13.58 6.55
C TYR E 9 26.71 -14.71 6.03
N ARG E 10 26.75 -15.89 6.69
CA ARG E 10 25.93 -17.01 6.27
C ARG E 10 24.86 -17.32 7.32
N PRO E 11 23.69 -17.79 6.91
CA PRO E 11 22.67 -18.19 7.88
C PRO E 11 22.94 -19.57 8.45
N ASP E 12 22.03 -20.07 9.29
CA ASP E 12 22.17 -21.40 9.85
C ASP E 12 21.64 -22.41 8.83
N ILE E 13 22.53 -23.22 8.28
CA ILE E 13 22.19 -24.17 7.22
C ILE E 13 21.89 -25.51 7.87
N ASN E 14 20.68 -26.01 7.67
CA ASN E 14 20.25 -27.32 8.15
C ASN E 14 19.98 -28.23 6.99
N GLN E 15 20.29 -29.51 7.15
CA GLN E 15 20.05 -30.51 6.12
C GLN E 15 19.67 -31.83 6.78
N GLY E 16 18.94 -32.66 6.03
CA GLY E 16 18.61 -34.00 6.46
C GLY E 16 17.49 -34.03 7.48
N ASN E 17 17.19 -35.26 7.91
CA ASN E 17 16.15 -35.47 8.90
C ASN E 17 16.61 -34.98 10.27
N TYR E 18 15.65 -34.82 11.18
CA TYR E 18 15.92 -34.38 12.55
C TYR E 18 15.84 -35.58 13.48
N LEU E 19 17.00 -36.05 13.95
CA LEU E 19 17.08 -37.12 14.94
C LEU E 19 17.29 -36.48 16.30
N THR E 20 16.27 -36.56 17.16
CA THR E 20 16.27 -35.85 18.43
C THR E 20 17.27 -36.42 19.43
N ALA E 21 18.00 -37.47 19.09
CA ALA E 21 18.93 -38.19 19.95
C ALA E 21 18.19 -39.07 20.95
N ASN E 22 16.85 -39.04 20.97
CA ASN E 22 16.05 -39.90 21.83
C ASN E 22 15.24 -40.91 21.04
N ASP E 23 14.46 -40.45 20.06
CA ASP E 23 13.71 -41.38 19.22
C ASP E 23 14.64 -42.30 18.44
N VAL E 24 15.89 -41.90 18.22
CA VAL E 24 16.85 -42.78 17.57
C VAL E 24 17.03 -44.06 18.38
N SER E 25 17.01 -43.94 19.71
CA SER E 25 17.05 -45.11 20.57
C SER E 25 15.72 -45.86 20.57
N LYS E 26 14.63 -45.21 20.17
CA LYS E 26 13.33 -45.87 20.13
C LYS E 26 13.31 -47.00 19.11
N ILE E 27 14.03 -46.84 18.00
CA ILE E 27 14.02 -47.87 16.96
C ILE E 27 14.72 -49.12 17.47
N ARG E 28 14.49 -50.23 16.76
CA ARG E 28 15.10 -51.50 17.09
C ARG E 28 15.02 -52.40 15.88
N VAL E 29 15.72 -53.53 15.95
CA VAL E 29 15.75 -54.48 14.84
C VAL E 29 14.44 -55.28 14.84
N GLY E 30 13.79 -55.35 13.67
CA GLY E 30 12.59 -56.14 13.50
C GLY E 30 11.33 -55.35 13.19
N MET E 31 11.42 -54.01 13.10
CA MET E 31 10.25 -53.20 12.81
C MET E 31 10.07 -53.07 11.31
N THR E 32 8.80 -53.03 10.88
CA THR E 32 8.48 -52.86 9.48
C THR E 32 8.67 -51.41 9.04
N GLN E 33 8.78 -51.21 7.73
CA GLN E 33 9.06 -49.88 7.20
C GLN E 33 8.07 -48.85 7.73
N GLN E 34 6.79 -49.19 7.77
CA GLN E 34 5.79 -48.25 8.26
C GLN E 34 6.09 -47.84 9.71
N GLN E 35 6.46 -48.81 10.54
CA GLN E 35 6.75 -48.50 11.94
C GLN E 35 7.95 -47.56 12.07
N VAL E 36 9.01 -47.81 11.29
CA VAL E 36 10.18 -46.95 11.35
C VAL E 36 9.84 -45.55 10.87
N ALA E 37 9.08 -45.44 9.78
CA ALA E 37 8.66 -44.12 9.31
C ALA E 37 7.84 -43.41 10.37
N TYR E 38 6.96 -44.14 11.06
CA TYR E 38 6.18 -43.55 12.14
C TYR E 38 7.08 -43.04 13.26
N ALA E 39 8.10 -43.83 13.64
CA ALA E 39 8.95 -43.45 14.75
C ALA E 39 9.75 -42.19 14.46
N LEU E 40 10.41 -42.15 13.30
CA LEU E 40 11.28 -41.05 12.92
C LEU E 40 10.66 -40.15 11.87
N GLY E 41 10.17 -40.71 10.77
CA GLY E 41 9.65 -39.93 9.68
C GLY E 41 10.24 -40.36 8.35
N THR E 42 9.60 -40.00 7.25
CA THR E 42 10.08 -40.39 5.94
C THR E 42 11.47 -39.78 5.70
N PRO E 43 12.46 -40.58 5.33
CA PRO E 43 13.81 -40.03 5.12
C PRO E 43 13.81 -39.02 3.99
N LEU E 44 14.62 -37.96 4.16
CA LEU E 44 14.74 -36.95 3.12
C LEU E 44 15.46 -37.50 1.89
N MET E 45 16.46 -38.35 2.11
CA MET E 45 17.21 -38.97 1.03
C MET E 45 17.25 -40.48 1.25
N SER E 46 17.50 -41.20 0.15
CA SER E 46 17.56 -42.65 0.19
C SER E 46 18.45 -43.13 -0.95
N ASP E 47 18.86 -44.39 -0.85
CA ASP E 47 19.68 -44.99 -1.90
C ASP E 47 18.78 -45.37 -3.07
N PRO E 48 18.98 -44.81 -4.26
CA PRO E 48 18.14 -45.17 -5.41
C PRO E 48 18.66 -46.33 -6.24
N PHE E 49 19.88 -46.79 -5.99
CA PHE E 49 20.52 -47.81 -6.84
C PHE E 49 20.14 -49.22 -6.38
N GLY E 50 18.84 -49.49 -6.44
CA GLY E 50 18.32 -50.82 -6.18
C GLY E 50 18.80 -51.46 -4.90
N THR E 51 18.52 -50.83 -3.76
CA THR E 51 18.86 -51.39 -2.47
C THR E 51 18.07 -50.65 -1.40
N ASN E 52 17.35 -51.40 -0.58
CA ASN E 52 16.52 -50.79 0.46
C ASN E 52 17.39 -50.25 1.60
N THR E 53 17.77 -48.98 1.51
CA THR E 53 18.59 -48.33 2.52
C THR E 53 18.07 -46.91 2.72
N TRP E 54 17.95 -46.51 3.99
CA TRP E 54 17.54 -45.17 4.35
C TRP E 54 18.68 -44.48 5.09
N PHE E 55 18.88 -43.20 4.79
CA PHE E 55 19.91 -42.39 5.44
C PHE E 55 19.24 -41.24 6.17
N TYR E 56 19.21 -41.32 7.50
CA TYR E 56 18.67 -40.25 8.33
C TYR E 56 19.80 -39.30 8.75
N VAL E 57 20.47 -38.74 7.74
CA VAL E 57 21.55 -37.79 8.02
C VAL E 57 20.97 -36.60 8.78
N PHE E 58 21.72 -36.11 9.76
CA PHE E 58 21.28 -35.00 10.59
C PHE E 58 22.31 -33.89 10.54
N ARG E 59 22.76 -33.54 9.34
CA ARG E 59 23.74 -32.48 9.20
C ARG E 59 23.16 -31.16 9.70
N GLN E 60 24.02 -30.35 10.31
CA GLN E 60 23.58 -29.10 10.91
C GLN E 60 24.78 -28.18 11.04
N GLN E 61 24.57 -26.89 10.76
CA GLN E 61 25.63 -25.90 10.82
C GLN E 61 25.07 -24.62 11.43
N PRO E 62 25.41 -24.27 12.69
CA PRO E 62 24.93 -23.02 13.29
C PRO E 62 25.71 -21.78 12.82
N GLY E 63 25.86 -21.66 11.51
CA GLY E 63 26.59 -20.53 10.94
C GLY E 63 28.08 -20.82 10.83
N HIS E 64 28.88 -20.08 11.59
CA HIS E 64 30.33 -20.20 11.56
C HIS E 64 30.85 -21.17 12.62
N GLU E 65 29.97 -21.78 13.41
CA GLU E 65 30.43 -22.64 14.49
C GLU E 65 31.16 -23.87 13.96
N GLY E 66 30.62 -24.50 12.92
CA GLY E 66 31.20 -25.72 12.38
C GLY E 66 30.15 -26.78 12.13
N VAL E 67 30.29 -27.52 11.03
CA VAL E 67 29.29 -28.51 10.66
C VAL E 67 29.36 -29.69 11.61
N THR E 68 28.20 -30.09 12.13
CA THR E 68 28.08 -31.27 12.98
C THR E 68 27.00 -32.16 12.41
N GLN E 69 27.31 -33.45 12.26
CA GLN E 69 26.42 -34.41 11.60
C GLN E 69 26.35 -35.69 12.40
N GLN E 70 25.20 -36.36 12.32
CA GLN E 70 24.96 -37.63 12.98
C GLN E 70 24.33 -38.56 11.94
N THR E 71 25.16 -39.30 11.22
CA THR E 71 24.66 -40.21 10.20
C THR E 71 24.00 -41.41 10.85
N LEU E 72 22.87 -41.84 10.29
CA LEU E 72 22.11 -43.00 10.78
C LEU E 72 21.70 -43.84 9.57
N THR E 73 22.53 -44.83 9.25
CA THR E 73 22.23 -45.76 8.17
C THR E 73 21.26 -46.82 8.69
N LEU E 74 20.07 -46.86 8.11
CA LEU E 74 19.03 -47.82 8.46
C LEU E 74 18.81 -48.68 7.22
N THR E 75 19.44 -49.84 7.18
CA THR E 75 19.34 -50.74 6.03
C THR E 75 18.16 -51.68 6.22
N PHE E 76 17.31 -51.76 5.19
CA PHE E 76 16.14 -52.62 5.20
C PHE E 76 16.43 -53.87 4.39
N ASN E 77 16.13 -55.03 4.95
CA ASN E 77 16.38 -56.28 4.26
C ASN E 77 15.43 -56.41 3.06
N SER E 78 15.63 -57.47 2.28
CA SER E 78 14.78 -57.71 1.12
C SER E 78 13.33 -57.99 1.51
N SER E 79 13.08 -58.32 2.78
CA SER E 79 11.74 -58.62 3.26
C SER E 79 11.04 -57.39 3.84
N GLY E 80 11.56 -56.20 3.59
CA GLY E 80 10.92 -54.99 4.08
C GLY E 80 11.05 -54.76 5.57
N VAL E 81 12.08 -55.33 6.21
CA VAL E 81 12.31 -55.17 7.63
C VAL E 81 13.76 -54.78 7.86
N LEU E 82 14.02 -54.21 9.03
CA LEU E 82 15.37 -53.76 9.36
C LEU E 82 16.30 -54.96 9.50
N THR E 83 17.53 -54.79 9.04
CA THR E 83 18.56 -55.82 9.16
C THR E 83 19.73 -55.40 10.04
N ASN E 84 20.12 -54.13 10.01
CA ASN E 84 21.25 -53.67 10.81
C ASN E 84 21.17 -52.16 10.95
N ILE E 85 21.09 -51.67 12.18
CA ILE E 85 21.18 -50.23 12.44
C ILE E 85 22.65 -49.87 12.58
N ASP E 86 23.08 -48.82 11.88
CA ASP E 86 24.40 -48.26 12.06
C ASP E 86 24.27 -46.75 12.20
N ASN E 87 25.13 -46.15 13.01
CA ASN E 87 25.04 -44.70 13.18
C ASN E 87 26.31 -44.19 13.82
N LYS E 88 26.72 -43.00 13.41
CA LYS E 88 27.83 -42.30 14.04
C LYS E 88 27.43 -40.84 14.30
N PRO E 89 27.75 -40.30 15.47
CA PRO E 89 27.37 -38.92 15.77
C PRO E 89 28.41 -37.86 15.41
N ALA E 90 29.58 -38.26 14.92
CA ALA E 90 30.65 -37.33 14.58
C ALA E 90 31.06 -37.53 13.12
N LEU E 91 31.54 -36.45 12.51
CA LEU E 91 31.92 -36.52 11.10
C LEU E 91 33.06 -37.51 10.88
N SER E 92 34.06 -37.50 11.76
CA SER E 92 35.20 -38.39 11.62
C SER E 92 35.96 -38.11 10.33
N TRP F 1 11.90 19.16 -3.94
CA TRP F 1 11.11 18.23 -4.72
C TRP F 1 12.00 17.18 -5.38
N ASN F 2 11.46 16.00 -5.60
CA ASN F 2 12.19 14.91 -6.24
C ASN F 2 11.24 14.00 -7.02
N THR F 4 10.71 10.99 -9.44
CA THR F 4 11.06 9.68 -10.02
C THR F 4 9.96 9.16 -10.93
N LYS F 5 10.35 8.50 -12.02
CA LYS F 5 9.41 7.90 -12.96
C LYS F 5 9.98 6.53 -13.36
N ARG F 6 9.38 5.48 -12.84
CA ARG F 6 9.85 4.12 -13.13
C ARG F 6 9.44 3.70 -14.53
N PHE F 7 10.32 3.91 -15.50
CA PHE F 7 10.04 3.54 -16.89
C PHE F 7 10.15 2.03 -17.07
#